data_4BGV
#
_entry.id   4BGV
#
_cell.length_a   81.167
_cell.length_b   81.167
_cell.length_c   395.990
_cell.angle_alpha   90.00
_cell.angle_beta   90.00
_cell.angle_gamma   90.00
#
_symmetry.space_group_name_H-M   'P 41 21 2'
#
loop_
_entity.id
_entity.type
_entity.pdbx_description
1 polymer 'MALATE DEHYDROGENASE'
2 non-polymer DI(HYDROXYETHYL)ETHER
3 non-polymer 'CITRIC ACID'
4 non-polymer 1-(2-METHOXY-ETHOXY)-2-{2-[2-(2-METHOXY-ETHOXY]-ETHOXY}-ETHANE
5 water water
#
_entity_poly.entity_id   1
_entity_poly.type   'polypeptide(L)'
_entity_poly.pdbx_seq_one_letter_code
;ARSKISVIGAGAVGATVAQTLAIRQTGDIYIFDIVDGLAEGKALDILEGAPHWGYDLDIKGFCTADESKYAEMKGSDVIV
VTAGLARKPGMSRDDLLLKNIGIMKSVGEAIKKYSPESKIVVVTNPADIMAYAIYKASGISPERIIGLGGSLDSTRFRTF
LAQELNVSFEDVNAFVIGGHGDDMVPFIRYSNVSGIPIEDLLPREKIDEIVKRTRFGGGEIVNLYKTGSAFYAPGISIAV
MVESIVNDRKRVIPCAAYITGEHSKTYLVNNLFIGVPIKIGKNGVEKIYDLKFNEDELEAWKKSVESVKKNSAIADDYFA
KNQ
;
_entity_poly.pdbx_strand_id   A,B,C,D
#
loop_
_chem_comp.id
_chem_comp.type
_chem_comp.name
_chem_comp.formula
CIT non-polymer 'CITRIC ACID' 'C6 H8 O7'
PEG non-polymer DI(HYDROXYETHYL)ETHER 'C4 H10 O3'
PG6 non-polymer 1-(2-METHOXY-ETHOXY)-2-{2-[2-(2-METHOXY-ETHOXY]-ETHOXY}-ETHANE 'C12 H26 O6'
#
# COMPACT_ATOMS: atom_id res chain seq x y z
N ALA A 1 20.01 -9.68 1.68
CA ALA A 1 19.10 -9.28 0.62
C ALA A 1 18.34 -8.01 0.97
N ARG A 2 18.05 -7.82 2.25
CA ARG A 2 17.30 -6.65 2.70
C ARG A 2 18.25 -5.66 3.37
N SER A 3 17.90 -4.39 3.33
CA SER A 3 18.63 -3.39 4.10
C SER A 3 18.29 -3.54 5.56
N LYS A 4 19.16 -3.00 6.40
CA LYS A 4 19.03 -3.11 7.83
C LYS A 4 19.00 -1.70 8.43
N ILE A 5 18.03 -1.45 9.28
CA ILE A 5 17.93 -0.17 9.96
C ILE A 5 17.99 -0.43 11.45
N SER A 6 18.85 0.29 12.15
CA SER A 6 18.90 0.23 13.60
C SER A 6 18.21 1.48 14.13
N VAL A 7 17.37 1.29 15.15
CA VAL A 7 16.72 2.39 15.85
C VAL A 7 17.17 2.43 17.31
N ILE A 8 17.88 3.49 17.68
CA ILE A 8 18.37 3.64 19.04
C ILE A 8 17.31 4.41 19.84
N GLY A 9 16.74 3.75 20.84
CA GLY A 9 15.63 4.31 21.62
C GLY A 9 14.36 3.54 21.29
N ALA A 10 13.76 2.94 22.31
CA ALA A 10 12.54 2.15 22.11
C ALA A 10 11.34 2.74 22.83
N GLY A 11 11.39 4.04 23.11
CA GLY A 11 10.24 4.76 23.64
C GLY A 11 9.22 5.00 22.54
N ALA A 12 8.28 5.90 22.79
CA ALA A 12 7.19 6.13 21.82
C ALA A 12 7.71 6.48 20.42
N VAL A 13 8.67 7.39 20.34
CA VAL A 13 9.12 7.79 19.00
C VAL A 13 9.87 6.65 18.30
N GLY A 14 10.84 6.05 18.98
CA GLY A 14 11.64 5.01 18.35
C GLY A 14 10.80 3.81 17.94
N ALA A 15 9.90 3.39 18.80
CA ALA A 15 9.07 2.23 18.46
C ALA A 15 8.09 2.54 17.33
N THR A 16 7.58 3.77 17.29
CA THR A 16 6.69 4.17 16.19
C THR A 16 7.47 4.14 14.88
N VAL A 17 8.70 4.63 14.92
CA VAL A 17 9.56 4.56 13.74
C VAL A 17 9.68 3.11 13.29
N ALA A 18 9.96 2.21 14.25
CA ALA A 18 10.14 0.80 13.92
C ALA A 18 8.87 0.21 13.30
N GLN A 19 7.73 0.50 13.91
CA GLN A 19 6.46 -0.03 13.37
C GLN A 19 6.17 0.55 12.00
N THR A 20 6.53 1.82 11.81
CA THR A 20 6.32 2.50 10.53
C THR A 20 7.20 1.91 9.42
N LEU A 21 8.49 1.72 9.73
CA LEU A 21 9.40 1.08 8.78
C LEU A 21 8.92 -0.31 8.40
N ALA A 22 8.36 -1.04 9.37
CA ALA A 22 7.87 -2.40 9.08
C ALA A 22 6.68 -2.37 8.13
N ILE A 23 5.70 -1.51 8.45
CA ILE A 23 4.54 -1.34 7.57
C ILE A 23 4.94 -0.96 6.13
N ARG A 24 5.90 -0.05 5.99
CA ARG A 24 6.36 0.40 4.69
C ARG A 24 7.42 -0.53 4.12
N GLN A 25 7.68 -1.62 4.85
CA GLN A 25 8.59 -2.68 4.38
C GLN A 25 9.98 -2.17 3.99
N THR A 26 10.50 -1.24 4.81
CA THR A 26 11.74 -0.57 4.47
C THR A 26 12.95 -1.49 4.54
N GLY A 27 12.97 -2.38 5.54
CA GLY A 27 14.09 -3.30 5.69
C GLY A 27 13.99 -3.98 7.04
N ASP A 28 14.97 -4.80 7.38
CA ASP A 28 15.02 -5.39 8.72
C ASP A 28 15.25 -4.30 9.74
N ILE A 29 14.71 -4.47 10.93
CA ILE A 29 14.74 -3.41 11.92
C ILE A 29 15.25 -3.94 13.24
N TYR A 30 16.37 -3.40 13.72
CA TYR A 30 16.91 -3.73 15.03
C TYR A 30 16.73 -2.56 16.00
N ILE A 31 16.11 -2.82 17.15
CA ILE A 31 15.78 -1.74 18.09
C ILE A 31 16.68 -1.88 19.32
N PHE A 32 17.14 -0.74 19.85
CA PHE A 32 18.03 -0.72 21.00
C PHE A 32 17.53 0.23 22.08
N ASP A 33 17.65 -0.19 23.34
CA ASP A 33 17.28 0.66 24.47
C ASP A 33 17.99 0.19 25.73
N ILE A 34 18.39 1.16 26.55
CA ILE A 34 19.11 0.88 27.78
C ILE A 34 18.21 0.25 28.85
N VAL A 35 16.90 0.40 28.70
CA VAL A 35 15.95 -0.17 29.66
C VAL A 35 15.72 -1.65 29.38
N ASP A 36 16.01 -2.51 30.35
CA ASP A 36 15.92 -3.95 30.15
C ASP A 36 14.51 -4.39 29.74
N GLY A 37 14.43 -5.14 28.66
CA GLY A 37 13.17 -5.68 28.16
C GLY A 37 12.43 -4.81 27.16
N LEU A 38 12.67 -3.50 27.17
CA LEU A 38 11.83 -2.57 26.41
C LEU A 38 11.97 -2.74 24.90
N ALA A 39 13.20 -2.71 24.40
CA ALA A 39 13.39 -2.87 22.97
C ALA A 39 12.98 -4.26 22.48
N GLU A 40 13.32 -5.29 23.25
CA GLU A 40 12.89 -6.66 22.91
C GLU A 40 11.34 -6.75 22.88
N GLY A 41 10.69 -6.11 23.84
CA GLY A 41 9.24 -6.12 23.90
C GLY A 41 8.61 -5.38 22.72
N LYS A 42 9.13 -4.20 22.41
CA LYS A 42 8.58 -3.42 21.28
C LYS A 42 8.77 -4.19 19.97
N ALA A 43 9.96 -4.76 19.79
CA ALA A 43 10.25 -5.55 18.58
C ALA A 43 9.31 -6.75 18.44
N LEU A 44 9.08 -7.46 19.54
CA LEU A 44 8.25 -8.65 19.47
C LEU A 44 6.78 -8.30 19.19
N ASP A 45 6.31 -7.23 19.81
CA ASP A 45 4.92 -6.79 19.65
C ASP A 45 4.73 -6.37 18.20
N ILE A 46 5.72 -5.66 17.66
CA ILE A 46 5.67 -5.25 16.26
C ILE A 46 5.74 -6.48 15.35
N LEU A 47 6.69 -7.37 15.61
CA LEU A 47 6.84 -8.57 14.78
C LEU A 47 5.58 -9.44 14.78
N GLU A 48 4.92 -9.55 15.93
CA GLU A 48 3.74 -10.41 16.02
C GLU A 48 2.55 -9.94 15.16
N GLY A 49 2.61 -8.72 14.65
CA GLY A 49 1.58 -8.21 13.76
C GLY A 49 1.89 -8.51 12.30
N ALA A 50 3.10 -8.99 12.03
CA ALA A 50 3.50 -9.34 10.65
C ALA A 50 2.52 -10.23 9.85
N PRO A 51 1.98 -11.29 10.47
CA PRO A 51 1.04 -12.10 9.68
C PRO A 51 -0.18 -11.31 9.16
N HIS A 52 -0.66 -10.33 9.91
CA HIS A 52 -1.80 -9.54 9.44
C HIS A 52 -1.35 -8.46 8.47
N TRP A 53 -0.26 -7.76 8.80
CA TRP A 53 0.20 -6.64 7.97
C TRP A 53 0.81 -7.13 6.66
N GLY A 54 1.54 -8.24 6.72
CA GLY A 54 2.19 -8.77 5.53
C GLY A 54 3.68 -8.52 5.40
N TYR A 55 4.34 -7.89 6.37
CA TYR A 55 5.78 -7.66 6.25
C TYR A 55 6.65 -8.85 6.62
N ASP A 56 7.49 -9.29 5.68
CA ASP A 56 8.39 -10.40 5.93
C ASP A 56 9.78 -9.84 6.24
N LEU A 57 9.93 -9.46 7.51
CA LEU A 57 11.14 -8.79 7.98
C LEU A 57 11.62 -9.40 9.29
N ASP A 58 12.90 -9.18 9.57
CA ASP A 58 13.49 -9.59 10.82
C ASP A 58 13.40 -8.35 11.69
N ILE A 59 12.75 -8.47 12.83
CA ILE A 59 12.59 -7.33 13.72
C ILE A 59 13.03 -7.79 15.11
N LYS A 60 14.11 -7.18 15.63
CA LYS A 60 14.72 -7.66 16.87
C LYS A 60 14.96 -6.51 17.84
N GLY A 61 15.00 -6.80 19.13
CA GLY A 61 15.30 -5.77 20.13
C GLY A 61 16.39 -6.19 21.09
N PHE A 62 17.19 -5.22 21.56
CA PHE A 62 18.35 -5.52 22.40
C PHE A 62 18.47 -4.53 23.54
N CYS A 63 18.97 -4.98 24.69
CA CYS A 63 19.20 -4.10 25.82
C CYS A 63 20.64 -3.59 25.80
N THR A 64 20.80 -2.27 25.83
CA THR A 64 22.14 -1.68 25.77
C THR A 64 22.67 -1.21 27.13
N ALA A 65 22.08 -1.73 28.21
CA ALA A 65 22.64 -1.53 29.54
C ALA A 65 24.14 -1.85 29.53
N ASP A 66 24.49 -2.92 28.81
CA ASP A 66 25.88 -3.14 28.44
C ASP A 66 26.06 -2.70 26.99
N GLU A 67 27.04 -1.84 26.76
CA GLU A 67 27.25 -1.29 25.43
C GLU A 67 27.69 -2.32 24.38
N SER A 68 28.18 -3.47 24.83
CA SER A 68 28.59 -4.51 23.89
C SER A 68 27.44 -4.93 22.95
N LYS A 69 26.20 -4.78 23.42
CA LYS A 69 25.03 -5.09 22.59
C LYS A 69 24.92 -4.23 21.34
N TYR A 70 25.53 -3.05 21.34
CA TYR A 70 25.51 -2.21 20.13
C TYR A 70 26.22 -2.89 18.96
N ALA A 71 26.97 -3.95 19.23
CA ALA A 71 27.59 -4.74 18.16
C ALA A 71 26.56 -5.24 17.15
N GLU A 72 25.32 -5.44 17.61
CA GLU A 72 24.22 -5.85 16.76
C GLU A 72 23.80 -4.82 15.68
N MET A 73 24.35 -3.61 15.74
CA MET A 73 24.09 -2.62 14.70
C MET A 73 24.92 -2.87 13.43
N LYS A 74 25.92 -3.75 13.53
CA LYS A 74 26.81 -4.01 12.40
CA LYS A 74 26.81 -4.02 12.40
C LYS A 74 26.05 -4.20 11.09
N GLY A 75 26.50 -3.49 10.06
CA GLY A 75 25.91 -3.61 8.73
C GLY A 75 24.61 -2.85 8.53
N SER A 76 24.28 -1.96 9.47
CA SER A 76 23.09 -1.13 9.32
C SER A 76 23.29 -0.11 8.20
N ASP A 77 22.34 0.01 7.29
CA ASP A 77 22.44 1.03 6.25
CA ASP A 77 22.40 1.03 6.25
C ASP A 77 22.13 2.39 6.87
N VAL A 78 21.15 2.42 7.78
CA VAL A 78 20.75 3.63 8.47
C VAL A 78 20.61 3.34 9.95
N ILE A 79 21.07 4.28 10.78
CA ILE A 79 20.81 4.25 12.22
C ILE A 79 19.99 5.50 12.57
N VAL A 80 18.89 5.29 13.27
CA VAL A 80 18.01 6.38 13.68
C VAL A 80 18.25 6.62 15.17
N VAL A 81 18.68 7.83 15.52
CA VAL A 81 18.96 8.14 16.92
C VAL A 81 17.79 8.86 17.58
N THR A 82 17.08 8.17 18.48
CA THR A 82 15.96 8.77 19.19
C THR A 82 16.19 8.72 20.69
N ALA A 83 17.43 8.45 21.10
CA ALA A 83 17.77 8.38 22.50
C ALA A 83 17.85 9.80 23.04
N GLY A 84 17.63 9.99 24.32
CA GLY A 84 17.67 11.32 24.87
C GLY A 84 16.48 11.60 25.76
N LEU A 85 16.54 12.70 26.48
CA LEU A 85 15.60 12.96 27.55
C LEU A 85 14.75 14.20 27.28
N ALA A 86 13.75 14.42 28.14
CA ALA A 86 12.96 15.65 28.17
C ALA A 86 12.53 15.92 29.61
N ARG A 87 13.33 16.68 30.34
CA ARG A 87 13.15 16.84 31.78
C ARG A 87 11.90 17.64 32.17
N LYS A 88 11.41 18.46 31.24
CA LYS A 88 10.30 19.39 31.50
C LYS A 88 10.74 20.47 32.49
N PRO A 89 9.88 21.50 32.73
CA PRO A 89 10.21 22.51 33.75
C PRO A 89 10.70 21.97 35.09
N GLY A 90 11.94 21.51 35.12
CA GLY A 90 12.63 21.13 36.34
C GLY A 90 14.02 21.72 36.26
N MET A 91 14.72 21.36 35.19
CA MET A 91 15.93 22.05 34.77
C MET A 91 15.63 22.75 33.45
N SER A 92 16.44 23.74 33.09
CA SER A 92 16.17 24.54 31.90
C SER A 92 16.40 23.78 30.59
N ARG A 93 16.13 24.46 29.48
CA ARG A 93 16.48 23.98 28.16
C ARG A 93 17.99 23.78 28.04
N ASP A 94 18.74 24.67 28.69
CA ASP A 94 20.20 24.61 28.66
C ASP A 94 20.76 23.35 29.32
N ASP A 95 20.29 23.05 30.53
CA ASP A 95 20.65 21.80 31.20
C ASP A 95 20.24 20.61 30.32
N LEU A 96 19.08 20.71 29.70
CA LEU A 96 18.60 19.64 28.85
C LEU A 96 19.48 19.44 27.62
N LEU A 97 19.87 20.56 27.00
CA LEU A 97 20.74 20.52 25.82
C LEU A 97 22.04 19.80 26.19
N LEU A 98 22.62 20.16 27.33
CA LEU A 98 23.86 19.55 27.80
C LEU A 98 23.70 18.05 28.05
N LYS A 99 22.62 17.68 28.73
CA LYS A 99 22.32 16.27 28.98
C LYS A 99 22.26 15.50 27.67
N ASN A 100 21.56 16.05 26.69
CA ASN A 100 21.39 15.34 25.43
C ASN A 100 22.69 15.29 24.60
N ILE A 101 23.48 16.36 24.65
CA ILE A 101 24.75 16.37 23.94
C ILE A 101 25.65 15.23 24.44
N GLY A 102 25.64 15.00 25.76
CA GLY A 102 26.40 13.93 26.35
C GLY A 102 25.92 12.58 25.87
N ILE A 103 24.60 12.42 25.75
CA ILE A 103 24.02 11.19 25.24
C ILE A 103 24.44 10.97 23.77
N MET A 104 24.43 12.03 22.98
CA MET A 104 24.84 11.92 21.58
C MET A 104 26.31 11.56 21.48
N LYS A 105 27.13 12.10 22.38
CA LYS A 105 28.55 11.79 22.38
C LYS A 105 28.77 10.28 22.58
N SER A 106 28.13 9.69 23.58
CA SER A 106 28.30 8.27 23.82
C SER A 106 27.65 7.41 22.73
N VAL A 107 26.48 7.83 22.24
CA VAL A 107 25.86 7.13 21.12
C VAL A 107 26.76 7.18 19.88
N GLY A 108 27.30 8.36 19.58
CA GLY A 108 28.17 8.52 18.42
C GLY A 108 29.44 7.70 18.53
N GLU A 109 29.98 7.60 19.75
CA GLU A 109 31.14 6.75 19.99
C GLU A 109 30.85 5.27 19.75
N ALA A 110 29.66 4.82 20.17
CA ALA A 110 29.22 3.46 19.90
C ALA A 110 29.03 3.21 18.41
N ILE A 111 28.48 4.19 17.69
CA ILE A 111 28.31 4.06 16.24
C ILE A 111 29.65 3.95 15.53
N LYS A 112 30.62 4.77 15.94
CA LYS A 112 31.95 4.71 15.37
C LYS A 112 32.58 3.34 15.59
N LYS A 113 32.37 2.79 16.78
CA LYS A 113 32.95 1.51 17.14
C LYS A 113 32.30 0.33 16.43
N TYR A 114 30.98 0.36 16.28
CA TYR A 114 30.30 -0.85 15.82
C TYR A 114 29.70 -0.81 14.41
N SER A 115 29.44 0.39 13.89
CA SER A 115 28.79 0.51 12.59
C SER A 115 29.13 1.83 11.92
N PRO A 116 30.43 2.10 11.68
CA PRO A 116 30.83 3.42 11.21
C PRO A 116 30.49 3.70 9.75
N GLU A 117 30.02 2.67 9.05
CA GLU A 117 29.63 2.83 7.64
C GLU A 117 28.18 3.31 7.45
N SER A 118 27.43 3.41 8.55
CA SER A 118 26.01 3.76 8.47
C SER A 118 25.73 5.23 8.13
N LYS A 119 24.61 5.48 7.46
CA LYS A 119 24.05 6.83 7.40
C LYS A 119 23.22 7.04 8.66
N ILE A 120 23.24 8.26 9.21
CA ILE A 120 22.57 8.50 10.48
C ILE A 120 21.45 9.50 10.32
N VAL A 121 20.28 9.18 10.89
CA VAL A 121 19.16 10.13 10.98
C VAL A 121 18.95 10.45 12.46
N VAL A 122 19.26 11.69 12.82
CA VAL A 122 19.22 12.11 14.22
C VAL A 122 17.90 12.80 14.53
N VAL A 123 17.23 12.34 15.58
CA VAL A 123 15.88 12.81 15.93
C VAL A 123 15.85 13.64 17.21
N THR A 124 16.69 13.27 18.16
CA THR A 124 16.79 13.97 19.44
C THR A 124 16.83 15.51 19.27
N ASN A 125 15.92 16.21 19.93
CA ASN A 125 15.77 17.66 19.74
C ASN A 125 16.69 18.49 20.66
N PRO A 126 17.25 19.60 20.15
CA PRO A 126 17.17 20.08 18.76
C PRO A 126 18.11 19.29 17.86
N ALA A 127 17.55 18.75 16.78
CA ALA A 127 18.27 17.77 15.99
C ALA A 127 19.42 18.38 15.18
N ASP A 128 19.39 19.68 14.93
CA ASP A 128 20.55 20.25 14.26
C ASP A 128 21.77 20.17 15.17
N ILE A 129 21.63 20.60 16.42
CA ILE A 129 22.74 20.51 17.38
C ILE A 129 23.10 19.06 17.70
N MET A 130 22.10 18.20 17.85
CA MET A 130 22.35 16.80 18.16
C MET A 130 23.03 16.07 16.99
N ALA A 131 22.70 16.46 15.76
CA ALA A 131 23.42 15.94 14.60
C ALA A 131 24.87 16.40 14.62
N TYR A 132 25.09 17.66 14.99
CA TYR A 132 26.44 18.19 15.14
C TYR A 132 27.22 17.38 16.18
N ALA A 133 26.58 17.08 17.30
CA ALA A 133 27.23 16.26 18.32
C ALA A 133 27.54 14.84 17.81
N ILE A 134 26.61 14.25 17.08
CA ILE A 134 26.83 12.91 16.52
C ILE A 134 28.03 12.94 15.58
N TYR A 135 28.15 14.01 14.80
CA TYR A 135 29.25 14.21 13.89
C TYR A 135 30.57 14.30 14.66
N LYS A 136 30.61 15.14 15.68
CA LYS A 136 31.83 15.29 16.48
C LYS A 136 32.26 13.99 17.17
N ALA A 137 31.30 13.18 17.58
CA ALA A 137 31.60 11.97 18.34
C ALA A 137 31.95 10.78 17.45
N SER A 138 31.30 10.68 16.29
CA SER A 138 31.41 9.48 15.46
C SER A 138 32.49 9.58 14.39
N GLY A 139 32.80 10.80 13.93
CA GLY A 139 33.77 10.99 12.87
C GLY A 139 33.26 10.61 11.48
N ILE A 140 31.97 10.33 11.41
CA ILE A 140 31.34 9.97 10.14
C ILE A 140 31.37 11.16 9.20
N SER A 141 31.60 10.91 7.91
CA SER A 141 31.62 11.98 6.92
C SER A 141 30.28 12.73 6.98
N PRO A 142 30.34 14.07 7.11
CA PRO A 142 29.17 14.81 7.57
C PRO A 142 27.96 14.80 6.62
N GLU A 143 28.18 14.52 5.34
CA GLU A 143 27.06 14.37 4.41
C GLU A 143 26.22 13.12 4.74
N ARG A 144 26.73 12.25 5.60
CA ARG A 144 26.03 10.99 5.89
C ARG A 144 25.17 11.09 7.14
N ILE A 145 25.06 12.31 7.67
CA ILE A 145 24.28 12.58 8.87
C ILE A 145 23.22 13.64 8.56
N ILE A 146 21.96 13.33 8.85
CA ILE A 146 20.90 14.34 8.70
C ILE A 146 20.00 14.37 9.94
N GLY A 147 19.43 15.54 10.24
CA GLY A 147 18.59 15.71 11.40
C GLY A 147 17.13 15.96 11.06
N LEU A 148 16.22 15.36 11.83
CA LEU A 148 14.79 15.60 11.65
C LEU A 148 14.46 17.05 11.97
N GLY A 149 13.76 17.72 11.07
CA GLY A 149 13.29 19.06 11.36
C GLY A 149 12.12 19.36 10.46
N GLY A 150 12.44 19.80 9.25
CA GLY A 150 11.44 20.22 8.29
C GLY A 150 10.42 19.16 7.91
N SER A 151 10.79 17.89 7.96
CA SER A 151 9.85 16.84 7.57
C SER A 151 8.62 16.91 8.47
N LEU A 152 8.86 17.18 9.75
CA LEU A 152 7.80 17.24 10.75
C LEU A 152 7.07 18.58 10.73
N ASP A 153 7.80 19.69 10.69
CA ASP A 153 7.14 20.98 10.65
C ASP A 153 6.28 21.10 9.41
N SER A 154 6.76 20.56 8.29
CA SER A 154 6.01 20.70 7.04
C SER A 154 4.77 19.84 7.06
N THR A 155 4.81 18.67 7.68
CA THR A 155 3.61 17.84 7.73
CA THR A 155 3.60 17.84 7.69
C THR A 155 2.53 18.50 8.57
N ARG A 156 2.94 19.15 9.66
CA ARG A 156 1.97 19.87 10.50
C ARG A 156 1.36 21.05 9.71
N PHE A 157 2.23 21.85 9.11
CA PHE A 157 1.85 23.05 8.35
C PHE A 157 0.85 22.62 7.24
N ARG A 158 1.16 21.53 6.55
CA ARG A 158 0.28 21.02 5.50
C ARG A 158 -1.09 20.57 6.04
N THR A 159 -1.08 19.91 7.19
CA THR A 159 -2.34 19.45 7.80
C THR A 159 -3.25 20.66 8.06
N PHE A 160 -2.68 21.72 8.65
CA PHE A 160 -3.45 22.90 9.03
C PHE A 160 -4.00 23.63 7.80
N LEU A 161 -3.16 23.77 6.78
CA LEU A 161 -3.58 24.40 5.53
C LEU A 161 -4.69 23.60 4.85
N ALA A 162 -4.52 22.29 4.78
CA ALA A 162 -5.49 21.44 4.09
C ALA A 162 -6.84 21.49 4.79
N GLN A 163 -6.84 21.50 6.12
CA GLN A 163 -8.11 21.58 6.81
C GLN A 163 -8.75 22.95 6.67
N GLU A 164 -7.93 24.00 6.61
CA GLU A 164 -8.46 25.34 6.47
C GLU A 164 -9.09 25.55 5.09
N LEU A 165 -8.49 24.97 4.07
CA LEU A 165 -8.94 25.10 2.69
C LEU A 165 -9.83 23.95 2.22
N ASN A 166 -10.03 22.96 3.08
CA ASN A 166 -10.80 21.76 2.75
C ASN A 166 -10.33 21.11 1.45
N VAL A 167 -9.04 20.78 1.42
CA VAL A 167 -8.43 20.15 0.26
C VAL A 167 -7.63 18.95 0.70
N SER A 168 -7.30 18.07 -0.24
CA SER A 168 -6.53 16.87 0.04
C SER A 168 -5.17 17.22 0.65
N PHE A 169 -4.73 16.44 1.63
CA PHE A 169 -3.41 16.63 2.20
C PHE A 169 -2.33 16.42 1.15
N GLU A 170 -2.64 15.62 0.12
CA GLU A 170 -1.64 15.33 -0.90
C GLU A 170 -1.27 16.54 -1.76
N ASP A 171 -2.18 17.50 -1.84
CA ASP A 171 -1.98 18.62 -2.76
C ASP A 171 -1.49 19.90 -2.08
N VAL A 172 -1.37 19.89 -0.76
CA VAL A 172 -0.84 21.05 -0.06
C VAL A 172 0.69 20.92 0.06
N ASN A 173 1.39 22.01 -0.22
CA ASN A 173 2.83 22.07 -0.07
C ASN A 173 3.20 23.23 0.83
N ALA A 174 3.95 22.94 1.88
CA ALA A 174 4.29 23.97 2.87
C ALA A 174 5.81 24.03 3.03
N PHE A 175 6.38 25.20 2.75
CA PHE A 175 7.83 25.34 2.68
C PHE A 175 8.39 25.92 3.97
N VAL A 176 9.16 25.12 4.70
CA VAL A 176 9.83 25.59 5.90
C VAL A 176 11.28 25.15 5.96
N ILE A 177 12.14 26.05 6.42
CA ILE A 177 13.53 25.69 6.68
C ILE A 177 13.90 26.12 8.11
N GLY A 178 15.15 25.88 8.50
CA GLY A 178 15.59 26.27 9.83
C GLY A 178 15.21 25.25 10.89
N GLY A 179 15.08 25.69 12.14
CA GLY A 179 14.72 24.79 13.23
C GLY A 179 13.23 24.80 13.58
N HIS A 180 12.92 24.51 14.85
CA HIS A 180 11.53 24.52 15.33
C HIS A 180 11.22 25.84 16.03
N GLY A 181 9.96 26.07 16.35
CA GLY A 181 9.59 27.22 17.17
C GLY A 181 9.97 28.52 16.51
N ASP A 182 10.61 29.41 17.25
CA ASP A 182 10.98 30.69 16.66
C ASP A 182 12.15 30.55 15.70
N ASP A 183 12.80 29.40 15.70
CA ASP A 183 13.88 29.16 14.74
C ASP A 183 13.41 28.68 13.36
N MET A 184 12.11 28.38 13.26
CA MET A 184 11.53 27.93 12.00
C MET A 184 11.40 29.12 11.06
N VAL A 185 11.64 28.89 9.77
CA VAL A 185 11.53 29.97 8.79
C VAL A 185 10.65 29.48 7.63
N PRO A 186 9.39 29.91 7.62
CA PRO A 186 8.52 29.52 6.51
C PRO A 186 8.81 30.40 5.29
N PHE A 187 8.68 29.85 4.09
CA PHE A 187 8.60 30.67 2.88
C PHE A 187 7.15 30.55 2.43
N ILE A 188 6.35 31.56 2.76
CA ILE A 188 4.93 31.54 2.42
C ILE A 188 4.77 31.52 0.90
N ARG A 189 5.64 32.26 0.20
CA ARG A 189 5.55 32.32 -1.26
C ARG A 189 5.79 30.97 -1.94
N TYR A 190 6.49 30.06 -1.27
CA TYR A 190 6.73 28.73 -1.84
C TYR A 190 5.71 27.71 -1.35
N SER A 191 4.67 28.18 -0.66
CA SER A 191 3.66 27.28 -0.12
C SER A 191 2.43 27.47 -0.97
N ASN A 192 1.78 26.36 -1.31
CA ASN A 192 0.74 26.41 -2.33
C ASN A 192 -0.19 25.21 -2.24
N VAL A 193 -1.32 25.29 -2.96
CA VAL A 193 -2.15 24.12 -3.19
C VAL A 193 -2.09 23.78 -4.68
N SER A 194 -1.47 22.64 -5.01
CA SER A 194 -1.27 22.24 -6.40
C SER A 194 -0.68 23.37 -7.25
N GLY A 195 0.22 24.16 -6.65
CA GLY A 195 0.91 25.22 -7.35
C GLY A 195 0.31 26.60 -7.16
N ILE A 196 -0.95 26.64 -6.72
CA ILE A 196 -1.60 27.93 -6.50
C ILE A 196 -1.12 28.48 -5.17
N PRO A 197 -0.45 29.65 -5.17
CA PRO A 197 0.12 30.13 -3.90
C PRO A 197 -0.95 30.30 -2.83
N ILE A 198 -0.59 29.95 -1.61
CA ILE A 198 -1.52 30.05 -0.49
CA ILE A 198 -1.55 30.05 -0.52
C ILE A 198 -1.95 31.51 -0.24
N GLU A 199 -1.09 32.45 -0.60
CA GLU A 199 -1.43 33.86 -0.43
C GLU A 199 -2.59 34.30 -1.32
N ASP A 200 -2.84 33.56 -2.39
CA ASP A 200 -4.00 33.80 -3.25
C ASP A 200 -5.26 33.13 -2.72
N LEU A 201 -5.12 32.29 -1.70
CA LEU A 201 -6.22 31.43 -1.27
C LEU A 201 -6.73 31.76 0.14
N LEU A 202 -5.85 32.33 0.97
CA LEU A 202 -6.17 32.63 2.36
C LEU A 202 -5.75 34.04 2.72
N PRO A 203 -6.50 34.71 3.63
CA PRO A 203 -6.09 36.02 4.14
C PRO A 203 -4.79 35.89 4.92
N ARG A 204 -3.95 36.93 4.85
CA ARG A 204 -2.68 36.93 5.55
C ARG A 204 -2.83 36.60 7.04
N GLU A 205 -3.88 37.13 7.64
CA GLU A 205 -4.14 36.90 9.07
C GLU A 205 -4.26 35.42 9.36
N LYS A 206 -4.98 34.69 8.50
CA LYS A 206 -5.16 33.25 8.69
C LYS A 206 -3.85 32.50 8.47
N ILE A 207 -3.07 32.94 7.49
CA ILE A 207 -1.78 32.30 7.22
C ILE A 207 -0.85 32.51 8.41
N ASP A 208 -0.85 33.71 8.98
CA ASP A 208 -0.03 33.96 10.15
C ASP A 208 -0.43 33.07 11.32
N GLU A 209 -1.74 32.84 11.48
CA GLU A 209 -2.24 31.96 12.54
CA GLU A 209 -2.21 31.97 12.54
C GLU A 209 -1.72 30.54 12.36
N ILE A 210 -1.72 30.08 11.12
CA ILE A 210 -1.30 28.73 10.79
C ILE A 210 0.21 28.57 10.95
N VAL A 211 0.96 29.62 10.57
CA VAL A 211 2.40 29.64 10.78
C VAL A 211 2.74 29.52 12.27
N LYS A 212 2.05 30.30 13.10
CA LYS A 212 2.31 30.26 14.53
CA LYS A 212 2.29 30.26 14.54
C LYS A 212 1.97 28.88 15.14
N ARG A 213 0.83 28.31 14.74
CA ARG A 213 0.48 26.95 15.21
C ARG A 213 1.55 25.95 14.83
N THR A 214 2.13 26.13 13.64
CA THR A 214 3.15 25.20 13.18
C THR A 214 4.39 25.36 14.04
N ARG A 215 4.74 26.60 14.36
CA ARG A 215 5.90 26.85 15.21
C ARG A 215 5.80 26.13 16.54
N PHE A 216 4.59 26.11 17.10
CA PHE A 216 4.40 25.57 18.43
C PHE A 216 3.61 24.27 18.37
N GLY A 217 3.63 23.63 17.21
CA GLY A 217 2.92 22.38 16.98
C GLY A 217 3.28 21.26 17.94
N GLY A 218 4.55 21.18 18.30
CA GLY A 218 4.97 20.15 19.25
C GLY A 218 4.42 20.43 20.63
N GLY A 219 4.42 21.71 21.02
CA GLY A 219 3.84 22.11 22.30
C GLY A 219 2.35 21.83 22.38
N GLU A 220 1.65 21.98 21.25
CA GLU A 220 0.22 21.72 21.19
C GLU A 220 -0.06 20.26 21.56
N ILE A 221 0.74 19.35 21.02
CA ILE A 221 0.57 17.93 21.34
C ILE A 221 0.96 17.64 22.80
N VAL A 222 2.05 18.22 23.26
CA VAL A 222 2.44 18.05 24.67
C VAL A 222 1.32 18.43 25.64
N ASN A 223 0.62 19.52 25.35
CA ASN A 223 -0.48 19.94 26.22
C ASN A 223 -1.61 18.92 26.24
N LEU A 224 -1.84 18.27 25.11
CA LEU A 224 -2.93 17.32 25.02
C LEU A 224 -2.56 15.98 25.68
N TYR A 225 -1.30 15.58 25.55
CA TYR A 225 -0.82 14.32 26.13
C TYR A 225 -0.50 14.41 27.62
N LYS A 226 -0.13 15.61 28.07
CA LYS A 226 0.22 15.90 29.47
C LYS A 226 1.57 15.29 29.91
N THR A 227 1.80 14.02 29.62
CA THR A 227 2.94 13.31 30.20
C THR A 227 3.92 12.80 29.16
N GLY A 228 3.87 13.37 27.96
CA GLY A 228 4.72 12.89 26.89
C GLY A 228 4.58 13.79 25.68
N SER A 229 5.31 13.50 24.63
CA SER A 229 5.30 14.37 23.45
C SER A 229 4.80 13.62 22.21
N ALA A 230 4.70 14.32 21.09
CA ALA A 230 4.20 13.72 19.84
C ALA A 230 5.05 12.52 19.41
N PHE A 231 4.42 11.53 18.79
CA PHE A 231 5.15 10.40 18.26
C PHE A 231 4.62 9.85 16.93
N TYR A 232 3.32 9.93 16.68
CA TYR A 232 2.79 9.43 15.41
C TYR A 232 3.26 10.22 14.21
N ALA A 233 3.03 11.53 14.22
CA ALA A 233 3.49 12.36 13.10
C ALA A 233 5.03 12.39 12.99
N PRO A 234 5.74 12.56 14.12
CA PRO A 234 7.20 12.41 14.04
C PRO A 234 7.60 11.05 13.45
N GLY A 235 6.94 9.96 13.84
CA GLY A 235 7.32 8.64 13.34
C GLY A 235 7.32 8.52 11.82
N ILE A 236 6.25 8.97 11.18
CA ILE A 236 6.21 8.92 9.71
C ILE A 236 7.13 9.98 9.09
N SER A 237 7.29 11.13 9.73
CA SER A 237 8.19 12.17 9.22
C SER A 237 9.64 11.66 9.17
N ILE A 238 10.00 10.86 10.16
CA ILE A 238 11.32 10.25 10.23
C ILE A 238 11.45 9.13 9.19
N ALA A 239 10.44 8.28 9.13
CA ALA A 239 10.47 7.15 8.19
C ALA A 239 10.61 7.60 6.72
N VAL A 240 9.96 8.70 6.33
CA VAL A 240 10.12 9.13 4.93
C VAL A 240 11.57 9.53 4.64
N MET A 241 12.26 10.07 5.64
CA MET A 241 13.69 10.37 5.48
C MET A 241 14.51 9.08 5.38
N VAL A 242 14.26 8.14 6.29
CA VAL A 242 15.01 6.89 6.30
C VAL A 242 14.83 6.10 4.99
N GLU A 243 13.60 5.99 4.52
CA GLU A 243 13.35 5.20 3.31
C GLU A 243 13.96 5.88 2.08
N SER A 244 14.09 7.21 2.09
CA SER A 244 14.73 7.89 0.96
C SER A 244 16.20 7.50 0.87
N ILE A 245 16.83 7.28 2.01
CA ILE A 245 18.22 6.78 1.99
C ILE A 245 18.29 5.32 1.54
N VAL A 246 17.56 4.47 2.25
CA VAL A 246 17.57 3.02 2.02
C VAL A 246 17.20 2.68 0.58
N ASN A 247 16.16 3.33 0.08
CA ASN A 247 15.68 3.03 -1.25
C ASN A 247 16.09 4.09 -2.28
N ASP A 248 17.01 4.97 -1.88
CA ASP A 248 17.62 5.95 -2.79
C ASP A 248 16.57 6.75 -3.58
N ARG A 249 15.55 7.25 -2.87
CA ARG A 249 14.40 7.87 -3.51
C ARG A 249 14.68 9.27 -4.08
N LYS A 250 15.72 9.91 -3.57
CA LYS A 250 16.02 11.32 -3.88
C LYS A 250 14.86 12.26 -3.52
N ARG A 251 14.23 12.01 -2.36
CA ARG A 251 13.27 12.97 -1.83
C ARG A 251 13.97 14.30 -1.63
N VAL A 252 13.22 15.39 -1.75
CA VAL A 252 13.72 16.72 -1.45
C VAL A 252 12.90 17.26 -0.29
N ILE A 253 13.52 17.24 0.88
CA ILE A 253 12.88 17.59 2.15
C ILE A 253 13.87 18.43 2.97
N PRO A 254 13.38 19.47 3.65
CA PRO A 254 14.29 20.22 4.54
C PRO A 254 14.70 19.37 5.74
N CYS A 255 16.00 19.25 5.96
CA CYS A 255 16.54 18.50 7.10
C CYS A 255 17.73 19.27 7.63
N ALA A 256 18.13 18.98 8.86
CA ALA A 256 19.36 19.55 9.39
C ALA A 256 20.53 18.91 8.65
N ALA A 257 21.33 19.74 8.01
CA ALA A 257 22.45 19.21 7.23
C ALA A 257 23.69 20.07 7.42
N TYR A 258 24.85 19.46 7.18
CA TYR A 258 26.12 20.14 7.39
C TYR A 258 26.41 21.12 6.26
N ILE A 259 26.64 22.38 6.61
CA ILE A 259 26.84 23.46 5.64
C ILE A 259 28.32 23.81 5.52
N THR A 260 28.87 23.71 4.31
CA THR A 260 30.27 24.05 4.05
CA THR A 260 30.27 24.02 4.06
C THR A 260 30.45 24.59 2.66
N GLY A 261 31.67 25.07 2.37
CA GLY A 261 32.05 25.48 1.04
C GLY A 261 31.14 26.57 0.49
N GLU A 262 30.68 26.39 -0.73
CA GLU A 262 29.90 27.45 -1.38
C GLU A 262 28.55 27.66 -0.70
N HIS A 263 28.03 26.62 -0.06
CA HIS A 263 26.76 26.72 0.65
C HIS A 263 26.79 27.70 1.82
N SER A 264 27.99 27.92 2.39
CA SER A 264 28.12 28.85 3.51
C SER A 264 27.85 30.27 3.07
N LYS A 265 28.17 30.58 1.82
CA LYS A 265 27.90 31.91 1.29
C LYS A 265 26.40 32.21 1.24
N THR A 266 25.61 31.17 1.02
CA THR A 266 24.15 31.30 1.00
C THR A 266 23.50 31.26 2.40
N TYR A 267 23.94 30.32 3.23
CA TYR A 267 23.27 30.11 4.52
C TYR A 267 23.98 30.75 5.71
N LEU A 268 25.09 31.42 5.47
CA LEU A 268 25.74 32.29 6.46
C LEU A 268 26.17 31.55 7.73
N VAL A 269 26.38 30.25 7.60
CA VAL A 269 27.00 29.46 8.64
C VAL A 269 28.07 28.61 8.00
N ASN A 270 29.08 28.24 8.78
CA ASN A 270 30.09 27.34 8.27
C ASN A 270 30.43 26.24 9.25
N ASN A 271 30.49 25.02 8.73
CA ASN A 271 30.83 23.83 9.51
C ASN A 271 29.88 23.59 10.69
N LEU A 272 28.60 23.84 10.46
CA LEU A 272 27.54 23.57 11.43
C LEU A 272 26.40 22.88 10.70
N PHE A 273 25.50 22.24 11.45
CA PHE A 273 24.26 21.68 10.89
C PHE A 273 23.10 22.66 11.06
N ILE A 274 22.31 22.85 10.00
CA ILE A 274 21.10 23.67 10.11
C ILE A 274 20.08 23.20 9.06
N GLY A 275 18.80 23.46 9.29
CA GLY A 275 17.75 22.97 8.41
C GLY A 275 17.66 23.65 7.04
N VAL A 276 17.98 22.90 5.99
CA VAL A 276 17.97 23.43 4.63
C VAL A 276 17.38 22.37 3.70
N PRO A 277 16.89 22.76 2.51
CA PRO A 277 16.35 21.74 1.60
C PRO A 277 17.45 20.85 1.05
N ILE A 278 17.28 19.53 1.20
CA ILE A 278 18.29 18.61 0.70
C ILE A 278 17.67 17.49 -0.16
N LYS A 279 18.47 16.97 -1.10
CA LYS A 279 18.10 15.73 -1.81
C LYS A 279 18.68 14.57 -1.00
N ILE A 280 17.83 13.64 -0.59
CA ILE A 280 18.22 12.52 0.27
C ILE A 280 18.34 11.24 -0.54
N GLY A 281 19.54 10.68 -0.59
CA GLY A 281 19.76 9.47 -1.36
C GLY A 281 20.58 8.44 -0.63
N LYS A 282 21.04 7.41 -1.35
CA LYS A 282 21.79 6.32 -0.73
CA LYS A 282 21.79 6.32 -0.73
C LYS A 282 23.09 6.79 -0.08
N ASN A 283 23.60 7.95 -0.49
CA ASN A 283 24.84 8.45 0.11
C ASN A 283 24.61 9.46 1.24
N GLY A 284 23.34 9.69 1.60
CA GLY A 284 22.99 10.69 2.59
C GLY A 284 22.56 11.98 1.91
N VAL A 285 23.21 13.09 2.26
CA VAL A 285 22.93 14.36 1.58
C VAL A 285 23.54 14.34 0.18
N GLU A 286 22.72 14.31 -0.86
CA GLU A 286 23.27 14.26 -2.22
C GLU A 286 23.33 15.62 -2.88
N LYS A 287 22.59 16.57 -2.33
CA LYS A 287 22.60 17.94 -2.82
C LYS A 287 21.99 18.83 -1.77
N ILE A 288 22.57 20.00 -1.58
CA ILE A 288 21.93 21.04 -0.81
C ILE A 288 21.46 22.11 -1.78
N TYR A 289 20.18 22.45 -1.75
CA TYR A 289 19.70 23.50 -2.63
C TYR A 289 19.95 24.87 -1.98
N ASP A 290 20.52 25.79 -2.75
CA ASP A 290 20.78 27.13 -2.26
C ASP A 290 19.60 28.05 -2.59
N LEU A 291 18.90 28.51 -1.56
CA LEU A 291 17.74 29.37 -1.76
C LEU A 291 18.11 30.83 -1.91
N LYS A 292 17.26 31.58 -2.61
CA LYS A 292 17.30 33.03 -2.62
C LYS A 292 16.31 33.51 -1.56
N PHE A 293 16.78 34.31 -0.60
CA PHE A 293 15.92 34.82 0.46
C PHE A 293 15.38 36.20 0.09
N ASN A 294 14.10 36.44 0.35
CA ASN A 294 13.62 37.82 0.37
C ASN A 294 13.99 38.47 1.71
N GLU A 295 13.71 39.75 1.87
CA GLU A 295 14.17 40.45 3.07
CA GLU A 295 14.15 40.47 3.06
C GLU A 295 13.57 39.91 4.37
N ASP A 296 12.28 39.57 4.35
CA ASP A 296 11.64 39.02 5.55
C ASP A 296 12.26 37.67 5.94
N GLU A 297 12.46 36.82 4.95
CA GLU A 297 13.00 35.49 5.17
C GLU A 297 14.44 35.57 5.65
N LEU A 298 15.19 36.53 5.09
CA LEU A 298 16.58 36.74 5.46
C LEU A 298 16.71 37.12 6.94
N GLU A 299 15.89 38.06 7.39
CA GLU A 299 15.87 38.49 8.80
CA GLU A 299 16.03 38.44 8.79
C GLU A 299 15.60 37.31 9.72
N ALA A 300 14.57 36.55 9.35
CA ALA A 300 14.18 35.39 10.14
C ALA A 300 15.29 34.35 10.14
N TRP A 301 15.94 34.15 8.99
CA TRP A 301 17.03 33.21 8.89
C TRP A 301 18.20 33.60 9.81
N LYS A 302 18.55 34.88 9.82
CA LYS A 302 19.69 35.33 10.61
C LYS A 302 19.50 35.04 12.10
N LYS A 303 18.25 35.17 12.57
CA LYS A 303 17.93 34.87 13.95
CA LYS A 303 17.94 34.87 13.95
C LYS A 303 18.10 33.38 14.25
N SER A 304 17.66 32.55 13.31
CA SER A 304 17.81 31.11 13.45
CA SER A 304 17.80 31.10 13.42
C SER A 304 19.29 30.74 13.46
N VAL A 305 20.05 31.37 12.57
CA VAL A 305 21.49 31.17 12.47
C VAL A 305 22.20 31.45 13.80
N GLU A 306 21.87 32.58 14.42
CA GLU A 306 22.47 32.94 15.70
C GLU A 306 22.19 31.90 16.78
N SER A 307 20.96 31.38 16.80
CA SER A 307 20.58 30.35 17.76
C SER A 307 21.40 29.08 17.59
N VAL A 308 21.54 28.64 16.34
CA VAL A 308 22.35 27.45 16.03
C VAL A 308 23.83 27.67 16.35
N LYS A 309 24.36 28.85 16.00
CA LYS A 309 25.75 29.16 16.31
C LYS A 309 26.00 29.10 17.82
N LYS A 310 25.06 29.63 18.59
CA LYS A 310 25.19 29.71 20.04
C LYS A 310 25.17 28.30 20.66
N ASN A 311 24.19 27.49 20.26
CA ASN A 311 24.08 26.14 20.78
C ASN A 311 25.19 25.21 20.29
N SER A 312 25.68 25.45 19.08
CA SER A 312 26.77 24.64 18.54
C SER A 312 28.07 24.93 19.29
N ALA A 313 28.22 26.19 19.71
CA ALA A 313 29.38 26.59 20.50
C ALA A 313 29.35 25.92 21.87
N ILE A 314 28.14 25.76 22.41
CA ILE A 314 27.95 25.03 23.66
C ILE A 314 28.37 23.56 23.48
N ALA A 315 28.02 22.98 22.34
CA ALA A 315 28.44 21.61 22.03
C ALA A 315 29.97 21.49 21.92
N ASP A 316 30.59 22.44 21.22
CA ASP A 316 32.05 22.49 21.17
C ASP A 316 32.67 22.52 22.58
N ASP A 317 32.16 23.42 23.42
CA ASP A 317 32.65 23.56 24.79
C ASP A 317 32.50 22.27 25.58
N TYR A 318 31.35 21.61 25.47
CA TYR A 318 31.14 20.33 26.13
C TYR A 318 32.20 19.31 25.68
N PHE A 319 32.40 19.20 24.37
CA PHE A 319 33.36 18.24 23.84
C PHE A 319 34.79 18.57 24.30
N ALA A 320 35.10 19.86 24.32
CA ALA A 320 36.41 20.31 24.77
C ALA A 320 36.65 19.96 26.23
N LYS A 321 35.60 20.03 27.05
CA LYS A 321 35.70 19.77 28.48
C LYS A 321 35.70 18.28 28.81
N ASN A 322 35.33 17.45 27.84
CA ASN A 322 35.24 16.02 28.08
C ASN A 322 36.09 15.19 27.12
N GLN A 323 37.34 15.61 26.97
CA GLN A 323 38.36 14.90 26.19
C GLN A 323 38.07 14.86 24.70
N ALA B 1 -19.66 10.50 2.66
CA ALA B 1 -19.19 9.61 1.59
C ALA B 1 -18.33 8.48 2.15
N ARG B 2 -17.78 8.67 3.35
CA ARG B 2 -16.91 7.65 3.94
C ARG B 2 -17.56 7.01 5.15
N SER B 3 -17.16 5.78 5.42
CA SER B 3 -17.62 5.12 6.62
C SER B 3 -16.98 5.77 7.83
N LYS B 4 -17.63 5.61 8.98
CA LYS B 4 -17.17 6.26 10.20
C LYS B 4 -16.91 5.20 11.24
N ILE B 5 -15.76 5.26 11.89
CA ILE B 5 -15.48 4.35 12.99
C ILE B 5 -15.22 5.12 14.27
N SER B 6 -15.91 4.79 15.36
CA SER B 6 -15.54 5.37 16.65
C SER B 6 -14.67 4.41 17.45
N VAL B 7 -13.67 4.95 18.14
CA VAL B 7 -12.81 4.14 19.00
C VAL B 7 -12.94 4.69 20.43
N ILE B 8 -13.41 3.85 21.34
CA ILE B 8 -13.56 4.26 22.71
C ILE B 8 -12.35 3.77 23.52
N GLY B 9 -11.63 4.71 24.09
CA GLY B 9 -10.35 4.43 24.72
C GLY B 9 -9.25 4.95 23.82
N ALA B 10 -8.46 5.88 24.33
CA ALA B 10 -7.38 6.50 23.57
C ALA B 10 -6.00 6.14 24.14
N GLY B 11 -5.92 5.06 24.91
CA GLY B 11 -4.64 4.57 25.40
C GLY B 11 -3.88 3.89 24.27
N ALA B 12 -2.82 3.15 24.61
CA ALA B 12 -1.98 2.49 23.61
C ALA B 12 -2.78 1.65 22.62
N VAL B 13 -3.70 0.83 23.13
CA VAL B 13 -4.46 -0.02 22.21
C VAL B 13 -5.41 0.76 21.29
N GLY B 14 -6.26 1.61 21.86
CA GLY B 14 -7.22 2.37 21.07
C GLY B 14 -6.58 3.30 20.04
N ALA B 15 -5.52 3.99 20.45
CA ALA B 15 -4.83 4.89 19.54
C ALA B 15 -4.12 4.10 18.43
N THR B 16 -3.60 2.91 18.77
CA THR B 16 -2.96 2.05 17.76
C THR B 16 -4.01 1.61 16.75
N VAL B 17 -5.21 1.27 17.23
CA VAL B 17 -6.29 0.93 16.32
C VAL B 17 -6.56 2.12 15.38
N ALA B 18 -6.61 3.32 15.94
CA ALA B 18 -6.95 4.48 15.14
C ALA B 18 -5.88 4.74 14.10
N GLN B 19 -4.61 4.64 14.49
CA GLN B 19 -3.53 4.89 13.54
C GLN B 19 -3.55 3.83 12.45
N THR B 20 -3.83 2.59 12.84
CA THR B 20 -3.88 1.48 11.89
C THR B 20 -5.03 1.67 10.90
N LEU B 21 -6.22 2.00 11.39
CA LEU B 21 -7.36 2.26 10.50
C LEU B 21 -7.10 3.41 9.51
N ALA B 22 -6.38 4.44 9.96
CA ALA B 22 -6.02 5.55 9.09
C ALA B 22 -5.07 5.11 7.98
N ILE B 23 -4.01 4.38 8.36
CA ILE B 23 -3.07 3.85 7.36
C ILE B 23 -3.76 2.99 6.31
N ARG B 24 -4.68 2.16 6.77
CA ARG B 24 -5.41 1.25 5.89
C ARG B 24 -6.61 1.95 5.25
N GLN B 25 -6.76 3.25 5.54
CA GLN B 25 -7.80 4.11 4.95
C GLN B 25 -9.22 3.55 5.10
N THR B 26 -9.50 3.00 6.27
CA THR B 26 -10.77 2.30 6.47
C THR B 26 -11.96 3.25 6.52
N GLY B 27 -11.76 4.42 7.12
CA GLY B 27 -12.83 5.39 7.19
C GLY B 27 -12.45 6.56 8.07
N ASP B 28 -13.37 7.50 8.25
CA ASP B 28 -13.16 8.56 9.24
C ASP B 28 -13.11 7.90 10.61
N ILE B 29 -12.31 8.47 11.51
CA ILE B 29 -12.05 7.89 12.84
C ILE B 29 -12.25 8.93 13.95
N TYR B 30 -13.19 8.67 14.85
CA TYR B 30 -13.40 9.54 15.99
C TYR B 30 -12.96 8.79 17.25
N ILE B 31 -12.15 9.44 18.08
CA ILE B 31 -11.60 8.76 19.25
C ILE B 31 -12.21 9.38 20.50
N PHE B 32 -12.50 8.55 21.50
CA PHE B 32 -13.16 9.00 22.73
C PHE B 32 -12.40 8.52 23.96
N ASP B 33 -12.23 9.40 24.94
CA ASP B 33 -11.61 9.00 26.21
C ASP B 33 -11.98 9.95 27.32
N ILE B 34 -12.14 9.42 28.52
CA ILE B 34 -12.49 10.24 29.67
C ILE B 34 -11.35 11.12 30.17
N VAL B 35 -10.12 10.79 29.81
CA VAL B 35 -8.96 11.57 30.25
C VAL B 35 -8.82 12.88 29.46
N ASP B 36 -8.73 13.98 30.20
CA ASP B 36 -8.61 15.32 29.63
C ASP B 36 -7.48 15.41 28.61
N GLY B 37 -7.84 15.77 27.37
CA GLY B 37 -6.87 15.98 26.32
C GLY B 37 -6.43 14.76 25.55
N LEU B 38 -6.61 13.56 26.11
CA LEU B 38 -5.98 12.36 25.53
C LEU B 38 -6.46 12.03 24.12
N ALA B 39 -7.76 11.90 23.94
CA ALA B 39 -8.30 11.48 22.65
C ALA B 39 -8.02 12.55 21.58
N GLU B 40 -8.19 13.82 21.97
CA GLU B 40 -7.91 14.93 21.07
C GLU B 40 -6.44 14.90 20.61
N GLY B 41 -5.53 14.60 21.54
CA GLY B 41 -4.11 14.57 21.24
C GLY B 41 -3.72 13.42 20.32
N LYS B 42 -4.21 12.22 20.63
CA LYS B 42 -3.93 11.07 19.77
C LYS B 42 -4.50 11.30 18.37
N ALA B 43 -5.72 11.83 18.28
CA ALA B 43 -6.31 12.07 16.96
C ALA B 43 -5.47 13.06 16.16
N LEU B 44 -5.03 14.14 16.81
CA LEU B 44 -4.28 15.17 16.10
C LEU B 44 -2.90 14.66 15.66
N ASP B 45 -2.23 13.91 16.53
CA ASP B 45 -0.92 13.37 16.24
C ASP B 45 -1.05 12.44 15.02
N ILE B 46 -2.08 11.61 15.03
CA ILE B 46 -2.35 10.72 13.92
C ILE B 46 -2.67 11.51 12.64
N LEU B 47 -3.54 12.51 12.78
CA LEU B 47 -3.97 13.29 11.63
C LEU B 47 -2.79 14.05 11.02
N GLU B 48 -1.88 14.54 11.85
CA GLU B 48 -0.75 15.33 11.37
C GLU B 48 0.22 14.53 10.49
N GLY B 49 0.11 13.21 10.49
CA GLY B 49 0.91 12.38 9.61
C GLY B 49 0.26 12.11 8.26
N ALA B 50 -1.00 12.51 8.09
CA ALA B 50 -1.72 12.31 6.82
C ALA B 50 -0.99 12.81 5.56
N PRO B 51 -0.35 14.00 5.62
CA PRO B 51 0.32 14.46 4.41
C PRO B 51 1.44 13.50 3.95
N HIS B 52 2.14 12.85 4.89
CA HIS B 52 3.15 11.87 4.51
C HIS B 52 2.53 10.51 4.14
N TRP B 53 1.58 10.04 4.95
CA TRP B 53 0.99 8.72 4.71
C TRP B 53 0.08 8.69 3.49
N GLY B 54 -0.73 9.73 3.35
CA GLY B 54 -1.63 9.84 2.20
C GLY B 54 -3.11 9.69 2.50
N TYR B 55 -3.49 9.51 3.77
CA TYR B 55 -4.90 9.33 4.08
C TYR B 55 -5.69 10.62 4.17
N ASP B 56 -6.72 10.74 3.33
CA ASP B 56 -7.63 11.89 3.38
C ASP B 56 -8.87 11.55 4.20
N LEU B 57 -8.71 11.65 5.51
CA LEU B 57 -9.74 11.22 6.45
C LEU B 57 -9.97 12.33 7.46
N ASP B 58 -11.16 12.32 8.03
CA ASP B 58 -11.52 13.17 9.16
C ASP B 58 -11.17 12.35 10.40
N ILE B 59 -10.25 12.86 11.22
CA ILE B 59 -9.82 12.14 12.41
C ILE B 59 -9.88 13.12 13.57
N LYS B 60 -10.75 12.82 14.54
CA LYS B 60 -11.04 13.72 15.63
C LYS B 60 -11.03 12.99 16.96
N GLY B 61 -10.82 13.72 18.06
CA GLY B 61 -10.87 13.11 19.39
C GLY B 61 -11.64 13.98 20.37
N PHE B 62 -12.30 13.33 21.32
CA PHE B 62 -13.20 14.03 22.23
C PHE B 62 -13.03 13.51 23.66
N CYS B 63 -13.17 14.41 24.63
CA CYS B 63 -13.13 14.01 26.03
C CYS B 63 -14.53 13.71 26.54
N THR B 64 -14.71 12.52 27.08
CA THR B 64 -16.03 12.09 27.48
C THR B 64 -16.29 12.28 28.96
N ALA B 65 -15.46 13.09 29.62
CA ALA B 65 -15.74 13.47 31.01
C ALA B 65 -17.12 14.14 31.05
N ASP B 66 -17.44 14.88 30.01
CA ASP B 66 -18.83 15.24 29.75
C ASP B 66 -19.38 14.19 28.80
N GLU B 67 -20.19 13.26 29.31
CA GLU B 67 -20.62 12.13 28.51
C GLU B 67 -21.45 12.53 27.28
N SER B 68 -21.87 13.79 27.28
CA SER B 68 -22.62 14.35 26.15
C SER B 68 -21.81 14.25 24.86
N LYS B 69 -20.48 14.28 24.98
CA LYS B 69 -19.61 14.16 23.82
C LYS B 69 -19.74 12.82 23.08
N TYR B 70 -20.33 11.81 23.74
CA TYR B 70 -20.61 10.55 23.05
C TYR B 70 -21.58 10.74 21.87
N ALA B 71 -22.28 11.87 21.85
CA ALA B 71 -23.14 12.19 20.72
C ALA B 71 -22.37 12.23 19.39
N GLU B 72 -21.08 12.52 19.46
CA GLU B 72 -20.23 12.54 18.27
C GLU B 72 -20.06 11.16 17.65
N MET B 73 -20.54 10.10 18.32
CA MET B 73 -20.48 8.77 17.74
C MET B 73 -21.53 8.55 16.67
N LYS B 74 -22.55 9.41 16.65
CA LYS B 74 -23.67 9.23 15.72
C LYS B 74 -23.20 8.96 14.30
N GLY B 75 -23.75 7.92 13.68
CA GLY B 75 -23.44 7.60 12.29
C GLY B 75 -22.27 6.64 12.13
N SER B 76 -21.74 6.16 13.24
CA SER B 76 -20.63 5.22 13.18
C SER B 76 -21.09 3.87 12.64
N ASP B 77 -20.36 3.34 11.68
CA ASP B 77 -20.59 1.99 11.19
CA ASP B 77 -20.62 2.00 11.19
C ASP B 77 -20.15 0.98 12.22
N VAL B 78 -18.99 1.25 12.83
CA VAL B 78 -18.42 0.36 13.82
C VAL B 78 -17.96 1.20 14.99
N ILE B 79 -18.17 0.69 16.21
CA ILE B 79 -17.57 1.27 17.39
C ILE B 79 -16.66 0.21 17.98
N VAL B 80 -15.41 0.60 18.25
CA VAL B 80 -14.44 -0.30 18.86
C VAL B 80 -14.31 0.03 20.35
N VAL B 81 -14.55 -0.94 21.21
CA VAL B 81 -14.54 -0.64 22.65
C VAL B 81 -13.22 -1.10 23.28
N THR B 82 -12.35 -0.16 23.66
CA THR B 82 -11.06 -0.53 24.23
C THR B 82 -10.88 0.04 25.63
N ALA B 83 -11.91 0.69 26.16
CA ALA B 83 -11.84 1.28 27.49
C ALA B 83 -11.83 0.21 28.57
N GLY B 84 -11.18 0.50 29.69
CA GLY B 84 -11.12 -0.46 30.78
C GLY B 84 -9.77 -0.48 31.45
N LEU B 85 -9.69 -1.12 32.61
CA LEU B 85 -8.46 -1.14 33.38
C LEU B 85 -7.55 -2.32 33.05
N ALA B 86 -6.30 -2.20 33.49
CA ALA B 86 -5.41 -3.35 33.65
C ALA B 86 -5.12 -3.46 35.14
N ARG B 87 -4.59 -4.59 35.58
CA ARG B 87 -4.44 -4.86 37.01
C ARG B 87 -3.70 -3.77 37.79
N LYS B 88 -4.27 -3.38 38.93
CA LYS B 88 -3.62 -2.47 39.86
C LYS B 88 -3.03 -3.28 41.00
N PRO B 89 -2.02 -2.71 41.70
CA PRO B 89 -1.42 -3.40 42.85
C PRO B 89 -2.47 -3.79 43.89
N GLY B 90 -2.71 -5.10 44.02
CA GLY B 90 -3.68 -5.59 44.97
C GLY B 90 -5.01 -5.92 44.33
N MET B 91 -5.01 -6.08 43.01
CA MET B 91 -6.21 -6.44 42.28
C MET B 91 -6.10 -7.82 41.64
N SER B 92 -7.03 -8.72 41.98
CA SER B 92 -7.13 -10.00 41.31
C SER B 92 -7.75 -9.79 39.94
N ARG B 93 -7.60 -10.76 39.04
CA ARG B 93 -8.25 -10.64 37.74
C ARG B 93 -9.75 -10.85 37.90
N ASP B 94 -10.16 -11.40 39.04
CA ASP B 94 -11.57 -11.53 39.39
C ASP B 94 -12.18 -10.17 39.73
N ASP B 95 -11.44 -9.36 40.49
CA ASP B 95 -11.86 -7.99 40.77
C ASP B 95 -11.85 -7.16 39.49
N LEU B 96 -10.84 -7.40 38.66
CA LEU B 96 -10.69 -6.69 37.40
C LEU B 96 -11.88 -6.92 36.47
N LEU B 97 -12.31 -8.18 36.38
CA LEU B 97 -13.46 -8.54 35.55
C LEU B 97 -14.68 -7.71 35.96
N LEU B 98 -14.92 -7.66 37.26
CA LEU B 98 -16.06 -6.93 37.81
C LEU B 98 -15.97 -5.44 37.48
N LYS B 99 -14.78 -4.87 37.68
CA LYS B 99 -14.54 -3.47 37.34
C LYS B 99 -14.80 -3.20 35.86
N ASN B 100 -14.25 -4.06 35.01
CA ASN B 100 -14.43 -3.88 33.58
C ASN B 100 -15.87 -4.08 33.13
N ILE B 101 -16.60 -5.01 33.76
CA ILE B 101 -18.01 -5.19 33.43
C ILE B 101 -18.79 -3.88 33.68
N GLY B 102 -18.48 -3.21 34.78
CA GLY B 102 -19.11 -1.94 35.10
C GLY B 102 -18.84 -0.88 34.04
N ILE B 103 -17.63 -0.90 33.50
CA ILE B 103 -17.25 0.07 32.48
C ILE B 103 -18.00 -0.25 31.19
N MET B 104 -18.10 -1.54 30.87
CA MET B 104 -18.88 -1.98 29.72
C MET B 104 -20.33 -1.56 29.81
N LYS B 105 -20.90 -1.63 31.02
CA LYS B 105 -22.29 -1.20 31.23
C LYS B 105 -22.49 0.27 30.89
N SER B 106 -21.65 1.14 31.45
CA SER B 106 -21.64 2.55 31.09
C SER B 106 -21.45 2.78 29.60
N VAL B 107 -20.45 2.12 29.01
CA VAL B 107 -20.18 2.30 27.58
C VAL B 107 -21.34 1.81 26.71
N GLY B 108 -21.91 0.65 27.05
CA GLY B 108 -23.04 0.10 26.32
C GLY B 108 -24.28 0.98 26.37
N GLU B 109 -24.52 1.60 27.52
CA GLU B 109 -25.65 2.53 27.65
C GLU B 109 -25.41 3.79 26.82
N ALA B 110 -24.17 4.25 26.74
CA ALA B 110 -23.85 5.38 25.87
C ALA B 110 -24.07 5.02 24.40
N ILE B 111 -23.65 3.83 24.01
CA ILE B 111 -23.83 3.36 22.63
C ILE B 111 -25.33 3.27 22.31
N LYS B 112 -26.10 2.72 23.24
CA LYS B 112 -27.54 2.61 23.07
C LYS B 112 -28.16 4.01 22.87
N LYS B 113 -27.68 4.98 23.63
CA LYS B 113 -28.21 6.33 23.57
C LYS B 113 -27.88 7.07 22.27
N TYR B 114 -26.62 6.99 21.85
CA TYR B 114 -26.13 7.88 20.81
C TYR B 114 -25.84 7.25 19.45
N SER B 115 -25.60 5.94 19.41
CA SER B 115 -25.28 5.29 18.15
C SER B 115 -25.73 3.83 18.16
N PRO B 116 -27.04 3.59 18.35
CA PRO B 116 -27.51 2.20 18.52
C PRO B 116 -27.44 1.38 17.22
N GLU B 117 -27.11 2.00 16.10
CA GLU B 117 -27.12 1.32 14.81
C GLU B 117 -25.77 0.70 14.46
N SER B 118 -24.77 0.95 15.30
CA SER B 118 -23.41 0.52 15.01
C SER B 118 -23.18 -0.98 15.22
N LYS B 119 -22.27 -1.55 14.45
CA LYS B 119 -21.72 -2.85 14.82
C LYS B 119 -20.62 -2.55 15.86
N ILE B 120 -20.42 -3.47 16.79
CA ILE B 120 -19.47 -3.25 17.88
C ILE B 120 -18.35 -4.30 17.88
N VAL B 121 -17.12 -3.83 18.02
CA VAL B 121 -15.99 -4.72 18.18
C VAL B 121 -15.42 -4.48 19.57
N VAL B 122 -15.58 -5.47 20.44
CA VAL B 122 -15.19 -5.30 21.84
C VAL B 122 -13.80 -5.88 22.06
N VAL B 123 -12.92 -5.08 22.67
CA VAL B 123 -11.51 -5.40 22.84
C VAL B 123 -11.13 -5.70 24.28
N THR B 124 -11.73 -4.96 25.21
CA THR B 124 -11.47 -5.08 26.63
C THR B 124 -11.47 -6.56 27.08
N ASN B 125 -10.38 -6.99 27.72
CA ASN B 125 -10.19 -8.40 28.06
C ASN B 125 -10.87 -8.78 29.39
N PRO B 126 -11.45 -9.98 29.49
CA PRO B 126 -11.68 -10.98 28.44
C PRO B 126 -12.85 -10.57 27.55
N ALA B 127 -12.58 -10.47 26.25
CA ALA B 127 -13.49 -9.81 25.33
C ALA B 127 -14.76 -10.61 25.12
N ASP B 128 -14.72 -11.92 25.35
CA ASP B 128 -15.95 -12.68 25.25
C ASP B 128 -16.94 -12.21 26.34
N ILE B 129 -16.46 -12.10 27.57
CA ILE B 129 -17.33 -11.64 28.67
C ILE B 129 -17.69 -10.17 28.48
N MET B 130 -16.73 -9.37 28.02
CA MET B 130 -17.03 -7.95 27.86
C MET B 130 -18.01 -7.68 26.72
N ALA B 131 -17.95 -8.51 25.67
CA ALA B 131 -18.93 -8.46 24.60
C ALA B 131 -20.31 -8.80 25.11
N TYR B 132 -20.37 -9.79 26.00
CA TYR B 132 -21.63 -10.16 26.65
C TYR B 132 -22.19 -9.00 27.46
N ALA B 133 -21.33 -8.33 28.23
CA ALA B 133 -21.75 -7.16 29.01
C ALA B 133 -22.24 -6.01 28.11
N ILE B 134 -21.53 -5.77 27.01
CA ILE B 134 -21.94 -4.76 26.02
C ILE B 134 -23.33 -5.10 25.47
N TYR B 135 -23.53 -6.38 25.16
CA TYR B 135 -24.83 -6.83 24.67
C TYR B 135 -25.96 -6.57 25.68
N LYS B 136 -25.75 -6.97 26.93
CA LYS B 136 -26.76 -6.76 27.95
C LYS B 136 -27.07 -5.28 28.17
N ALA B 137 -26.03 -4.43 28.10
CA ALA B 137 -26.17 -3.01 28.38
C ALA B 137 -26.70 -2.19 27.20
N SER B 138 -26.36 -2.60 25.99
CA SER B 138 -26.69 -1.81 24.80
C SER B 138 -28.02 -2.21 24.17
N GLY B 139 -28.40 -3.47 24.34
CA GLY B 139 -29.59 -4.01 23.70
C GLY B 139 -29.44 -4.27 22.20
N ILE B 140 -28.22 -4.05 21.68
CA ILE B 140 -27.95 -4.26 20.24
C ILE B 140 -28.13 -5.74 19.86
N SER B 141 -28.74 -6.01 18.71
CA SER B 141 -28.96 -7.37 18.26
C SER B 141 -27.61 -8.10 18.21
N PRO B 142 -27.55 -9.28 18.85
CA PRO B 142 -26.23 -9.84 19.23
C PRO B 142 -25.31 -10.24 18.08
N GLU B 143 -25.84 -10.46 16.88
CA GLU B 143 -25.00 -10.72 15.71
C GLU B 143 -24.16 -9.49 15.31
N ARG B 144 -24.52 -8.33 15.86
CA ARG B 144 -23.82 -7.09 15.53
C ARG B 144 -22.67 -6.76 16.49
N ILE B 145 -22.38 -7.69 17.39
CA ILE B 145 -21.31 -7.50 18.37
C ILE B 145 -20.34 -8.66 18.27
N ILE B 146 -19.04 -8.35 18.16
CA ILE B 146 -18.00 -9.38 18.18
C ILE B 146 -16.87 -8.97 19.12
N GLY B 147 -16.18 -9.97 19.68
CA GLY B 147 -15.08 -9.68 20.61
C GLY B 147 -13.75 -10.11 20.01
N LEU B 148 -12.69 -9.35 20.28
CA LEU B 148 -11.35 -9.73 19.85
C LEU B 148 -10.88 -10.95 20.62
N GLY B 149 -10.36 -11.94 19.92
CA GLY B 149 -9.77 -13.09 20.57
C GLY B 149 -8.84 -13.80 19.62
N GLY B 150 -9.42 -14.62 18.76
CA GLY B 150 -8.64 -15.45 17.85
C GLY B 150 -7.76 -14.70 16.87
N SER B 151 -8.17 -13.51 16.45
CA SER B 151 -7.35 -12.74 15.53
C SER B 151 -5.96 -12.48 16.12
N LEU B 152 -5.93 -12.22 17.41
CA LEU B 152 -4.67 -11.94 18.09
C LEU B 152 -3.90 -13.22 18.39
N ASP B 153 -4.57 -14.22 18.96
CA ASP B 153 -3.88 -15.47 19.24
C ASP B 153 -3.32 -16.09 17.97
N SER B 154 -4.09 -16.00 16.89
CA SER B 154 -3.64 -16.62 15.63
C SER B 154 -2.44 -15.89 15.06
N THR B 155 -2.39 -14.57 15.18
CA THR B 155 -1.24 -13.84 14.65
C THR B 155 0.04 -14.20 15.42
N ARG B 156 -0.06 -14.36 16.73
CA ARG B 156 1.10 -14.78 17.52
C ARG B 156 1.54 -16.20 17.14
N PHE B 157 0.57 -17.11 17.06
CA PHE B 157 0.82 -18.51 16.72
C PHE B 157 1.49 -18.59 15.34
N ARG B 158 0.97 -17.83 14.37
CA ARG B 158 1.58 -17.78 13.04
C ARG B 158 3.00 -17.23 13.06
N THR B 159 3.23 -16.17 13.84
CA THR B 159 4.56 -15.59 13.97
C THR B 159 5.59 -16.63 14.44
N PHE B 160 5.26 -17.35 15.50
CA PHE B 160 6.15 -18.36 16.05
C PHE B 160 6.40 -19.51 15.06
N LEU B 161 5.34 -19.95 14.40
CA LEU B 161 5.44 -21.03 13.43
C LEU B 161 6.33 -20.58 12.26
N ALA B 162 6.13 -19.35 11.80
CA ALA B 162 6.88 -18.85 10.66
C ALA B 162 8.37 -18.73 10.98
N GLN B 163 8.69 -18.27 12.19
CA GLN B 163 10.10 -18.17 12.59
C GLN B 163 10.75 -19.54 12.75
N GLU B 164 9.97 -20.49 13.26
CA GLU B 164 10.49 -21.82 13.52
C GLU B 164 10.80 -22.52 12.19
N LEU B 165 9.92 -22.32 11.21
CA LEU B 165 10.02 -23.01 9.93
C LEU B 165 10.71 -22.18 8.86
N ASN B 166 11.06 -20.94 9.23
CA ASN B 166 11.71 -20.00 8.32
C ASN B 166 10.95 -19.85 7.01
N VAL B 167 9.67 -19.47 7.13
CA VAL B 167 8.81 -19.24 5.96
C VAL B 167 8.10 -17.90 6.12
N SER B 168 7.59 -17.36 5.01
CA SER B 168 6.81 -16.11 5.03
C SER B 168 5.65 -16.15 6.02
N PHE B 169 5.42 -15.03 6.72
CA PHE B 169 4.27 -14.94 7.62
C PHE B 169 2.96 -15.10 6.88
N GLU B 170 2.97 -14.77 5.59
CA GLU B 170 1.74 -14.82 4.81
C GLU B 170 1.26 -16.26 4.56
N ASP B 171 2.17 -17.22 4.58
CA ASP B 171 1.81 -18.58 4.17
C ASP B 171 1.52 -19.54 5.33
N VAL B 172 1.75 -19.07 6.55
CA VAL B 172 1.44 -19.85 7.74
C VAL B 172 -0.01 -19.62 8.15
N ASN B 173 -0.70 -20.70 8.49
CA ASN B 173 -2.07 -20.61 8.95
C ASN B 173 -2.19 -21.37 10.26
N ALA B 174 -2.68 -20.70 11.29
CA ALA B 174 -2.75 -21.31 12.60
C ALA B 174 -4.17 -21.20 13.14
N PHE B 175 -4.77 -22.35 13.40
CA PHE B 175 -6.18 -22.41 13.75
C PHE B 175 -6.39 -22.45 15.26
N VAL B 176 -7.06 -21.42 15.80
CA VAL B 176 -7.44 -21.42 17.21
C VAL B 176 -8.87 -20.93 17.43
N ILE B 177 -9.49 -21.44 18.47
CA ILE B 177 -10.80 -20.97 18.89
C ILE B 177 -10.78 -20.85 20.42
N GLY B 178 -11.90 -20.43 21.00
CA GLY B 178 -11.99 -20.30 22.45
C GLY B 178 -11.38 -18.97 22.91
N GLY B 179 -10.88 -18.95 24.14
CA GLY B 179 -10.32 -17.74 24.74
C GLY B 179 -8.80 -17.65 24.68
N HIS B 180 -8.21 -16.92 25.63
CA HIS B 180 -6.76 -16.81 25.74
C HIS B 180 -6.25 -17.82 26.77
N GLY B 181 -4.94 -18.00 26.85
CA GLY B 181 -4.34 -18.84 27.87
C GLY B 181 -4.87 -20.27 27.83
N ASP B 182 -5.30 -20.77 28.98
CA ASP B 182 -5.80 -22.13 29.07
C ASP B 182 -7.15 -22.29 28.37
N ASP B 183 -7.82 -21.20 28.08
CA ASP B 183 -9.12 -21.27 27.40
C ASP B 183 -8.95 -21.37 25.89
N MET B 184 -7.73 -21.15 25.41
CA MET B 184 -7.47 -21.24 23.98
C MET B 184 -7.45 -22.69 23.54
N VAL B 185 -8.04 -22.97 22.39
CA VAL B 185 -8.12 -24.34 21.87
C VAL B 185 -7.60 -24.39 20.44
N PRO B 186 -6.36 -24.87 20.27
CA PRO B 186 -5.81 -24.99 18.91
C PRO B 186 -6.32 -26.25 18.23
N PHE B 187 -6.51 -26.17 16.91
CA PHE B 187 -6.73 -27.35 16.08
C PHE B 187 -5.47 -27.46 15.25
N ILE B 188 -4.54 -28.30 15.71
CA ILE B 188 -3.24 -28.44 15.06
C ILE B 188 -3.42 -28.99 13.66
N ARG B 189 -4.36 -29.92 13.52
CA ARG B 189 -4.61 -30.54 12.22
C ARG B 189 -5.10 -29.52 11.19
N TYR B 190 -5.61 -28.37 11.63
CA TYR B 190 -6.05 -27.35 10.69
C TYR B 190 -5.00 -26.27 10.52
N SER B 191 -3.82 -26.48 11.09
CA SER B 191 -2.74 -25.50 10.94
C SER B 191 -1.75 -26.02 9.89
N ASN B 192 -1.23 -25.12 9.07
CA ASN B 192 -0.46 -25.56 7.91
C ASN B 192 0.43 -24.45 7.38
N VAL B 193 1.32 -24.81 6.46
CA VAL B 193 2.09 -23.83 5.70
C VAL B 193 1.70 -24.04 4.24
N SER B 194 0.98 -23.06 3.68
CA SER B 194 0.46 -23.16 2.31
C SER B 194 -0.27 -24.49 2.08
N GLY B 195 -1.00 -24.96 3.09
CA GLY B 195 -1.73 -26.21 2.98
C GLY B 195 -1.01 -27.43 3.51
N ILE B 196 0.30 -27.35 3.66
CA ILE B 196 1.05 -28.51 4.14
C ILE B 196 0.87 -28.55 5.64
N PRO B 197 0.27 -29.62 6.17
CA PRO B 197 -0.01 -29.66 7.62
C PRO B 197 1.25 -29.48 8.46
N ILE B 198 1.17 -28.68 9.53
CA ILE B 198 2.28 -28.49 10.45
CA ILE B 198 2.35 -28.52 10.37
C ILE B 198 2.78 -29.82 11.02
N GLU B 199 1.86 -30.77 11.18
CA GLU B 199 2.24 -32.09 11.68
C GLU B 199 3.10 -32.86 10.66
N ASP B 200 3.19 -32.36 9.44
CA ASP B 200 4.11 -32.94 8.45
C ASP B 200 5.44 -32.19 8.44
N LEU B 201 5.60 -31.22 9.32
CA LEU B 201 6.76 -30.33 9.26
C LEU B 201 7.49 -30.20 10.59
N LEU B 202 6.75 -30.34 11.68
CA LEU B 202 7.33 -30.21 13.03
C LEU B 202 6.89 -31.35 13.94
N PRO B 203 7.79 -31.79 14.83
CA PRO B 203 7.44 -32.86 15.77
C PRO B 203 6.56 -32.34 16.90
N ARG B 204 5.86 -33.26 17.57
CA ARG B 204 4.91 -32.90 18.60
C ARG B 204 5.48 -31.98 19.67
N GLU B 205 6.69 -32.26 20.13
CA GLU B 205 7.27 -31.47 21.22
C GLU B 205 7.46 -30.01 20.81
N LYS B 206 7.84 -29.80 19.55
CA LYS B 206 8.02 -28.44 19.08
C LYS B 206 6.69 -27.71 18.92
N ILE B 207 5.69 -28.41 18.43
CA ILE B 207 4.35 -27.81 18.30
C ILE B 207 3.81 -27.47 19.69
N ASP B 208 4.00 -28.38 20.64
CA ASP B 208 3.57 -28.14 22.00
C ASP B 208 4.17 -26.86 22.59
N GLU B 209 5.45 -26.63 22.32
CA GLU B 209 6.15 -25.46 22.86
C GLU B 209 5.56 -24.19 22.27
N ILE B 210 5.28 -24.24 20.98
CA ILE B 210 4.69 -23.11 20.27
C ILE B 210 3.25 -22.83 20.71
N VAL B 211 2.46 -23.88 20.92
CA VAL B 211 1.12 -23.72 21.49
C VAL B 211 1.18 -23.03 22.86
N LYS B 212 2.08 -23.49 23.72
CA LYS B 212 2.26 -22.91 25.04
CA LYS B 212 2.21 -22.91 25.04
C LYS B 212 2.63 -21.43 24.96
N ARG B 213 3.56 -21.11 24.08
CA ARG B 213 4.01 -19.74 23.94
C ARG B 213 2.86 -18.86 23.51
N THR B 214 2.00 -19.41 22.64
CA THR B 214 0.83 -18.69 22.16
C THR B 214 -0.16 -18.46 23.31
N ARG B 215 -0.40 -19.51 24.10
CA ARG B 215 -1.34 -19.37 25.22
C ARG B 215 -0.99 -18.24 26.14
N PHE B 216 0.30 -18.08 26.40
CA PHE B 216 0.77 -17.04 27.31
C PHE B 216 1.48 -15.89 26.61
N GLY B 217 1.17 -15.69 25.33
CA GLY B 217 1.82 -14.65 24.55
C GLY B 217 1.59 -13.23 25.03
N GLY B 218 0.42 -12.95 25.61
CA GLY B 218 0.14 -11.62 26.15
C GLY B 218 1.02 -11.35 27.36
N GLY B 219 1.12 -12.34 28.24
CA GLY B 219 1.98 -12.25 29.40
C GLY B 219 3.46 -12.13 29.05
N GLU B 220 3.86 -12.75 27.94
CA GLU B 220 5.26 -12.63 27.49
C GLU B 220 5.58 -11.15 27.22
N ILE B 221 4.65 -10.45 26.59
CA ILE B 221 4.84 -9.03 26.29
C ILE B 221 4.81 -8.19 27.57
N VAL B 222 3.87 -8.51 28.46
CA VAL B 222 3.76 -7.81 29.73
C VAL B 222 5.07 -7.92 30.52
N ASN B 223 5.68 -9.11 30.52
CA ASN B 223 6.95 -9.31 31.23
C ASN B 223 8.12 -8.51 30.63
N LEU B 224 8.02 -8.16 29.36
CA LEU B 224 9.04 -7.33 28.72
C LEU B 224 8.78 -5.84 28.92
N TYR B 225 7.54 -5.39 28.71
CA TYR B 225 7.18 -3.98 28.92
C TYR B 225 7.23 -3.60 30.41
N LYS B 226 6.95 -4.58 31.27
CA LYS B 226 6.91 -4.41 32.73
C LYS B 226 5.77 -3.55 33.26
N THR B 227 5.45 -2.45 32.59
CA THR B 227 4.44 -1.52 33.08
C THR B 227 3.23 -1.37 32.17
N GLY B 228 3.16 -2.16 31.11
CA GLY B 228 2.04 -2.07 30.21
C GLY B 228 1.91 -3.37 29.45
N SER B 229 0.92 -3.46 28.57
CA SER B 229 0.71 -4.67 27.81
C SER B 229 0.79 -4.43 26.31
N ALA B 230 0.68 -5.52 25.54
CA ALA B 230 0.80 -5.48 24.09
C ALA B 230 -0.20 -4.50 23.47
N PHE B 231 0.21 -3.83 22.38
CA PHE B 231 -0.70 -2.95 21.65
C PHE B 231 -0.48 -2.97 20.13
N TYR B 232 0.76 -3.20 19.68
CA TYR B 232 0.99 -3.23 18.22
C TYR B 232 0.27 -4.39 17.53
N ALA B 233 0.53 -5.61 17.97
CA ALA B 233 -0.16 -6.75 17.34
C ALA B 233 -1.68 -6.76 17.62
N PRO B 234 -2.10 -6.42 18.85
CA PRO B 234 -3.55 -6.28 19.05
C PRO B 234 -4.18 -5.24 18.11
N GLY B 235 -3.51 -4.10 17.93
CA GLY B 235 -4.04 -3.05 17.08
C GLY B 235 -4.40 -3.53 15.66
N ILE B 236 -3.49 -4.23 14.99
CA ILE B 236 -3.77 -4.70 13.65
C ILE B 236 -4.75 -5.88 13.68
N SER B 237 -4.66 -6.72 14.71
CA SER B 237 -5.60 -7.82 14.86
C SER B 237 -7.05 -7.30 14.95
N ILE B 238 -7.22 -6.17 15.63
CA ILE B 238 -8.53 -5.53 15.74
C ILE B 238 -8.93 -4.88 14.40
N ALA B 239 -8.00 -4.16 13.80
CA ALA B 239 -8.29 -3.46 12.56
C ALA B 239 -8.76 -4.40 11.44
N VAL B 240 -8.20 -5.61 11.35
CA VAL B 240 -8.63 -6.51 10.27
C VAL B 240 -10.08 -6.98 10.48
N MET B 241 -10.50 -7.04 11.74
CA MET B 241 -11.91 -7.33 12.04
C MET B 241 -12.78 -6.14 11.62
N VAL B 242 -12.37 -4.95 12.02
CA VAL B 242 -13.15 -3.75 11.78
C VAL B 242 -13.35 -3.54 10.29
N GLU B 243 -12.26 -3.65 9.53
CA GLU B 243 -12.35 -3.35 8.10
C GLU B 243 -13.18 -4.42 7.38
N SER B 244 -13.24 -5.63 7.94
CA SER B 244 -14.09 -6.66 7.31
C SER B 244 -15.57 -6.28 7.40
N ILE B 245 -15.96 -5.64 8.50
CA ILE B 245 -17.33 -5.11 8.63
C ILE B 245 -17.55 -3.90 7.71
N VAL B 246 -16.67 -2.90 7.82
CA VAL B 246 -16.83 -1.64 7.10
C VAL B 246 -16.85 -1.87 5.59
N ASN B 247 -15.93 -2.70 5.14
CA ASN B 247 -15.77 -2.95 3.71
C ASN B 247 -16.38 -4.27 3.24
N ASP B 248 -17.17 -4.91 4.12
CA ASP B 248 -17.92 -6.12 3.80
C ASP B 248 -17.02 -7.20 3.16
N ARG B 249 -15.90 -7.47 3.81
CA ARG B 249 -14.88 -8.33 3.22
C ARG B 249 -15.22 -9.83 3.31
N LYS B 250 -16.04 -10.20 4.29
CA LYS B 250 -16.32 -11.61 4.58
C LYS B 250 -15.07 -12.41 4.94
N ARG B 251 -14.20 -11.81 5.74
CA ARG B 251 -13.09 -12.52 6.35
C ARG B 251 -13.67 -13.61 7.24
N VAL B 252 -12.95 -14.72 7.32
CA VAL B 252 -13.31 -15.77 8.28
C VAL B 252 -12.21 -15.84 9.32
N ILE B 253 -12.53 -15.41 10.53
CA ILE B 253 -11.57 -15.24 11.63
C ILE B 253 -12.28 -15.66 12.90
N PRO B 254 -11.60 -16.41 13.77
CA PRO B 254 -12.24 -16.70 15.05
C PRO B 254 -12.38 -15.44 15.90
N CYS B 255 -13.60 -15.18 16.36
CA CYS B 255 -13.89 -14.06 17.23
C CYS B 255 -14.91 -14.51 18.28
N ALA B 256 -14.99 -13.77 19.38
CA ALA B 256 -16.04 -14.01 20.36
C ALA B 256 -17.37 -13.63 19.71
N ALA B 257 -18.28 -14.59 19.62
CA ALA B 257 -19.59 -14.37 19.02
C ALA B 257 -20.68 -15.02 19.84
N TYR B 258 -21.90 -14.48 19.70
CA TYR B 258 -23.08 -14.96 20.41
C TYR B 258 -23.56 -16.31 19.86
N ILE B 259 -23.61 -17.32 20.72
CA ILE B 259 -23.96 -18.67 20.29
C ILE B 259 -25.40 -18.98 20.67
N THR B 260 -26.22 -19.28 19.67
CA THR B 260 -27.62 -19.63 19.89
C THR B 260 -28.13 -20.62 18.83
N GLY B 261 -29.35 -21.12 19.02
CA GLY B 261 -29.97 -21.98 18.02
C GLY B 261 -29.17 -23.23 17.71
N GLU B 262 -29.02 -23.55 16.42
CA GLU B 262 -28.36 -24.78 16.02
C GLU B 262 -26.88 -24.80 16.43
N HIS B 263 -26.27 -23.63 16.54
CA HIS B 263 -24.87 -23.57 16.94
C HIS B 263 -24.66 -24.03 18.39
N SER B 264 -25.70 -23.95 19.22
CA SER B 264 -25.54 -24.39 20.61
C SER B 264 -25.28 -25.88 20.71
N LYS B 265 -25.78 -26.63 19.74
CA LYS B 265 -25.60 -28.07 19.69
C LYS B 265 -24.14 -28.45 19.48
N THR B 266 -23.42 -27.61 18.74
CA THR B 266 -22.00 -27.87 18.48
C THR B 266 -21.10 -27.35 19.59
N TYR B 267 -21.38 -26.12 20.04
CA TYR B 267 -20.48 -25.41 20.95
C TYR B 267 -20.82 -25.52 22.45
N LEU B 268 -21.93 -26.17 22.75
CA LEU B 268 -22.27 -26.54 24.13
C LEU B 268 -22.51 -25.36 25.06
N VAL B 269 -22.86 -24.22 24.48
CA VAL B 269 -23.28 -23.05 25.23
C VAL B 269 -24.47 -22.42 24.54
N ASN B 270 -25.27 -21.70 25.30
CA ASN B 270 -26.39 -21.03 24.72
C ASN B 270 -26.54 -19.62 25.27
N ASN B 271 -26.74 -18.67 24.36
CA ASN B 271 -26.98 -17.28 24.73
C ASN B 271 -25.79 -16.65 25.48
N LEU B 272 -24.60 -16.98 25.01
CA LEU B 272 -23.36 -16.46 25.56
C LEU B 272 -22.39 -16.20 24.41
N PHE B 273 -21.38 -15.38 24.67
CA PHE B 273 -20.30 -15.15 23.68
C PHE B 273 -19.10 -16.03 23.97
N ILE B 274 -18.55 -16.65 22.91
CA ILE B 274 -17.34 -17.46 23.00
C ILE B 274 -16.65 -17.47 21.63
N GLY B 275 -15.34 -17.70 21.59
CA GLY B 275 -14.59 -17.56 20.35
C GLY B 275 -14.81 -18.73 19.42
N VAL B 276 -15.36 -18.45 18.24
CA VAL B 276 -15.63 -19.48 17.22
C VAL B 276 -15.31 -18.87 15.85
N PRO B 277 -15.08 -19.72 14.82
CA PRO B 277 -14.85 -19.14 13.49
C PRO B 277 -16.10 -18.46 12.93
N ILE B 278 -15.99 -17.19 12.52
CA ILE B 278 -17.14 -16.49 11.97
C ILE B 278 -16.80 -15.81 10.64
N LYS B 279 -17.82 -15.66 9.80
CA LYS B 279 -17.72 -14.84 8.61
C LYS B 279 -18.12 -13.43 8.99
N ILE B 280 -17.23 -12.47 8.77
CA ILE B 280 -17.46 -11.10 9.22
C ILE B 280 -17.81 -10.19 8.03
N GLY B 281 -18.97 -9.56 8.08
CA GLY B 281 -19.38 -8.70 6.99
C GLY B 281 -20.13 -7.47 7.46
N LYS B 282 -20.78 -6.79 6.52
CA LYS B 282 -21.47 -5.54 6.85
C LYS B 282 -22.57 -5.69 7.90
N ASN B 283 -23.12 -6.88 8.08
CA ASN B 283 -24.15 -7.07 9.10
C ASN B 283 -23.56 -7.58 10.44
N GLY B 284 -22.25 -7.68 10.51
CA GLY B 284 -21.61 -8.25 11.68
C GLY B 284 -21.28 -9.72 11.46
N VAL B 285 -21.81 -10.59 12.34
CA VAL B 285 -21.60 -12.02 12.17
C VAL B 285 -22.53 -12.51 11.05
N GLU B 286 -21.95 -12.94 9.95
CA GLU B 286 -22.76 -13.37 8.81
C GLU B 286 -22.92 -14.89 8.81
N LYS B 287 -22.06 -15.57 9.54
CA LYS B 287 -22.09 -17.02 9.58
C LYS B 287 -21.22 -17.46 10.74
N ILE B 288 -21.67 -18.47 11.47
CA ILE B 288 -20.83 -19.19 12.41
C ILE B 288 -20.56 -20.58 11.82
N TYR B 289 -19.29 -20.94 11.68
CA TYR B 289 -18.92 -22.27 11.22
C TYR B 289 -18.97 -23.24 12.39
N ASP B 290 -19.64 -24.38 12.20
CA ASP B 290 -19.73 -25.42 13.22
C ASP B 290 -18.66 -26.47 13.02
N LEU B 291 -17.69 -26.48 13.92
CA LEU B 291 -16.52 -27.35 13.79
C LEU B 291 -16.79 -28.75 14.30
N LYS B 292 -16.00 -29.69 13.82
CA LYS B 292 -16.08 -31.07 14.29
C LYS B 292 -14.89 -31.29 15.22
N PHE B 293 -15.15 -31.69 16.46
CA PHE B 293 -14.07 -31.87 17.43
C PHE B 293 -13.61 -33.33 17.51
N ASN B 294 -12.30 -33.56 17.62
CA ASN B 294 -11.80 -34.87 18.06
C ASN B 294 -11.90 -34.88 19.60
N GLU B 295 -11.43 -35.94 20.24
CA GLU B 295 -11.58 -36.02 21.70
C GLU B 295 -10.76 -34.99 22.48
N ASP B 296 -9.51 -34.77 22.10
CA ASP B 296 -8.67 -33.76 22.77
C ASP B 296 -9.29 -32.38 22.68
N GLU B 297 -9.73 -32.03 21.47
CA GLU B 297 -10.33 -30.70 21.23
C GLU B 297 -11.61 -30.52 22.02
N LEU B 298 -12.42 -31.58 22.06
CA LEU B 298 -13.68 -31.55 22.81
C LEU B 298 -13.43 -31.36 24.30
N GLU B 299 -12.44 -32.06 24.84
CA GLU B 299 -12.14 -31.95 26.27
C GLU B 299 -11.59 -30.56 26.60
N ALA B 300 -10.76 -30.03 25.71
CA ALA B 300 -10.24 -28.68 25.86
C ALA B 300 -11.38 -27.65 25.76
N TRP B 301 -12.26 -27.84 24.79
CA TRP B 301 -13.40 -26.95 24.60
C TRP B 301 -14.28 -26.90 25.84
N LYS B 302 -14.48 -28.06 26.46
CA LYS B 302 -15.34 -28.13 27.65
C LYS B 302 -14.80 -27.29 28.80
N LYS B 303 -13.48 -27.24 28.92
CA LYS B 303 -12.84 -26.42 29.95
C LYS B 303 -13.05 -24.94 29.65
N SER B 304 -12.87 -24.58 28.38
CA SER B 304 -13.06 -23.21 27.93
CA SER B 304 -13.07 -23.21 27.91
C SER B 304 -14.51 -22.78 28.18
N VAL B 305 -15.43 -23.67 27.87
CA VAL B 305 -16.86 -23.42 28.08
C VAL B 305 -17.17 -23.15 29.54
N GLU B 306 -16.56 -23.94 30.43
CA GLU B 306 -16.86 -23.78 31.85
C GLU B 306 -16.39 -22.44 32.39
N SER B 307 -15.23 -22.00 31.89
CA SER B 307 -14.68 -20.70 32.27
C SER B 307 -15.59 -19.56 31.82
N VAL B 308 -16.06 -19.65 30.58
CA VAL B 308 -16.98 -18.66 30.02
C VAL B 308 -18.34 -18.67 30.72
N LYS B 309 -18.88 -19.85 31.00
CA LYS B 309 -20.13 -19.92 31.74
C LYS B 309 -19.97 -19.29 33.11
N LYS B 310 -18.87 -19.60 33.79
CA LYS B 310 -18.59 -19.06 35.11
C LYS B 310 -18.54 -17.53 35.06
N ASN B 311 -17.77 -16.98 34.14
CA ASN B 311 -17.59 -15.53 34.10
C ASN B 311 -18.81 -14.80 33.58
N SER B 312 -19.56 -15.45 32.70
CA SER B 312 -20.80 -14.87 32.20
C SER B 312 -21.87 -14.81 33.31
N ALA B 313 -21.92 -15.83 34.17
CA ALA B 313 -22.81 -15.79 35.33
C ALA B 313 -22.47 -14.63 36.25
N ILE B 314 -21.17 -14.32 36.36
CA ILE B 314 -20.73 -13.16 37.15
C ILE B 314 -21.27 -11.85 36.55
N ALA B 315 -21.18 -11.70 35.23
CA ALA B 315 -21.77 -10.55 34.55
C ALA B 315 -23.29 -10.49 34.74
N ASP B 316 -23.95 -11.64 34.67
CA ASP B 316 -25.39 -11.70 34.95
C ASP B 316 -25.69 -11.13 36.33
N ASP B 317 -24.90 -11.54 37.31
CA ASP B 317 -25.14 -11.16 38.70
C ASP B 317 -24.94 -9.66 38.85
N TYR B 318 -23.93 -9.14 38.17
CA TYR B 318 -23.64 -7.72 38.24
C TYR B 318 -24.80 -6.89 37.72
N PHE B 319 -25.33 -7.29 36.55
CA PHE B 319 -26.43 -6.54 35.94
C PHE B 319 -27.69 -6.67 36.79
N ALA B 320 -27.90 -7.84 37.39
CA ALA B 320 -29.07 -8.07 38.23
C ALA B 320 -29.08 -7.13 39.44
N LYS B 321 -27.90 -6.77 39.92
CA LYS B 321 -27.78 -5.94 41.14
C LYS B 321 -27.66 -4.45 40.86
N ASN B 322 -27.28 -4.09 39.65
CA ASN B 322 -27.04 -2.69 39.31
C ASN B 322 -27.93 -2.20 38.18
N GLN B 323 -29.19 -1.91 38.47
CA GLN B 323 -30.11 -1.42 37.45
C GLN B 323 -29.66 -0.08 36.87
N ALA C 1 22.73 -0.44 -4.39
CA ALA C 1 21.71 0.41 -5.00
C ALA C 1 20.32 -0.11 -4.63
N ARG C 2 19.38 0.00 -5.57
CA ARG C 2 18.11 -0.69 -5.41
C ARG C 2 18.25 -2.01 -6.14
N SER C 3 17.37 -2.96 -5.83
CA SER C 3 17.31 -4.18 -6.59
C SER C 3 16.87 -3.86 -8.01
N LYS C 4 17.22 -4.75 -8.93
CA LYS C 4 16.93 -4.57 -10.35
C LYS C 4 16.35 -5.85 -10.91
N ILE C 5 15.29 -5.71 -11.71
CA ILE C 5 14.64 -6.83 -12.34
C ILE C 5 14.61 -6.57 -13.85
N SER C 6 15.05 -7.53 -14.65
CA SER C 6 14.88 -7.39 -16.09
C SER C 6 13.69 -8.24 -16.52
N VAL C 7 12.87 -7.70 -17.42
CA VAL C 7 11.73 -8.44 -17.94
C VAL C 7 11.95 -8.63 -19.45
N ILE C 8 12.04 -9.88 -19.89
CA ILE C 8 12.24 -10.16 -21.29
C ILE C 8 10.89 -10.46 -21.92
N GLY C 9 10.51 -9.68 -22.93
CA GLY C 9 9.18 -9.76 -23.52
C GLY C 9 8.34 -8.61 -23.02
N ALA C 10 7.92 -7.74 -23.94
CA ALA C 10 7.16 -6.54 -23.56
C ALA C 10 5.72 -6.62 -24.05
N GLY C 11 5.22 -7.83 -24.30
CA GLY C 11 3.82 -8.03 -24.66
C GLY C 11 2.92 -7.87 -23.44
N ALA C 12 1.67 -8.34 -23.52
CA ALA C 12 0.71 -8.14 -22.43
C ALA C 12 1.22 -8.68 -21.10
N VAL C 13 1.76 -9.90 -21.13
CA VAL C 13 2.21 -10.50 -19.87
C VAL C 13 3.45 -9.80 -19.29
N GLY C 14 4.48 -9.64 -20.11
CA GLY C 14 5.70 -8.98 -19.62
C GLY C 14 5.46 -7.56 -19.12
N ALA C 15 4.69 -6.77 -19.87
CA ALA C 15 4.43 -5.39 -19.46
C ALA C 15 3.55 -5.35 -18.21
N THR C 16 2.66 -6.33 -18.07
CA THR C 16 1.83 -6.38 -16.86
C THR C 16 2.74 -6.70 -15.68
N VAL C 17 3.65 -7.64 -15.85
CA VAL C 17 4.63 -7.91 -14.79
C VAL C 17 5.41 -6.65 -14.41
N ALA C 18 5.90 -5.93 -15.41
CA ALA C 18 6.61 -4.68 -15.14
C ALA C 18 5.77 -3.64 -14.38
N GLN C 19 4.53 -3.43 -14.82
CA GLN C 19 3.70 -2.44 -14.13
C GLN C 19 3.40 -2.90 -12.68
N THR C 20 3.24 -4.19 -12.51
CA THR C 20 2.93 -4.78 -11.20
C THR C 20 4.15 -4.64 -10.28
N LEU C 21 5.34 -4.93 -10.79
CA LEU C 21 6.55 -4.74 -9.97
C LEU C 21 6.74 -3.27 -9.56
N ALA C 22 6.37 -2.36 -10.44
CA ALA C 22 6.48 -0.92 -10.14
C ALA C 22 5.55 -0.53 -9.01
N ILE C 23 4.27 -0.88 -9.15
CA ILE C 23 3.28 -0.59 -8.10
C ILE C 23 3.71 -1.17 -6.75
N ARG C 24 4.27 -2.38 -6.78
CA ARG C 24 4.71 -3.04 -5.57
C ARG C 24 6.12 -2.60 -5.16
N GLN C 25 6.72 -1.69 -5.93
CA GLN C 25 8.02 -1.09 -5.61
C GLN C 25 9.13 -2.14 -5.40
N THR C 26 9.10 -3.19 -6.21
CA THR C 26 10.03 -4.29 -6.03
C THR C 26 11.47 -3.89 -6.33
N GLY C 27 11.63 -3.01 -7.31
CA GLY C 27 12.95 -2.53 -7.68
C GLY C 27 12.93 -1.87 -9.04
N ASP C 28 14.10 -1.47 -9.53
CA ASP C 28 14.24 -0.95 -10.89
C ASP C 28 13.83 -2.02 -11.89
N ILE C 29 13.27 -1.59 -13.01
CA ILE C 29 12.70 -2.54 -13.96
C ILE C 29 13.12 -2.20 -15.38
N TYR C 30 13.86 -3.12 -16.00
CA TYR C 30 14.29 -2.95 -17.37
C TYR C 30 13.60 -3.97 -18.26
N ILE C 31 13.01 -3.49 -19.35
CA ILE C 31 12.19 -4.30 -20.23
C ILE C 31 12.90 -4.45 -21.55
N PHE C 32 12.85 -5.66 -22.12
CA PHE C 32 13.54 -5.99 -23.37
C PHE C 32 12.56 -6.67 -24.32
N ASP C 33 12.61 -6.29 -25.60
CA ASP C 33 11.81 -6.98 -26.60
C ASP C 33 12.44 -6.79 -27.97
N ILE C 34 12.36 -7.81 -28.82
CA ILE C 34 12.91 -7.73 -30.16
C ILE C 34 12.18 -6.73 -31.08
N VAL C 35 10.92 -6.44 -30.78
CA VAL C 35 10.11 -5.58 -31.65
C VAL C 35 10.41 -4.12 -31.39
N ASP C 36 10.76 -3.41 -32.46
CA ASP C 36 11.24 -2.05 -32.36
C ASP C 36 10.22 -1.18 -31.65
N GLY C 37 10.69 -0.47 -30.62
CA GLY C 37 9.86 0.48 -29.90
C GLY C 37 9.01 -0.07 -28.76
N LEU C 38 8.73 -1.38 -28.77
CA LEU C 38 7.73 -1.90 -27.84
C LEU C 38 8.16 -1.82 -26.38
N ALA C 39 9.35 -2.31 -26.07
CA ALA C 39 9.78 -2.31 -24.68
C ALA C 39 9.96 -0.87 -24.23
N GLU C 40 10.54 -0.03 -25.09
CA GLU C 40 10.74 1.37 -24.75
C GLU C 40 9.39 2.06 -24.45
N GLY C 41 8.38 1.75 -25.26
CA GLY C 41 7.07 2.34 -25.07
C GLY C 41 6.39 1.89 -23.80
N LYS C 42 6.38 0.57 -23.55
CA LYS C 42 5.79 0.04 -22.31
C LYS C 42 6.48 0.62 -21.10
N ALA C 43 7.80 0.67 -21.11
CA ALA C 43 8.54 1.22 -19.97
C ALA C 43 8.22 2.70 -19.73
N LEU C 44 8.11 3.48 -20.79
CA LEU C 44 7.84 4.90 -20.62
C LEU C 44 6.41 5.14 -20.12
N ASP C 45 5.46 4.40 -20.68
CA ASP C 45 4.06 4.51 -20.26
C ASP C 45 3.97 4.17 -18.77
N ILE C 46 4.69 3.12 -18.36
CA ILE C 46 4.68 2.72 -16.95
C ILE C 46 5.36 3.79 -16.07
N LEU C 47 6.50 4.29 -16.53
CA LEU C 47 7.23 5.28 -15.76
C LEU C 47 6.41 6.55 -15.60
N GLU C 48 5.64 6.91 -16.62
CA GLU C 48 4.95 8.21 -16.61
C GLU C 48 3.81 8.23 -15.59
N GLY C 49 3.46 7.07 -15.07
CA GLY C 49 2.46 6.99 -14.03
C GLY C 49 3.06 7.09 -12.63
N ALA C 50 4.39 7.05 -12.54
CA ALA C 50 5.08 7.14 -11.23
C ALA C 50 4.69 8.34 -10.35
N PRO C 51 4.51 9.53 -10.95
CA PRO C 51 4.15 10.64 -10.05
C PRO C 51 2.82 10.41 -9.33
N HIS C 52 1.87 9.75 -9.98
CA HIS C 52 0.60 9.42 -9.33
C HIS C 52 0.71 8.21 -8.38
N TRP C 53 1.33 7.12 -8.84
CA TRP C 53 1.43 5.89 -8.03
C TRP C 53 2.36 6.06 -6.82
N GLY C 54 3.48 6.74 -7.02
CA GLY C 54 4.45 7.01 -5.97
C GLY C 54 5.75 6.23 -6.06
N TYR C 55 5.96 5.44 -7.11
CA TYR C 55 7.17 4.60 -7.15
C TYR C 55 8.38 5.34 -7.71
N ASP C 56 9.44 5.43 -6.91
CA ASP C 56 10.67 6.11 -7.34
C ASP C 56 11.65 5.06 -7.85
N LEU C 57 11.45 4.67 -9.10
CA LEU C 57 12.20 3.59 -9.71
C LEU C 57 12.69 4.03 -11.08
N ASP C 58 13.81 3.44 -11.50
CA ASP C 58 14.36 3.57 -12.84
C ASP C 58 13.68 2.49 -13.69
N ILE C 59 12.84 2.91 -14.65
CA ILE C 59 12.11 1.98 -15.51
C ILE C 59 12.43 2.34 -16.97
N LYS C 60 13.03 1.40 -17.68
CA LYS C 60 13.57 1.68 -19.03
C LYS C 60 13.30 0.49 -19.92
N GLY C 61 13.24 0.73 -21.23
CA GLY C 61 12.99 -0.35 -22.18
C GLY C 61 13.97 -0.34 -23.33
N PHE C 62 14.29 -1.52 -23.84
CA PHE C 62 15.29 -1.65 -24.91
C PHE C 62 14.85 -2.62 -26.00
N CYS C 63 15.19 -2.28 -27.24
CA CYS C 63 14.94 -3.19 -28.36
C CYS C 63 16.14 -4.11 -28.59
N THR C 64 15.88 -5.41 -28.55
CA THR C 64 16.98 -6.38 -28.63
C THR C 64 17.16 -6.95 -30.03
N ALA C 65 16.62 -6.27 -31.04
CA ALA C 65 16.98 -6.61 -32.42
C ALA C 65 18.49 -6.45 -32.56
N ASP C 66 19.03 -5.48 -31.83
CA ASP C 66 20.47 -5.40 -31.59
C ASP C 66 20.74 -6.14 -30.26
N GLU C 67 21.36 -7.32 -30.36
CA GLU C 67 21.59 -8.21 -29.22
CA GLU C 67 21.49 -8.16 -29.17
C GLU C 67 22.40 -7.55 -28.10
N SER C 68 23.23 -6.59 -28.48
CA SER C 68 24.12 -5.94 -27.53
C SER C 68 23.35 -5.18 -26.45
N LYS C 69 22.08 -4.88 -26.70
CA LYS C 69 21.26 -4.17 -25.72
C LYS C 69 20.97 -5.05 -24.49
N TYR C 70 21.11 -6.37 -24.64
CA TYR C 70 21.01 -7.26 -23.49
C TYR C 70 22.08 -6.96 -22.42
N ALA C 71 23.12 -6.23 -22.79
CA ALA C 71 24.12 -5.79 -21.81
C ALA C 71 23.48 -5.00 -20.67
N GLU C 72 22.33 -4.39 -20.97
CA GLU C 72 21.60 -3.58 -19.98
C GLU C 72 20.97 -4.42 -18.87
N MET C 73 21.01 -5.74 -19.00
CA MET C 73 20.53 -6.61 -17.93
C MET C 73 21.52 -6.68 -16.77
N LYS C 74 22.73 -6.19 -17.00
CA LYS C 74 23.79 -6.30 -15.98
C LYS C 74 23.31 -5.88 -14.59
N GLY C 75 23.62 -6.69 -13.59
CA GLY C 75 23.27 -6.36 -12.21
C GLY C 75 21.85 -6.74 -11.80
N SER C 76 21.12 -7.41 -12.69
CA SER C 76 19.76 -7.81 -12.38
C SER C 76 19.76 -8.89 -11.30
N ASP C 77 18.93 -8.70 -10.27
CA ASP C 77 18.75 -9.74 -9.27
CA ASP C 77 18.71 -9.72 -9.26
C ASP C 77 17.89 -10.87 -9.82
N VAL C 78 16.87 -10.50 -10.58
CA VAL C 78 15.96 -11.47 -11.20
C VAL C 78 15.75 -11.08 -12.66
N ILE C 79 15.64 -12.09 -13.51
CA ILE C 79 15.25 -11.89 -14.90
C ILE C 79 13.99 -12.68 -15.11
N VAL C 80 12.96 -12.01 -15.61
CA VAL C 80 11.69 -12.67 -15.89
C VAL C 80 11.62 -12.94 -17.39
N VAL C 81 11.45 -14.21 -17.78
CA VAL C 81 11.44 -14.54 -19.21
C VAL C 81 10.02 -14.79 -19.69
N THR C 82 9.49 -13.85 -20.48
CA THR C 82 8.12 -13.99 -20.99
C THR C 82 8.09 -14.06 -22.51
N ALA C 83 9.25 -13.98 -23.14
CA ALA C 83 9.31 -14.03 -24.61
C ALA C 83 8.87 -15.39 -25.10
N GLY C 84 8.10 -15.40 -26.18
CA GLY C 84 7.67 -16.65 -26.75
C GLY C 84 7.13 -16.41 -28.13
N LEU C 85 6.78 -17.48 -28.83
CA LEU C 85 6.17 -17.34 -30.15
C LEU C 85 4.67 -17.45 -30.00
N ALA C 86 3.96 -16.59 -30.71
CA ALA C 86 2.51 -16.68 -30.78
C ALA C 86 2.20 -17.84 -31.71
N ARG C 87 1.38 -18.77 -31.24
CA ARG C 87 1.07 -19.96 -32.02
C ARG C 87 0.39 -19.62 -33.34
N LYS C 88 0.97 -20.10 -34.44
CA LYS C 88 0.42 -19.84 -35.77
C LYS C 88 -0.55 -20.94 -36.16
N PRO C 89 -1.56 -20.60 -36.99
CA PRO C 89 -2.50 -21.64 -37.42
C PRO C 89 -1.80 -22.83 -38.11
N GLY C 90 -2.22 -24.04 -37.76
CA GLY C 90 -1.68 -25.24 -38.39
C GLY C 90 -0.44 -25.76 -37.67
N MET C 91 0.04 -24.98 -36.71
CA MET C 91 1.21 -25.35 -35.93
C MET C 91 0.78 -26.19 -34.74
N SER C 92 1.30 -27.41 -34.65
CA SER C 92 0.96 -28.33 -33.57
C SER C 92 1.52 -27.84 -32.24
N ARG C 93 1.06 -28.46 -31.16
CA ARG C 93 1.57 -28.13 -29.84
C ARG C 93 3.06 -28.46 -29.75
N ASP C 94 3.46 -29.61 -30.29
CA ASP C 94 4.88 -29.99 -30.25
C ASP C 94 5.74 -29.06 -31.10
N ASP C 95 5.23 -28.62 -32.24
CA ASP C 95 5.97 -27.64 -33.06
C ASP C 95 6.13 -26.30 -32.34
N LEU C 96 5.07 -25.86 -31.66
CA LEU C 96 5.14 -24.65 -30.85
C LEU C 96 6.18 -24.81 -29.76
N LEU C 97 6.18 -25.97 -29.10
CA LEU C 97 7.13 -26.22 -28.03
C LEU C 97 8.55 -26.06 -28.56
N LEU C 98 8.81 -26.63 -29.74
CA LEU C 98 10.14 -26.57 -30.33
C LEU C 98 10.55 -25.13 -30.62
N LYS C 99 9.63 -24.32 -31.15
CA LYS C 99 9.93 -22.92 -31.44
C LYS C 99 10.30 -22.16 -30.15
N ASN C 100 9.51 -22.39 -29.11
CA ASN C 100 9.72 -21.71 -27.86
C ASN C 100 11.00 -22.17 -27.17
N ILE C 101 11.31 -23.46 -27.30
CA ILE C 101 12.60 -23.96 -26.82
C ILE C 101 13.75 -23.20 -27.52
N GLY C 102 13.57 -22.93 -28.81
CA GLY C 102 14.57 -22.22 -29.58
C GLY C 102 14.76 -20.80 -29.08
N ILE C 103 13.66 -20.16 -28.73
CA ILE C 103 13.71 -18.81 -28.15
C ILE C 103 14.38 -18.84 -26.77
N MET C 104 14.09 -19.87 -25.97
CA MET C 104 14.76 -20.00 -24.67
C MET C 104 16.27 -20.17 -24.86
N LYS C 105 16.68 -20.88 -25.90
CA LYS C 105 18.12 -21.01 -26.15
C LYS C 105 18.78 -19.66 -26.41
N SER C 106 18.20 -18.84 -27.29
CA SER C 106 18.75 -17.51 -27.55
C SER C 106 18.76 -16.65 -26.27
N VAL C 107 17.64 -16.66 -25.56
CA VAL C 107 17.50 -15.87 -24.34
C VAL C 107 18.48 -16.36 -23.28
N GLY C 108 18.55 -17.67 -23.07
CA GLY C 108 19.49 -18.25 -22.12
C GLY C 108 20.94 -17.90 -22.45
N GLU C 109 21.29 -17.93 -23.73
CA GLU C 109 22.64 -17.55 -24.10
C GLU C 109 22.93 -16.07 -23.80
N ALA C 110 21.96 -15.20 -24.01
CA ALA C 110 22.17 -13.78 -23.70
C ALA C 110 22.30 -13.57 -22.19
N ILE C 111 21.53 -14.33 -21.42
CA ILE C 111 21.63 -14.23 -19.97
C ILE C 111 23.00 -14.72 -19.51
N LYS C 112 23.45 -15.85 -20.05
CA LYS C 112 24.79 -16.37 -19.72
C LYS C 112 25.88 -15.34 -20.02
N LYS C 113 25.74 -14.65 -21.15
CA LYS C 113 26.71 -13.63 -21.56
C LYS C 113 26.71 -12.36 -20.71
N TYR C 114 25.52 -11.85 -20.39
CA TYR C 114 25.39 -10.50 -19.85
C TYR C 114 24.95 -10.38 -18.40
N SER C 115 24.32 -11.42 -17.85
CA SER C 115 23.86 -11.37 -16.46
C SER C 115 23.77 -12.76 -15.84
N PRO C 116 24.91 -13.48 -15.80
CA PRO C 116 24.85 -14.88 -15.35
C PRO C 116 24.60 -15.02 -13.84
N GLU C 117 24.65 -13.91 -13.09
CA GLU C 117 24.44 -13.97 -11.63
C GLU C 117 22.96 -13.95 -11.23
N SER C 118 22.07 -13.73 -12.20
CA SER C 118 20.65 -13.55 -11.91
C SER C 118 19.91 -14.84 -11.54
N LYS C 119 18.90 -14.70 -10.68
CA LYS C 119 17.88 -15.75 -10.55
C LYS C 119 16.90 -15.54 -11.69
N ILE C 120 16.31 -16.61 -12.19
CA ILE C 120 15.44 -16.49 -13.37
C ILE C 120 14.04 -16.95 -13.05
N VAL C 121 13.05 -16.17 -13.45
CA VAL C 121 11.67 -16.62 -13.33
C VAL C 121 11.12 -16.79 -14.75
N VAL C 122 10.86 -18.03 -15.14
CA VAL C 122 10.44 -18.33 -16.50
C VAL C 122 8.93 -18.45 -16.59
N VAL C 123 8.35 -17.76 -17.56
CA VAL C 123 6.90 -17.64 -17.71
C VAL C 123 6.36 -18.31 -18.99
N THR C 124 7.15 -18.26 -20.05
CA THR C 124 6.79 -18.86 -21.34
C THR C 124 6.24 -20.29 -21.20
N ASN C 125 5.05 -20.53 -21.75
CA ASN C 125 4.36 -21.82 -21.51
C ASN C 125 4.78 -22.93 -22.48
N PRO C 126 4.94 -24.18 -21.98
CA PRO C 126 4.82 -24.59 -20.58
C PRO C 126 6.10 -24.26 -19.83
N ALA C 127 5.96 -23.59 -18.69
CA ALA C 127 7.08 -22.97 -18.02
C ALA C 127 8.04 -23.99 -17.39
N ASP C 128 7.54 -25.18 -17.04
CA ASP C 128 8.46 -26.20 -16.56
C ASP C 128 9.49 -26.57 -17.63
N ILE C 129 9.00 -26.84 -18.83
CA ILE C 129 9.91 -27.18 -19.91
C ILE C 129 10.78 -26.00 -20.33
N MET C 130 10.19 -24.81 -20.35
CA MET C 130 10.97 -23.63 -20.73
C MET C 130 12.05 -23.27 -19.70
N ALA C 131 11.75 -23.48 -18.41
CA ALA C 131 12.77 -23.35 -17.36
C ALA C 131 13.91 -24.32 -17.62
N TYR C 132 13.55 -25.54 -18.01
CA TYR C 132 14.54 -26.56 -18.31
C TYR C 132 15.41 -26.15 -19.50
N ALA C 133 14.80 -25.58 -20.53
CA ALA C 133 15.55 -25.04 -21.67
C ALA C 133 16.47 -23.89 -21.25
N ILE C 134 15.97 -22.99 -20.42
CA ILE C 134 16.78 -21.87 -19.92
C ILE C 134 17.99 -22.40 -19.15
N TYR C 135 17.75 -23.42 -18.32
CA TYR C 135 18.85 -24.07 -17.60
C TYR C 135 19.91 -24.62 -18.57
N LYS C 136 19.48 -25.38 -19.57
CA LYS C 136 20.41 -25.98 -20.52
C LYS C 136 21.20 -24.92 -21.30
N ALA C 137 20.54 -23.81 -21.62
CA ALA C 137 21.15 -22.75 -22.44
C ALA C 137 22.09 -21.81 -21.67
N SER C 138 21.76 -21.54 -20.42
CA SER C 138 22.42 -20.49 -19.64
C SER C 138 23.51 -21.01 -18.73
N GLY C 139 23.42 -22.30 -18.37
CA GLY C 139 24.37 -22.87 -17.42
C GLY C 139 24.22 -22.42 -15.99
N ILE C 140 23.16 -21.65 -15.72
CA ILE C 140 22.90 -21.16 -14.36
C ILE C 140 22.59 -22.32 -13.42
N SER C 141 23.09 -22.24 -12.19
CA SER C 141 22.87 -23.33 -11.24
C SER C 141 21.36 -23.51 -11.07
N PRO C 142 20.88 -24.77 -11.21
CA PRO C 142 19.45 -24.91 -11.49
C PRO C 142 18.50 -24.52 -10.34
N GLU C 143 18.97 -24.43 -9.10
CA GLU C 143 18.14 -23.93 -8.00
C GLU C 143 17.81 -22.43 -8.16
N ARG C 144 18.52 -21.75 -9.07
CA ARG C 144 18.31 -20.32 -9.29
C ARG C 144 17.29 -20.01 -10.37
N ILE C 145 16.62 -21.05 -10.86
CA ILE C 145 15.63 -20.92 -11.93
C ILE C 145 14.32 -21.54 -11.45
N ILE C 146 13.22 -20.81 -11.62
CA ILE C 146 11.91 -21.36 -11.28
C ILE C 146 10.94 -20.99 -12.38
N GLY C 147 9.87 -21.78 -12.54
CA GLY C 147 8.89 -21.53 -13.59
C GLY C 147 7.53 -21.25 -13.01
N LEU C 148 6.80 -20.33 -13.63
CA LEU C 148 5.41 -20.04 -13.24
C LEU C 148 4.48 -21.22 -13.51
N GLY C 149 3.70 -21.60 -12.51
CA GLY C 149 2.67 -22.61 -12.71
C GLY C 149 1.60 -22.50 -11.64
N GLY C 150 1.88 -23.08 -10.48
CA GLY C 150 0.93 -23.15 -9.38
C GLY C 150 0.45 -21.81 -8.84
N SER C 151 1.28 -20.77 -8.91
CA SER C 151 0.84 -19.45 -8.46
C SER C 151 -0.41 -18.98 -9.20
N LEU C 152 -0.44 -19.23 -10.51
CA LEU C 152 -1.59 -18.86 -11.34
C LEU C 152 -2.76 -19.82 -11.17
N ASP C 153 -2.50 -21.12 -11.19
CA ASP C 153 -3.59 -22.08 -11.00
C ASP C 153 -4.24 -21.88 -9.63
N SER C 154 -3.41 -21.65 -8.61
CA SER C 154 -3.92 -21.46 -7.26
CA SER C 154 -3.95 -21.49 -7.27
C SER C 154 -4.78 -20.21 -7.15
N THR C 155 -4.37 -19.13 -7.81
CA THR C 155 -5.17 -17.91 -7.69
C THR C 155 -6.55 -18.05 -8.33
N ARG C 156 -6.62 -18.73 -9.48
CA ARG C 156 -7.89 -19.02 -10.10
C ARG C 156 -8.77 -19.92 -9.22
N PHE C 157 -8.19 -21.00 -8.73
CA PHE C 157 -8.89 -21.97 -7.88
C PHE C 157 -9.43 -21.22 -6.64
N ARG C 158 -8.59 -20.38 -6.04
CA ARG C 158 -9.02 -19.57 -4.89
C ARG C 158 -10.18 -18.63 -5.21
N THR C 159 -10.11 -17.99 -6.38
CA THR C 159 -11.17 -17.08 -6.81
C THR C 159 -12.49 -17.83 -6.89
N PHE C 160 -12.46 -19.00 -7.51
CA PHE C 160 -13.70 -19.76 -7.72
C PHE C 160 -14.30 -20.24 -6.39
N LEU C 161 -13.46 -20.71 -5.49
CA LEU C 161 -13.91 -21.20 -4.18
C LEU C 161 -14.48 -20.06 -3.33
N ALA C 162 -13.79 -18.91 -3.36
CA ALA C 162 -14.22 -17.76 -2.57
C ALA C 162 -15.59 -17.25 -3.01
N GLN C 163 -15.79 -17.18 -4.33
CA GLN C 163 -17.09 -16.80 -4.87
C GLN C 163 -18.18 -17.83 -4.53
N GLU C 164 -17.82 -19.10 -4.56
CA GLU C 164 -18.81 -20.15 -4.32
C GLU C 164 -19.26 -20.14 -2.86
N LEU C 165 -18.31 -19.90 -1.97
CA LEU C 165 -18.57 -19.94 -0.53
C LEU C 165 -18.86 -18.56 0.07
N ASN C 166 -18.80 -17.52 -0.78
CA ASN C 166 -19.00 -16.13 -0.36
C ASN C 166 -18.10 -15.76 0.83
N VAL C 167 -16.80 -15.93 0.65
CA VAL C 167 -15.83 -15.54 1.67
C VAL C 167 -14.70 -14.73 1.03
N SER C 168 -13.95 -14.02 1.88
CA SER C 168 -12.78 -13.24 1.43
C SER C 168 -11.78 -14.10 0.64
N PHE C 169 -11.22 -13.53 -0.44
CA PHE C 169 -10.15 -14.19 -1.18
C PHE C 169 -8.92 -14.44 -0.30
N GLU C 170 -8.76 -13.63 0.76
CA GLU C 170 -7.57 -13.76 1.60
CA GLU C 170 -7.58 -13.76 1.62
C GLU C 170 -7.59 -15.06 2.42
N ASP C 171 -8.78 -15.61 2.62
CA ASP C 171 -8.92 -16.74 3.54
C ASP C 171 -9.06 -18.10 2.88
N VAL C 172 -9.17 -18.11 1.55
N VAL C 172 -9.18 -18.11 1.55
CA VAL C 172 -9.24 -19.35 0.80
CA VAL C 172 -9.24 -19.38 0.83
C VAL C 172 -7.84 -19.85 0.44
C VAL C 172 -7.85 -19.84 0.46
N ASN C 173 -7.62 -21.14 0.63
CA ASN C 173 -6.34 -21.74 0.27
C ASN C 173 -6.61 -22.91 -0.64
N ALA C 174 -5.95 -22.93 -1.79
CA ALA C 174 -6.25 -23.94 -2.79
C ALA C 174 -4.93 -24.57 -3.19
N PHE C 175 -4.81 -25.86 -2.92
CA PHE C 175 -3.51 -26.53 -3.05
C PHE C 175 -3.41 -27.24 -4.40
N VAL C 176 -2.46 -26.82 -5.23
CA VAL C 176 -2.17 -27.53 -6.48
C VAL C 176 -0.68 -27.71 -6.72
N ILE C 177 -0.32 -28.77 -7.43
CA ILE C 177 1.05 -28.96 -7.93
C ILE C 177 0.99 -29.42 -9.39
N GLY C 178 2.15 -29.70 -9.98
CA GLY C 178 2.21 -30.15 -11.37
C GLY C 178 2.04 -29.01 -12.36
N GLY C 179 1.55 -29.34 -13.55
CA GLY C 179 1.38 -28.36 -14.63
C GLY C 179 0.01 -27.74 -14.70
N HIS C 180 -0.37 -27.27 -15.89
CA HIS C 180 -1.70 -26.73 -16.15
C HIS C 180 -2.57 -27.82 -16.78
N GLY C 181 -3.87 -27.58 -16.83
CA GLY C 181 -4.78 -28.46 -17.55
C GLY C 181 -4.81 -29.82 -16.90
N ASP C 182 -4.69 -30.86 -17.72
CA ASP C 182 -4.72 -32.21 -17.18
C ASP C 182 -3.45 -32.56 -16.38
N ASP C 183 -2.41 -31.75 -16.51
CA ASP C 183 -1.20 -31.99 -15.72
C ASP C 183 -1.28 -31.38 -14.31
N MET C 184 -2.34 -30.64 -14.07
CA MET C 184 -2.53 -30.04 -12.74
C MET C 184 -3.02 -31.09 -11.74
N VAL C 185 -2.42 -31.09 -10.54
CA VAL C 185 -2.82 -32.07 -9.53
C VAL C 185 -3.23 -31.33 -8.26
N PRO C 186 -4.55 -31.22 -8.02
CA PRO C 186 -5.05 -30.58 -6.79
C PRO C 186 -4.98 -31.56 -5.62
N PHE C 187 -4.78 -31.03 -4.42
CA PHE C 187 -4.92 -31.82 -3.19
C PHE C 187 -6.08 -31.18 -2.49
N ILE C 188 -7.26 -31.77 -2.62
CA ILE C 188 -8.48 -31.17 -2.10
C ILE C 188 -8.39 -31.12 -0.59
N ARG C 189 -7.80 -32.17 -0.01
CA ARG C 189 -7.68 -32.27 1.44
C ARG C 189 -6.80 -31.17 2.02
N TYR C 190 -5.93 -30.56 1.21
CA TYR C 190 -5.09 -29.46 1.69
C TYR C 190 -5.70 -28.10 1.32
N SER C 191 -6.95 -28.10 0.82
CA SER C 191 -7.60 -26.85 0.46
C SER C 191 -8.65 -26.52 1.51
N ASN C 192 -8.75 -25.24 1.87
CA ASN C 192 -9.54 -24.90 3.04
C ASN C 192 -9.92 -23.43 3.03
N VAL C 193 -10.83 -23.08 3.95
CA VAL C 193 -11.16 -21.70 4.21
C VAL C 193 -10.77 -21.44 5.66
N SER C 194 -9.75 -20.62 5.86
CA SER C 194 -9.18 -20.37 7.19
C SER C 194 -8.93 -21.65 7.99
N GLY C 195 -8.49 -22.70 7.32
CA GLY C 195 -8.16 -23.95 7.99
C GLY C 195 -9.27 -24.96 7.92
N ILE C 196 -10.50 -24.51 7.68
CA ILE C 196 -11.62 -25.45 7.59
C ILE C 196 -11.59 -26.13 6.23
N PRO C 197 -11.45 -27.47 6.20
CA PRO C 197 -11.30 -28.17 4.91
C PRO C 197 -12.48 -27.89 3.97
N ILE C 198 -12.22 -27.68 2.68
CA ILE C 198 -13.35 -27.47 1.77
C ILE C 198 -14.27 -28.69 1.68
N GLU C 199 -13.74 -29.88 1.98
CA GLU C 199 -14.59 -31.08 2.03
C GLU C 199 -15.62 -31.04 3.16
N ASP C 200 -15.45 -30.11 4.09
CA ASP C 200 -16.44 -29.88 5.13
C ASP C 200 -17.44 -28.79 4.76
N LEU C 201 -17.26 -28.17 3.60
CA LEU C 201 -18.06 -27.02 3.16
C LEU C 201 -18.79 -27.22 1.83
N LEU C 202 -18.24 -28.06 0.96
CA LEU C 202 -18.79 -28.25 -0.38
C LEU C 202 -18.84 -29.72 -0.70
N PRO C 203 -19.88 -30.14 -1.45
CA PRO C 203 -19.96 -31.54 -1.85
C PRO C 203 -19.04 -31.84 -3.02
N ARG C 204 -18.73 -33.11 -3.22
CA ARG C 204 -17.77 -33.54 -4.22
C ARG C 204 -18.06 -33.00 -5.62
N GLU C 205 -19.33 -33.03 -6.02
CA GLU C 205 -19.69 -32.55 -7.35
C GLU C 205 -19.32 -31.09 -7.58
N LYS C 206 -19.56 -30.24 -6.58
N LYS C 206 -19.55 -30.25 -6.57
CA LYS C 206 -19.23 -28.82 -6.70
CA LYS C 206 -19.23 -28.81 -6.69
C LYS C 206 -17.72 -28.61 -6.73
C LYS C 206 -17.72 -28.59 -6.71
N ILE C 207 -17.01 -29.36 -5.89
CA ILE C 207 -15.54 -29.28 -5.88
C ILE C 207 -14.97 -29.71 -7.22
N ASP C 208 -15.48 -30.81 -7.78
CA ASP C 208 -15.07 -31.29 -9.11
C ASP C 208 -15.28 -30.22 -10.19
N GLU C 209 -16.42 -29.53 -10.14
CA GLU C 209 -16.68 -28.48 -11.13
C GLU C 209 -15.66 -27.38 -11.07
N ILE C 210 -15.29 -27.00 -9.86
CA ILE C 210 -14.33 -25.92 -9.65
C ILE C 210 -12.93 -26.36 -10.04
N VAL C 211 -12.59 -27.63 -9.78
CA VAL C 211 -11.30 -28.16 -10.20
C VAL C 211 -11.19 -28.11 -11.72
N LYS C 212 -12.28 -28.48 -12.37
CA LYS C 212 -12.28 -28.54 -13.82
C LYS C 212 -12.18 -27.13 -14.39
N ARG C 213 -12.89 -26.19 -13.77
CA ARG C 213 -12.83 -24.81 -14.24
C ARG C 213 -11.40 -24.28 -14.10
N THR C 214 -10.73 -24.68 -13.02
CA THR C 214 -9.34 -24.30 -12.80
C THR C 214 -8.40 -24.90 -13.85
N ARG C 215 -8.62 -26.18 -14.16
CA ARG C 215 -7.82 -26.87 -15.18
C ARG C 215 -7.80 -26.11 -16.49
N PHE C 216 -8.96 -25.62 -16.90
CA PHE C 216 -9.08 -24.93 -18.18
C PHE C 216 -9.28 -23.42 -18.03
N GLY C 217 -8.80 -22.90 -16.90
CA GLY C 217 -8.91 -21.49 -16.57
C GLY C 217 -8.30 -20.55 -17.61
N GLY C 218 -7.14 -20.92 -18.14
CA GLY C 218 -6.50 -20.12 -19.17
C GLY C 218 -7.36 -20.09 -20.41
N GLY C 219 -7.92 -21.24 -20.78
CA GLY C 219 -8.72 -21.36 -21.97
C GLY C 219 -10.00 -20.56 -21.87
N GLU C 220 -10.56 -20.51 -20.66
CA GLU C 220 -11.77 -19.71 -20.41
C GLU C 220 -11.53 -18.23 -20.75
N ILE C 221 -10.37 -17.71 -20.38
CA ILE C 221 -10.06 -16.31 -20.69
C ILE C 221 -9.82 -16.12 -22.20
N VAL C 222 -9.09 -17.06 -22.81
CA VAL C 222 -8.89 -17.04 -24.26
C VAL C 222 -10.20 -17.00 -25.03
N ASN C 223 -11.19 -17.75 -24.59
CA ASN C 223 -12.49 -17.76 -25.28
C ASN C 223 -13.24 -16.44 -25.18
N LEU C 224 -12.98 -15.69 -24.11
CA LEU C 224 -13.58 -14.36 -23.91
C LEU C 224 -12.83 -13.27 -24.65
N TYR C 225 -11.51 -13.29 -24.55
CA TYR C 225 -10.67 -12.34 -25.26
C TYR C 225 -10.66 -12.59 -26.76
N LYS C 226 -10.74 -13.87 -27.15
CA LYS C 226 -10.73 -14.33 -28.54
C LYS C 226 -9.40 -14.14 -29.27
N THR C 227 -8.75 -12.99 -29.09
CA THR C 227 -7.56 -12.66 -29.85
C THR C 227 -6.28 -12.71 -29.03
N GLY C 228 -6.41 -13.07 -27.75
CA GLY C 228 -5.23 -13.14 -26.90
C GLY C 228 -5.51 -13.97 -25.67
N SER C 229 -4.54 -14.04 -24.77
CA SER C 229 -4.68 -14.85 -23.57
C SER C 229 -4.59 -13.99 -22.31
N ALA C 230 -4.77 -14.64 -21.15
CA ALA C 230 -4.83 -13.91 -19.88
C ALA C 230 -3.51 -13.21 -19.59
N PHE C 231 -3.59 -12.10 -18.87
CA PHE C 231 -2.37 -11.38 -18.49
C PHE C 231 -2.44 -10.70 -17.12
N TYR C 232 -3.62 -10.26 -16.70
CA TYR C 232 -3.73 -9.59 -15.39
C TYR C 232 -3.44 -10.54 -14.24
N ALA C 233 -4.12 -11.68 -14.21
CA ALA C 233 -3.86 -12.63 -13.13
C ALA C 233 -2.47 -13.27 -13.25
N PRO C 234 -2.05 -13.63 -14.49
CA PRO C 234 -0.65 -14.09 -14.58
C PRO C 234 0.37 -13.04 -14.08
N GLY C 235 0.13 -11.77 -14.38
CA GLY C 235 1.06 -10.72 -13.98
C GLY C 235 1.33 -10.68 -12.50
N ILE C 236 0.28 -10.64 -11.70
CA ILE C 236 0.47 -10.64 -10.25
C ILE C 236 0.98 -12.00 -9.74
N SER C 237 0.53 -13.10 -10.34
CA SER C 237 1.01 -14.44 -9.96
C SER C 237 2.53 -14.57 -10.14
N ILE C 238 3.04 -13.93 -11.19
CA ILE C 238 4.47 -13.85 -11.45
C ILE C 238 5.18 -12.91 -10.45
N ALA C 239 4.59 -11.73 -10.25
CA ALA C 239 5.20 -10.72 -9.41
C ALA C 239 5.39 -11.21 -7.98
N VAL C 240 4.46 -12.02 -7.47
CA VAL C 240 4.62 -12.51 -6.08
C VAL C 240 5.80 -13.48 -5.99
N MET C 241 6.10 -14.18 -7.09
CA MET C 241 7.28 -15.04 -7.11
C MET C 241 8.54 -14.18 -7.13
N VAL C 242 8.56 -13.22 -8.05
CA VAL C 242 9.71 -12.33 -8.20
C VAL C 242 10.06 -11.58 -6.91
N GLU C 243 9.06 -10.98 -6.26
CA GLU C 243 9.36 -10.21 -5.05
C GLU C 243 9.80 -11.12 -3.88
N SER C 244 9.37 -12.39 -3.86
CA SER C 244 9.88 -13.31 -2.83
C SER C 244 11.39 -13.55 -2.98
N ILE C 245 11.87 -13.56 -4.22
CA ILE C 245 13.32 -13.66 -4.44
C ILE C 245 14.00 -12.35 -4.06
N VAL C 246 13.53 -11.24 -4.62
CA VAL C 246 14.21 -9.96 -4.44
C VAL C 246 14.27 -9.54 -2.98
N ASN C 247 13.15 -9.74 -2.30
CA ASN C 247 13.03 -9.35 -0.90
C ASN C 247 13.18 -10.49 0.09
N ASP C 248 13.62 -11.65 -0.41
CA ASP C 248 13.92 -12.83 0.42
C ASP C 248 12.77 -13.12 1.40
N ARG C 249 11.53 -13.21 0.87
CA ARG C 249 10.35 -13.33 1.72
C ARG C 249 10.13 -14.76 2.20
N LYS C 250 10.65 -15.75 1.45
CA LYS C 250 10.45 -17.17 1.79
C LYS C 250 8.98 -17.60 1.69
N ARG C 251 8.31 -17.06 0.67
CA ARG C 251 6.98 -17.52 0.30
C ARG C 251 7.07 -19.00 -0.02
N VAL C 252 6.00 -19.74 0.30
CA VAL C 252 5.91 -21.15 -0.06
C VAL C 252 4.81 -21.27 -1.09
N ILE C 253 5.20 -21.51 -2.33
CA ILE C 253 4.29 -21.48 -3.48
C ILE C 253 4.70 -22.59 -4.44
N PRO C 254 3.72 -23.32 -5.01
CA PRO C 254 4.12 -24.29 -6.03
C PRO C 254 4.62 -23.63 -7.32
N CYS C 255 5.83 -24.00 -7.73
CA CYS C 255 6.46 -23.47 -8.93
C CYS C 255 7.20 -24.61 -9.62
N ALA C 256 7.48 -24.47 -10.92
CA ALA C 256 8.34 -25.43 -11.57
C ALA C 256 9.77 -25.31 -11.02
N ALA C 257 10.31 -26.42 -10.55
CA ALA C 257 11.63 -26.39 -9.88
C ALA C 257 12.41 -27.62 -10.27
N TYR C 258 13.73 -27.51 -10.27
CA TYR C 258 14.60 -28.63 -10.62
C TYR C 258 14.59 -29.72 -9.54
N ILE C 259 14.27 -30.95 -9.93
CA ILE C 259 14.17 -32.04 -8.98
C ILE C 259 15.38 -32.96 -9.07
N THR C 260 16.10 -33.13 -7.96
CA THR C 260 17.26 -34.01 -7.95
C THR C 260 17.45 -34.58 -6.55
N GLY C 261 18.40 -35.49 -6.38
CA GLY C 261 18.75 -36.01 -5.08
C GLY C 261 17.58 -36.68 -4.38
N GLU C 262 17.39 -36.37 -3.10
CA GLU C 262 16.36 -37.04 -2.31
C GLU C 262 14.96 -36.74 -2.84
N HIS C 263 14.78 -35.56 -3.46
CA HIS C 263 13.47 -35.15 -3.92
C HIS C 263 12.97 -36.01 -5.08
N SER C 264 13.91 -36.60 -5.82
CA SER C 264 13.54 -37.49 -6.91
C SER C 264 12.82 -38.74 -6.43
N LYS C 265 13.14 -39.18 -5.22
CA LYS C 265 12.46 -40.35 -4.65
C LYS C 265 10.98 -40.09 -4.44
N THR C 266 10.65 -38.85 -4.07
CA THR C 266 9.26 -38.48 -3.89
C THR C 266 8.55 -38.18 -5.20
N TYR C 267 9.20 -37.41 -6.08
CA TYR C 267 8.50 -36.84 -7.25
C TYR C 267 8.67 -37.63 -8.55
N LEU C 268 9.46 -38.70 -8.49
CA LEU C 268 9.56 -39.68 -9.58
C LEU C 268 10.15 -39.11 -10.88
N VAL C 269 10.88 -38.01 -10.77
CA VAL C 269 11.62 -37.48 -11.90
C VAL C 269 13.01 -37.16 -11.40
N ASN C 270 13.97 -37.16 -12.29
CA ASN C 270 15.30 -36.76 -11.91
C ASN C 270 15.88 -35.77 -12.89
N ASN C 271 16.41 -34.67 -12.38
CA ASN C 271 17.14 -33.70 -13.19
C ASN C 271 16.26 -33.06 -14.26
N LEU C 272 15.02 -32.75 -13.88
CA LEU C 272 14.04 -32.07 -14.72
C LEU C 272 13.30 -31.09 -13.84
N PHE C 273 12.61 -30.12 -14.47
CA PHE C 273 11.75 -29.20 -13.74
C PHE C 273 10.30 -29.68 -13.76
N ILE C 274 9.64 -29.60 -12.60
CA ILE C 274 8.21 -29.89 -12.50
C ILE C 274 7.63 -29.12 -11.30
N GLY C 275 6.34 -28.81 -11.36
CA GLY C 275 5.71 -27.96 -10.34
C GLY C 275 5.54 -28.64 -8.98
N VAL C 276 6.22 -28.10 -7.96
CA VAL C 276 6.16 -28.65 -6.61
C VAL C 276 6.20 -27.47 -5.62
N PRO C 277 5.77 -27.69 -4.37
CA PRO C 277 5.84 -26.57 -3.41
C PRO C 277 7.30 -26.22 -3.04
N ILE C 278 7.68 -24.95 -3.22
CA ILE C 278 9.02 -24.51 -2.87
C ILE C 278 8.99 -23.29 -1.97
N LYS C 279 10.05 -23.14 -1.18
CA LYS C 279 10.27 -21.94 -0.42
C LYS C 279 11.17 -21.09 -1.33
N ILE C 280 10.68 -19.88 -1.65
CA ILE C 280 11.35 -18.97 -2.58
C ILE C 280 12.08 -17.87 -1.82
N GLY C 281 13.40 -17.79 -1.97
CA GLY C 281 14.17 -16.76 -1.29
C GLY C 281 15.26 -16.17 -2.18
N LYS C 282 16.21 -15.48 -1.56
CA LYS C 282 17.22 -14.72 -2.32
C LYS C 282 18.13 -15.63 -3.15
N ASN C 283 18.21 -16.91 -2.79
CA ASN C 283 19.03 -17.86 -3.55
C ASN C 283 18.23 -18.62 -4.60
N GLY C 284 16.94 -18.29 -4.71
CA GLY C 284 16.05 -19.01 -5.61
C GLY C 284 15.30 -20.05 -4.82
N VAL C 285 15.40 -21.31 -5.23
CA VAL C 285 14.73 -22.38 -4.50
C VAL C 285 15.49 -22.69 -3.20
N GLU C 286 14.91 -22.34 -2.05
CA GLU C 286 15.56 -22.52 -0.75
CA GLU C 286 15.61 -22.55 -0.80
C GLU C 286 15.22 -23.88 -0.15
N LYS C 287 14.10 -24.44 -0.57
CA LYS C 287 13.62 -25.73 -0.07
C LYS C 287 12.57 -26.29 -1.02
N ILE C 288 12.61 -27.59 -1.24
CA ILE C 288 11.51 -28.28 -1.90
C ILE C 288 10.81 -29.11 -0.84
N TYR C 289 9.50 -28.95 -0.70
CA TYR C 289 8.76 -29.75 0.26
C TYR C 289 8.40 -31.08 -0.40
N ASP C 290 8.59 -32.18 0.32
CA ASP C 290 8.28 -33.50 -0.23
C ASP C 290 6.93 -33.97 0.28
N LEU C 291 5.96 -33.98 -0.62
CA LEU C 291 4.59 -34.32 -0.24
C LEU C 291 4.32 -35.81 -0.14
N LYS C 292 3.24 -36.13 0.58
CA LYS C 292 2.75 -37.49 0.71
CA LYS C 292 2.74 -37.48 0.72
C LYS C 292 1.47 -37.62 -0.10
N PHE C 293 1.50 -38.46 -1.12
CA PHE C 293 0.37 -38.65 -2.04
C PHE C 293 -0.59 -39.75 -1.59
N ASN C 294 -1.89 -39.52 -1.71
CA ASN C 294 -2.82 -40.66 -1.69
C ASN C 294 -2.86 -41.31 -3.08
N GLU C 295 -3.72 -42.31 -3.26
CA GLU C 295 -3.69 -43.05 -4.52
C GLU C 295 -4.13 -42.18 -5.71
N ASP C 296 -5.21 -41.44 -5.55
CA ASP C 296 -5.68 -40.55 -6.62
C ASP C 296 -4.61 -39.56 -7.03
N GLU C 297 -3.98 -38.95 -6.03
CA GLU C 297 -2.94 -37.96 -6.28
C GLU C 297 -1.71 -38.59 -6.93
N LEU C 298 -1.31 -39.76 -6.45
CA LEU C 298 -0.17 -40.50 -7.06
C LEU C 298 -0.41 -40.81 -8.55
N GLU C 299 -1.61 -41.29 -8.87
CA GLU C 299 -1.93 -41.62 -10.26
C GLU C 299 -1.98 -40.37 -11.15
N ALA C 300 -2.53 -39.29 -10.63
CA ALA C 300 -2.59 -38.03 -11.37
C ALA C 300 -1.18 -37.48 -11.54
N TRP C 301 -0.36 -37.64 -10.51
CA TRP C 301 1.06 -37.21 -10.59
C TRP C 301 1.86 -37.99 -11.64
N LYS C 302 1.64 -39.30 -11.74
CA LYS C 302 2.34 -40.10 -12.72
C LYS C 302 2.05 -39.61 -14.14
N LYS C 303 0.81 -39.22 -14.38
CA LYS C 303 0.40 -38.63 -15.66
C LYS C 303 1.13 -37.31 -15.91
N SER C 304 1.20 -36.48 -14.88
CA SER C 304 1.86 -35.19 -14.98
CA SER C 304 1.85 -35.19 -15.00
C SER C 304 3.35 -35.36 -15.26
N VAL C 305 3.94 -36.35 -14.59
CA VAL C 305 5.35 -36.67 -14.77
C VAL C 305 5.63 -37.10 -16.20
N GLU C 306 4.77 -37.97 -16.73
CA GLU C 306 4.98 -38.46 -18.10
C GLU C 306 4.96 -37.33 -19.13
N SER C 307 4.05 -36.38 -18.96
CA SER C 307 3.98 -35.22 -19.83
C SER C 307 5.28 -34.41 -19.77
N VAL C 308 5.76 -34.17 -18.55
CA VAL C 308 7.02 -33.46 -18.37
C VAL C 308 8.23 -34.24 -18.91
N LYS C 309 8.23 -35.56 -18.72
CA LYS C 309 9.33 -36.35 -19.25
C LYS C 309 9.36 -36.28 -20.78
N LYS C 310 8.20 -36.40 -21.41
CA LYS C 310 8.08 -36.36 -22.87
CA LYS C 310 8.16 -36.38 -22.87
C LYS C 310 8.54 -35.02 -23.43
N ASN C 311 8.05 -33.94 -22.83
CA ASN C 311 8.40 -32.62 -23.35
C ASN C 311 9.87 -32.29 -23.08
N SER C 312 10.38 -32.75 -21.94
CA SER C 312 11.79 -32.52 -21.60
C SER C 312 12.71 -33.30 -22.54
N ALA C 313 12.26 -34.48 -22.97
CA ALA C 313 13.00 -35.28 -23.94
C ALA C 313 13.10 -34.54 -25.27
N ILE C 314 12.01 -33.89 -25.67
CA ILE C 314 12.04 -33.06 -26.87
C ILE C 314 13.07 -31.94 -26.73
N ALA C 315 13.11 -31.31 -25.57
CA ALA C 315 14.11 -30.27 -25.31
C ALA C 315 15.53 -30.83 -25.35
N ASP C 316 15.77 -31.99 -24.73
CA ASP C 316 17.10 -32.62 -24.77
C ASP C 316 17.53 -32.86 -26.22
N ASP C 317 16.61 -33.41 -27.00
CA ASP C 317 16.88 -33.72 -28.40
C ASP C 317 17.21 -32.44 -29.19
N TYR C 318 16.45 -31.37 -28.94
CA TYR C 318 16.75 -30.08 -29.54
C TYR C 318 18.16 -29.58 -29.21
N PHE C 319 18.51 -29.54 -27.92
CA PHE C 319 19.86 -29.10 -27.55
C PHE C 319 20.99 -29.99 -28.08
N ALA C 320 20.72 -31.29 -28.19
CA ALA C 320 21.73 -32.24 -28.68
C ALA C 320 22.08 -32.06 -30.16
N LYS C 321 21.17 -31.54 -30.97
CA LYS C 321 21.50 -31.33 -32.37
C LYS C 321 21.76 -29.88 -32.73
N ASN C 322 21.86 -29.04 -31.71
CA ASN C 322 22.18 -27.63 -31.92
C ASN C 322 23.44 -27.19 -31.17
N GLN C 323 24.10 -28.16 -30.52
CA GLN C 323 25.42 -27.96 -29.92
C GLN C 323 25.98 -29.29 -29.42
N ALA D 1 -23.25 -1.48 0.33
CA ALA D 1 -22.06 -1.79 1.11
C ALA D 1 -20.86 -0.98 0.63
N ARG D 2 -20.29 -1.40 -0.49
CA ARG D 2 -19.16 -0.68 -1.05
C ARG D 2 -19.64 0.24 -2.16
N SER D 3 -18.83 1.24 -2.47
CA SER D 3 -19.05 2.05 -3.65
C SER D 3 -18.94 1.21 -4.90
N LYS D 4 -19.50 1.74 -5.98
CA LYS D 4 -19.54 1.02 -7.25
C LYS D 4 -19.10 1.97 -8.35
N ILE D 5 -18.20 1.48 -9.21
CA ILE D 5 -17.76 2.24 -10.36
C ILE D 5 -18.08 1.42 -11.62
N SER D 6 -18.67 2.07 -12.63
CA SER D 6 -18.81 1.42 -13.92
C SER D 6 -17.79 1.99 -14.90
N VAL D 7 -17.19 1.11 -15.69
CA VAL D 7 -16.27 1.54 -16.75
C VAL D 7 -16.83 1.13 -18.09
N ILE D 8 -17.10 2.12 -18.93
CA ILE D 8 -17.61 1.89 -20.25
C ILE D 8 -16.47 1.90 -21.27
N GLY D 9 -16.22 0.75 -21.88
CA GLY D 9 -15.08 0.54 -22.76
C GLY D 9 -14.10 -0.38 -22.04
N ALA D 10 -13.83 -1.54 -22.64
CA ALA D 10 -13.02 -2.54 -21.99
C ALA D 10 -11.75 -2.77 -22.78
N GLY D 11 -11.34 -1.75 -23.54
CA GLY D 11 -10.08 -1.76 -24.28
C GLY D 11 -8.92 -1.52 -23.33
N ALA D 12 -7.76 -1.15 -23.86
CA ALA D 12 -6.57 -1.00 -23.01
C ALA D 12 -6.82 0.02 -21.90
N VAL D 13 -7.37 1.16 -22.24
CA VAL D 13 -7.52 2.22 -21.26
C VAL D 13 -8.56 1.83 -20.21
N GLY D 14 -9.75 1.40 -20.65
CA GLY D 14 -10.81 1.06 -19.71
C GLY D 14 -10.41 -0.07 -18.76
N ALA D 15 -9.79 -1.11 -19.31
CA ALA D 15 -9.41 -2.25 -18.48
C ALA D 15 -8.28 -1.87 -17.51
N THR D 16 -7.39 -0.99 -17.94
CA THR D 16 -6.35 -0.48 -17.03
C THR D 16 -6.96 0.31 -15.88
N VAL D 17 -7.95 1.13 -16.18
CA VAL D 17 -8.67 1.85 -15.15
C VAL D 17 -9.28 0.84 -14.17
N ALA D 18 -9.90 -0.21 -14.71
CA ALA D 18 -10.52 -1.21 -13.84
C ALA D 18 -9.52 -1.90 -12.92
N GLN D 19 -8.40 -2.34 -13.48
CA GLN D 19 -7.41 -3.04 -12.67
C GLN D 19 -6.84 -2.08 -11.61
N THR D 20 -6.71 -0.81 -11.99
CA THR D 20 -6.14 0.22 -11.09
C THR D 20 -7.06 0.47 -9.91
N LEU D 21 -8.34 0.65 -10.19
CA LEU D 21 -9.34 0.83 -9.16
C LEU D 21 -9.38 -0.39 -8.23
N ALA D 22 -9.21 -1.58 -8.79
CA ALA D 22 -9.19 -2.78 -7.95
C ALA D 22 -8.01 -2.77 -6.98
N ILE D 23 -6.81 -2.56 -7.52
CA ILE D 23 -5.60 -2.51 -6.71
C ILE D 23 -5.75 -1.49 -5.59
N ARG D 24 -6.26 -0.31 -5.95
CA ARG D 24 -6.44 0.77 -4.98
C ARG D 24 -7.72 0.60 -4.15
N GLN D 25 -8.42 -0.51 -4.37
CA GLN D 25 -9.62 -0.89 -3.60
C GLN D 25 -10.69 0.20 -3.54
N THR D 26 -10.90 0.85 -4.67
CA THR D 26 -11.79 2.01 -4.72
C THR D 26 -13.25 1.59 -4.52
N GLY D 27 -13.63 0.45 -5.10
CA GLY D 27 -14.98 -0.03 -4.97
C GLY D 27 -15.25 -1.20 -5.89
N ASP D 28 -16.48 -1.71 -5.91
CA ASP D 28 -16.86 -2.73 -6.89
C ASP D 28 -16.76 -2.11 -8.28
N ILE D 29 -16.43 -2.92 -9.27
CA ILE D 29 -16.13 -2.41 -10.61
C ILE D 29 -16.88 -3.22 -11.64
N TYR D 30 -17.76 -2.56 -12.40
CA TYR D 30 -18.46 -3.22 -13.48
C TYR D 30 -17.97 -2.68 -14.81
N ILE D 31 -17.65 -3.58 -15.75
CA ILE D 31 -17.07 -3.18 -17.02
C ILE D 31 -18.03 -3.50 -18.15
N PHE D 32 -18.16 -2.59 -19.10
CA PHE D 32 -19.13 -2.70 -20.20
C PHE D 32 -18.45 -2.48 -21.53
N ASP D 33 -18.78 -3.31 -22.51
CA ASP D 33 -18.25 -3.10 -23.86
C ASP D 33 -19.18 -3.73 -24.89
N ILE D 34 -19.31 -3.11 -26.05
CA ILE D 34 -20.17 -3.64 -27.09
C ILE D 34 -19.64 -4.95 -27.71
N VAL D 35 -18.33 -5.18 -27.61
CA VAL D 35 -17.69 -6.34 -28.23
C VAL D 35 -17.88 -7.61 -27.39
N ASP D 36 -18.48 -8.63 -28.01
CA ASP D 36 -18.83 -9.88 -27.32
C ASP D 36 -17.65 -10.49 -26.58
N GLY D 37 -17.82 -10.70 -25.27
CA GLY D 37 -16.83 -11.38 -24.44
C GLY D 37 -15.74 -10.52 -23.83
N LEU D 38 -15.53 -9.33 -24.38
CA LEU D 38 -14.37 -8.51 -24.01
C LEU D 38 -14.42 -8.03 -22.57
N ALA D 39 -15.52 -7.38 -22.21
CA ALA D 39 -15.64 -6.85 -20.86
C ALA D 39 -15.69 -7.98 -19.84
N GLU D 40 -16.40 -9.06 -20.16
CA GLU D 40 -16.44 -10.22 -19.26
C GLU D 40 -15.04 -10.81 -19.06
N GLY D 41 -14.25 -10.84 -20.14
CA GLY D 41 -12.90 -11.38 -20.07
C GLY D 41 -11.96 -10.52 -19.25
N LYS D 42 -11.98 -9.21 -19.48
CA LYS D 42 -11.14 -8.29 -18.72
C LYS D 42 -11.47 -8.35 -17.22
N ALA D 43 -12.76 -8.33 -16.93
CA ALA D 43 -13.22 -8.43 -15.53
C ALA D 43 -12.76 -9.71 -14.85
N LEU D 44 -12.86 -10.84 -15.55
CA LEU D 44 -12.54 -12.11 -14.91
C LEU D 44 -11.04 -12.19 -14.68
N ASP D 45 -10.27 -11.70 -15.66
CA ASP D 45 -8.82 -11.74 -15.58
C ASP D 45 -8.35 -10.89 -14.39
N ILE D 46 -8.99 -9.72 -14.23
CA ILE D 46 -8.69 -8.83 -13.11
C ILE D 46 -9.13 -9.47 -11.79
N LEU D 47 -10.34 -10.01 -11.76
CA LEU D 47 -10.84 -10.62 -10.54
C LEU D 47 -9.96 -11.79 -10.09
N GLU D 48 -9.47 -12.57 -11.05
CA GLU D 48 -8.72 -13.78 -10.71
C GLU D 48 -7.38 -13.48 -10.06
N GLY D 49 -6.95 -12.22 -10.10
CA GLY D 49 -5.75 -11.81 -9.37
C GLY D 49 -6.04 -11.35 -7.94
N ALA D 50 -7.32 -11.22 -7.58
CA ALA D 50 -7.70 -10.80 -6.23
C ALA D 50 -7.06 -11.56 -5.06
N PRO D 51 -6.96 -12.91 -5.16
CA PRO D 51 -6.32 -13.63 -4.05
C PRO D 51 -4.88 -13.18 -3.77
N HIS D 52 -4.11 -12.87 -4.81
CA HIS D 52 -2.73 -12.36 -4.61
C HIS D 52 -2.70 -10.89 -4.20
N TRP D 53 -3.49 -10.05 -4.87
CA TRP D 53 -3.46 -8.62 -4.61
C TRP D 53 -4.09 -8.27 -3.26
N GLY D 54 -5.21 -8.92 -2.96
CA GLY D 54 -5.90 -8.70 -1.71
C GLY D 54 -7.25 -8.00 -1.79
N TYR D 55 -7.69 -7.60 -2.97
CA TYR D 55 -8.97 -6.87 -3.05
C TYR D 55 -10.22 -7.73 -2.99
N ASP D 56 -11.04 -7.50 -1.96
CA ASP D 56 -12.32 -8.19 -1.84
C ASP D 56 -13.42 -7.36 -2.47
N LEU D 57 -13.52 -7.48 -3.79
CA LEU D 57 -14.42 -6.65 -4.59
C LEU D 57 -15.23 -7.50 -5.56
N ASP D 58 -16.39 -6.98 -5.92
CA ASP D 58 -17.23 -7.60 -6.95
C ASP D 58 -16.81 -6.95 -8.27
N ILE D 59 -16.24 -7.75 -9.18
CA ILE D 59 -15.77 -7.23 -10.48
C ILE D 59 -16.40 -8.06 -11.59
N LYS D 60 -17.19 -7.43 -12.44
CA LYS D 60 -17.97 -8.14 -13.44
C LYS D 60 -17.91 -7.38 -14.75
N GLY D 61 -18.17 -8.10 -15.85
CA GLY D 61 -18.19 -7.49 -17.17
C GLY D 61 -19.40 -7.90 -17.99
N PHE D 62 -19.85 -7.02 -18.87
CA PHE D 62 -21.09 -7.21 -19.60
C PHE D 62 -20.96 -6.72 -21.04
N CYS D 63 -21.61 -7.44 -21.95
CA CYS D 63 -21.66 -7.04 -23.36
C CYS D 63 -22.91 -6.18 -23.59
N THR D 64 -22.72 -5.01 -24.18
CA THR D 64 -23.81 -4.06 -24.35
C THR D 64 -24.38 -4.05 -25.77
N ALA D 65 -24.09 -5.09 -26.56
CA ALA D 65 -24.73 -5.27 -27.86
C ALA D 65 -26.24 -5.19 -27.67
N ASP D 66 -26.73 -5.90 -26.67
CA ASP D 66 -28.06 -5.66 -26.14
C ASP D 66 -27.92 -4.57 -25.09
N GLU D 67 -28.42 -3.37 -25.42
CA GLU D 67 -28.23 -2.19 -24.57
C GLU D 67 -28.88 -2.30 -23.20
N SER D 68 -29.78 -3.27 -23.03
CA SER D 68 -30.44 -3.47 -21.75
C SER D 68 -29.47 -3.93 -20.68
N LYS D 69 -28.31 -4.47 -21.08
CA LYS D 69 -27.27 -4.82 -20.12
C LYS D 69 -26.75 -3.59 -19.36
N TYR D 70 -26.90 -2.41 -19.94
CA TYR D 70 -26.53 -1.17 -19.25
C TYR D 70 -27.28 -0.96 -17.92
N ALA D 71 -28.35 -1.71 -17.70
CA ALA D 71 -29.08 -1.69 -16.44
C ALA D 71 -28.18 -2.06 -15.26
N GLU D 72 -27.12 -2.82 -15.54
CA GLU D 72 -26.18 -3.24 -14.51
C GLU D 72 -25.37 -2.06 -13.94
N MET D 73 -25.47 -0.89 -14.57
CA MET D 73 -24.79 0.30 -14.05
C MET D 73 -25.47 0.88 -12.82
N LYS D 74 -26.72 0.47 -12.58
CA LYS D 74 -27.52 1.06 -11.51
C LYS D 74 -26.76 1.07 -10.20
N GLY D 75 -26.79 2.21 -9.50
CA GLY D 75 -26.12 2.35 -8.23
C GLY D 75 -24.66 2.75 -8.31
N SER D 76 -24.18 3.05 -9.52
CA SER D 76 -22.80 3.46 -9.67
C SER D 76 -22.61 4.88 -9.13
N ASP D 77 -21.61 5.05 -8.28
CA ASP D 77 -21.25 6.38 -7.79
C ASP D 77 -20.57 7.15 -8.92
N VAL D 78 -19.73 6.44 -9.67
CA VAL D 78 -19.00 7.07 -10.77
C VAL D 78 -19.08 6.16 -12.01
N ILE D 79 -19.24 6.77 -13.18
CA ILE D 79 -19.12 6.06 -14.45
C ILE D 79 -17.97 6.66 -15.24
N VAL D 80 -17.05 5.81 -15.69
CA VAL D 80 -15.91 6.24 -16.50
C VAL D 80 -16.17 5.93 -17.97
N VAL D 81 -16.16 6.97 -18.80
CA VAL D 81 -16.45 6.78 -20.22
C VAL D 81 -15.16 6.73 -21.03
N THR D 82 -14.81 5.53 -21.53
CA THR D 82 -13.60 5.37 -22.32
C THR D 82 -13.90 4.87 -23.73
N ALA D 83 -15.20 4.71 -24.02
CA ALA D 83 -15.64 4.26 -25.33
C ALA D 83 -15.32 5.33 -26.37
N GLY D 84 -14.83 4.90 -27.52
CA GLY D 84 -14.48 5.83 -28.57
C GLY D 84 -13.83 5.07 -29.70
N LEU D 85 -13.17 5.79 -30.62
CA LEU D 85 -12.56 5.13 -31.77
C LEU D 85 -11.37 5.87 -32.36
N ALA D 86 -10.48 5.10 -32.99
CA ALA D 86 -9.57 5.58 -34.06
C ALA D 86 -8.36 6.47 -33.75
N ARG D 87 -7.88 7.13 -34.80
CA ARG D 87 -6.50 7.64 -34.87
C ARG D 87 -6.34 9.11 -35.30
N LYS D 88 -5.09 9.53 -35.48
CA LYS D 88 -4.76 10.94 -35.72
C LYS D 88 -4.63 11.33 -37.21
N PRO D 89 -3.69 10.71 -37.96
CA PRO D 89 -3.68 11.06 -39.39
C PRO D 89 -4.66 10.19 -40.16
N GLY D 90 -4.36 9.89 -41.42
CA GLY D 90 -5.23 9.08 -42.24
C GLY D 90 -6.61 9.69 -42.41
N MET D 91 -7.55 9.32 -41.54
CA MET D 91 -8.86 9.94 -41.53
C MET D 91 -8.79 11.26 -40.75
N SER D 92 -9.67 12.19 -41.10
CA SER D 92 -9.64 13.51 -40.48
C SER D 92 -10.03 13.41 -39.01
N ARG D 93 -9.36 14.18 -38.18
CA ARG D 93 -9.72 14.22 -36.77
C ARG D 93 -11.01 15.02 -36.55
N ASP D 94 -11.39 15.83 -37.53
CA ASP D 94 -12.67 16.49 -37.46
C ASP D 94 -13.78 15.46 -37.70
N ASP D 95 -13.51 14.53 -38.61
CA ASP D 95 -14.41 13.41 -38.86
C ASP D 95 -14.47 12.50 -37.63
N LEU D 96 -13.31 12.32 -37.02
CA LEU D 96 -13.18 11.53 -35.81
C LEU D 96 -13.96 12.15 -34.66
N LEU D 97 -13.89 13.48 -34.56
CA LEU D 97 -14.57 14.20 -33.49
C LEU D 97 -16.07 13.92 -33.58
N LEU D 98 -16.61 14.05 -34.79
CA LEU D 98 -18.04 13.82 -35.02
C LEU D 98 -18.46 12.39 -34.69
N LYS D 99 -17.65 11.41 -35.07
CA LYS D 99 -17.91 10.02 -34.73
C LYS D 99 -17.96 9.81 -33.22
N ASN D 100 -16.97 10.33 -32.51
CA ASN D 100 -16.93 10.19 -31.05
C ASN D 100 -18.05 10.95 -30.35
N ILE D 101 -18.40 12.11 -30.89
CA ILE D 101 -19.55 12.86 -30.37
C ILE D 101 -20.81 11.97 -30.42
N GLY D 102 -20.97 11.23 -31.53
CA GLY D 102 -22.10 10.34 -31.71
C GLY D 102 -22.14 9.21 -30.69
N ILE D 103 -20.97 8.64 -30.41
CA ILE D 103 -20.84 7.62 -29.37
C ILE D 103 -21.17 8.22 -28.01
N MET D 104 -20.73 9.45 -27.75
CA MET D 104 -21.06 10.10 -26.47
C MET D 104 -22.57 10.32 -26.32
N LYS D 105 -23.24 10.62 -27.43
CA LYS D 105 -24.68 10.78 -27.41
C LYS D 105 -25.38 9.49 -26.98
N SER D 106 -24.95 8.38 -27.55
CA SER D 106 -25.52 7.08 -27.19
CA SER D 106 -25.54 7.09 -27.19
C SER D 106 -25.19 6.71 -25.75
N VAL D 107 -23.93 6.91 -25.37
CA VAL D 107 -23.51 6.57 -24.01
C VAL D 107 -24.20 7.47 -22.99
N GLY D 108 -24.34 8.75 -23.30
CA GLY D 108 -25.03 9.67 -22.42
C GLY D 108 -26.49 9.33 -22.21
N GLU D 109 -27.17 8.90 -23.27
CA GLU D 109 -28.56 8.47 -23.14
C GLU D 109 -28.69 7.20 -22.29
N ALA D 110 -27.75 6.28 -22.44
CA ALA D 110 -27.76 5.05 -21.64
C ALA D 110 -27.57 5.36 -20.16
N ILE D 111 -26.71 6.33 -19.86
CA ILE D 111 -26.46 6.72 -18.48
C ILE D 111 -27.70 7.39 -17.87
N LYS D 112 -28.31 8.31 -18.61
CA LYS D 112 -29.53 8.95 -18.16
C LYS D 112 -30.61 7.90 -17.89
N LYS D 113 -30.68 6.88 -18.75
CA LYS D 113 -31.70 5.84 -18.60
C LYS D 113 -31.49 4.94 -17.39
N TYR D 114 -30.25 4.52 -17.15
CA TYR D 114 -29.94 3.44 -16.20
C TYR D 114 -29.22 3.83 -14.91
N SER D 115 -28.52 4.96 -14.91
CA SER D 115 -27.78 5.38 -13.73
C SER D 115 -27.61 6.91 -13.71
N PRO D 116 -28.75 7.64 -13.69
CA PRO D 116 -28.71 9.11 -13.82
C PRO D 116 -28.10 9.81 -12.62
N GLU D 117 -27.82 9.05 -11.55
CA GLU D 117 -27.33 9.63 -10.31
C GLU D 117 -25.80 9.65 -10.24
N SER D 118 -25.15 9.08 -11.26
CA SER D 118 -23.69 8.94 -11.22
C SER D 118 -22.96 10.24 -11.53
N LYS D 119 -21.78 10.41 -10.92
CA LYS D 119 -20.83 11.40 -11.41
C LYS D 119 -20.12 10.73 -12.57
N ILE D 120 -19.69 11.51 -13.57
CA ILE D 120 -19.13 10.94 -14.79
C ILE D 120 -17.71 11.46 -15.02
N VAL D 121 -16.76 10.56 -15.24
CA VAL D 121 -15.42 10.96 -15.67
C VAL D 121 -15.25 10.55 -17.13
N VAL D 122 -15.10 11.54 -17.99
CA VAL D 122 -15.03 11.29 -19.43
C VAL D 122 -13.58 11.27 -19.90
N VAL D 123 -13.21 10.24 -20.65
CA VAL D 123 -11.82 9.99 -21.00
C VAL D 123 -11.60 10.14 -22.49
N THR D 124 -12.59 9.76 -23.29
CA THR D 124 -12.51 9.86 -24.74
C THR D 124 -12.01 11.24 -25.21
N ASN D 125 -10.96 11.25 -26.02
CA ASN D 125 -10.30 12.48 -26.45
C ASN D 125 -10.97 13.13 -27.69
N PRO D 126 -11.05 14.47 -27.71
CA PRO D 126 -10.68 15.41 -26.64
C PRO D 126 -11.75 15.42 -25.57
N ALA D 127 -11.34 15.20 -24.32
CA ALA D 127 -12.28 14.96 -23.23
C ALA D 127 -13.08 16.18 -22.82
N ASP D 128 -12.58 17.38 -23.16
CA ASP D 128 -13.40 18.56 -22.87
C ASP D 128 -14.66 18.56 -23.74
N ILE D 129 -14.48 18.32 -25.04
CA ILE D 129 -15.60 18.29 -25.97
C ILE D 129 -16.49 17.07 -25.71
N MET D 130 -15.86 15.94 -25.41
CA MET D 130 -16.63 14.73 -25.15
C MET D 130 -17.44 14.83 -23.83
N ALA D 131 -16.87 15.50 -22.82
CA ALA D 131 -17.65 15.80 -21.60
C ALA D 131 -18.84 16.67 -21.95
N TYR D 132 -18.60 17.65 -22.82
CA TYR D 132 -19.67 18.52 -23.28
C TYR D 132 -20.78 17.72 -23.96
N ALA D 133 -20.40 16.75 -24.78
CA ALA D 133 -21.39 15.90 -25.45
C ALA D 133 -22.16 15.02 -24.46
N ILE D 134 -21.45 14.46 -23.48
CA ILE D 134 -22.09 13.67 -22.42
C ILE D 134 -23.12 14.52 -21.67
N TYR D 135 -22.73 15.73 -21.33
CA TYR D 135 -23.63 16.70 -20.72
C TYR D 135 -24.87 16.95 -21.57
N LYS D 136 -24.69 17.22 -22.86
CA LYS D 136 -25.83 17.49 -23.73
C LYS D 136 -26.74 16.27 -23.86
N ALA D 137 -26.17 15.07 -23.85
CA ALA D 137 -26.95 13.87 -24.08
C ALA D 137 -27.59 13.33 -22.82
N SER D 138 -26.91 13.49 -21.68
CA SER D 138 -27.36 12.87 -20.44
C SER D 138 -28.29 13.75 -19.60
N GLY D 139 -28.22 15.07 -19.78
CA GLY D 139 -28.96 15.98 -18.93
C GLY D 139 -28.46 16.05 -17.48
N ILE D 140 -27.36 15.38 -17.20
CA ILE D 140 -26.77 15.37 -15.85
C ILE D 140 -26.30 16.77 -15.44
N SER D 141 -26.57 17.19 -14.21
CA SER D 141 -26.12 18.52 -13.76
C SER D 141 -24.61 18.65 -13.97
N PRO D 142 -24.17 19.77 -14.59
CA PRO D 142 -22.85 19.77 -15.23
C PRO D 142 -21.66 19.66 -14.27
N GLU D 143 -21.84 20.05 -13.01
CA GLU D 143 -20.77 19.93 -12.04
C GLU D 143 -20.43 18.46 -11.72
N ARG D 144 -21.30 17.56 -12.16
CA ARG D 144 -21.12 16.12 -11.89
C ARG D 144 -20.39 15.38 -13.01
N ILE D 145 -19.90 16.14 -13.99
CA ILE D 145 -19.17 15.58 -15.13
C ILE D 145 -17.79 16.27 -15.22
N ILE D 146 -16.73 15.47 -15.29
CA ILE D 146 -15.39 16.03 -15.50
C ILE D 146 -14.67 15.25 -16.58
N GLY D 147 -13.74 15.90 -17.27
CA GLY D 147 -12.97 15.24 -18.32
C GLY D 147 -11.50 15.10 -17.97
N LEU D 148 -10.91 13.96 -18.34
CA LEU D 148 -9.47 13.76 -18.21
C LEU D 148 -8.70 14.74 -19.08
N GLY D 149 -7.75 15.41 -18.48
CA GLY D 149 -6.86 16.24 -19.27
C GLY D 149 -5.60 16.48 -18.47
N GLY D 150 -5.69 17.42 -17.53
CA GLY D 150 -4.56 17.84 -16.74
C GLY D 150 -3.88 16.77 -15.91
N SER D 151 -4.64 15.78 -15.45
CA SER D 151 -4.05 14.74 -14.62
C SER D 151 -2.97 13.99 -15.39
N LEU D 152 -3.25 13.73 -16.67
CA LEU D 152 -2.31 13.01 -17.54
C LEU D 152 -1.16 13.90 -18.00
N ASP D 153 -1.45 15.12 -18.45
CA ASP D 153 -0.35 16.03 -18.83
C ASP D 153 0.59 16.35 -17.67
N SER D 154 0.03 16.54 -16.47
CA SER D 154 0.85 16.88 -15.32
CA SER D 154 0.83 16.86 -15.30
C SER D 154 1.75 15.70 -14.91
N THR D 155 1.24 14.48 -15.01
CA THR D 155 2.06 13.34 -14.61
C THR D 155 3.24 13.15 -15.59
N ARG D 156 3.01 13.40 -16.89
CA ARG D 156 4.10 13.33 -17.86
C ARG D 156 5.14 14.44 -17.58
N PHE D 157 4.64 15.66 -17.41
CA PHE D 157 5.48 16.84 -17.15
C PHE D 157 6.32 16.58 -15.88
N ARG D 158 5.69 16.06 -14.82
CA ARG D 158 6.41 15.71 -13.59
C ARG D 158 7.49 14.66 -13.80
N THR D 159 7.16 13.64 -14.59
CA THR D 159 8.12 12.57 -14.90
C THR D 159 9.36 13.14 -15.57
N PHE D 160 9.16 13.99 -16.58
CA PHE D 160 10.27 14.54 -17.33
C PHE D 160 11.15 15.42 -16.43
N LEU D 161 10.50 16.26 -15.64
CA LEU D 161 11.23 17.13 -14.72
C LEU D 161 12.03 16.32 -13.69
N ALA D 162 11.41 15.30 -13.12
CA ALA D 162 12.07 14.52 -12.07
C ALA D 162 13.31 13.79 -12.59
N GLN D 163 13.22 13.26 -13.80
CA GLN D 163 14.35 12.61 -14.45
C GLN D 163 15.46 13.60 -14.73
N GLU D 164 15.09 14.78 -15.22
CA GLU D 164 16.09 15.77 -15.57
C GLU D 164 16.87 16.20 -14.33
N LEU D 165 16.16 16.37 -13.22
CA LEU D 165 16.75 16.91 -11.99
C LEU D 165 17.21 15.83 -11.02
N ASN D 166 16.93 14.57 -11.37
CA ASN D 166 17.25 13.41 -10.53
C ASN D 166 16.70 13.59 -9.11
N VAL D 167 15.38 13.77 -9.02
CA VAL D 167 14.68 13.91 -7.76
C VAL D 167 13.44 13.02 -7.77
N SER D 168 12.90 12.77 -6.58
CA SER D 168 11.70 11.96 -6.41
C SER D 168 10.53 12.51 -7.21
N PHE D 169 9.76 11.60 -7.83
CA PHE D 169 8.55 12.02 -8.53
C PHE D 169 7.54 12.65 -7.60
N GLU D 170 7.61 12.29 -6.31
CA GLU D 170 6.66 12.80 -5.33
CA GLU D 170 6.68 12.79 -5.32
C GLU D 170 6.83 14.29 -5.07
N ASP D 171 8.03 14.81 -5.27
CA ASP D 171 8.32 16.19 -4.90
C ASP D 171 8.31 17.16 -6.06
N VAL D 172 8.04 16.66 -7.27
CA VAL D 172 7.89 17.53 -8.43
C VAL D 172 6.43 17.91 -8.59
N ASN D 173 6.20 19.21 -8.84
CA ASN D 173 4.86 19.70 -9.14
C ASN D 173 4.90 20.44 -10.48
N ALA D 174 4.00 20.07 -11.38
CA ALA D 174 3.99 20.68 -12.70
C ALA D 174 2.58 21.15 -13.01
N PHE D 175 2.46 22.45 -13.26
CA PHE D 175 1.16 23.10 -13.38
C PHE D 175 0.73 23.24 -14.84
N VAL D 176 -0.37 22.60 -15.21
CA VAL D 176 -0.92 22.81 -16.55
C VAL D 176 -2.42 23.01 -16.48
N ILE D 177 -2.94 23.79 -17.42
CA ILE D 177 -4.38 23.87 -17.61
C ILE D 177 -4.64 23.78 -19.10
N GLY D 178 -5.91 23.82 -19.50
CA GLY D 178 -6.25 23.77 -20.92
C GLY D 178 -6.28 22.34 -21.44
N GLY D 179 -6.05 22.18 -22.74
CA GLY D 179 -6.17 20.88 -23.39
C GLY D 179 -4.83 20.20 -23.54
N HIS D 180 -4.73 19.33 -24.55
CA HIS D 180 -3.49 18.64 -24.88
C HIS D 180 -2.80 19.36 -26.03
N GLY D 181 -1.57 18.96 -26.33
CA GLY D 181 -0.87 19.50 -27.47
C GLY D 181 -0.72 21.01 -27.44
N ASP D 182 -1.02 21.65 -28.55
CA ASP D 182 -0.89 23.10 -28.62
C ASP D 182 -1.91 23.79 -27.71
N ASP D 183 -2.92 23.04 -27.26
CA ASP D 183 -3.98 23.63 -26.43
C ASP D 183 -3.61 23.62 -24.97
N MET D 184 -2.48 22.99 -24.64
CA MET D 184 -2.03 22.95 -23.25
C MET D 184 -1.39 24.29 -22.86
N VAL D 185 -1.65 24.72 -21.63
CA VAL D 185 -1.06 25.96 -21.13
C VAL D 185 -0.35 25.70 -19.81
N PRO D 186 0.98 25.57 -19.85
CA PRO D 186 1.75 25.38 -18.61
C PRO D 186 1.89 26.72 -17.88
N PHE D 187 1.96 26.67 -16.55
CA PHE D 187 2.39 27.81 -15.76
C PHE D 187 3.74 27.43 -15.17
N ILE D 188 4.80 27.83 -15.85
CA ILE D 188 6.14 27.50 -15.39
C ILE D 188 6.39 28.05 -13.99
N ARG D 189 5.87 29.25 -13.72
CA ARG D 189 6.07 29.86 -12.41
C ARG D 189 5.40 29.10 -11.28
N TYR D 190 4.41 28.27 -11.59
CA TYR D 190 3.74 27.48 -10.56
C TYR D 190 4.28 26.05 -10.51
N SER D 191 5.36 25.80 -11.25
CA SER D 191 5.96 24.49 -11.27
C SER D 191 7.25 24.53 -10.46
N ASN D 192 7.47 23.49 -9.66
CA ASN D 192 8.51 23.55 -8.66
C ASN D 192 8.92 22.17 -8.20
N VAL D 193 10.05 22.12 -7.47
CA VAL D 193 10.47 20.91 -6.77
C VAL D 193 10.45 21.24 -5.28
N SER D 194 9.52 20.62 -4.55
CA SER D 194 9.32 20.91 -3.12
C SER D 194 9.22 22.42 -2.83
N GLY D 195 8.54 23.12 -3.73
CA GLY D 195 8.35 24.56 -3.57
C GLY D 195 9.39 25.42 -4.27
N ILE D 196 10.53 24.84 -4.63
CA ILE D 196 11.59 25.62 -5.29
C ILE D 196 11.25 25.74 -6.77
N PRO D 197 11.09 26.95 -7.29
CA PRO D 197 10.62 27.08 -8.68
C PRO D 197 11.56 26.38 -9.66
N ILE D 198 11.01 25.69 -10.65
CA ILE D 198 11.86 25.04 -11.63
C ILE D 198 12.76 26.01 -12.40
N GLU D 199 12.34 27.27 -12.54
CA GLU D 199 13.20 28.28 -13.16
C GLU D 199 14.49 28.51 -12.37
N ASP D 200 14.48 28.18 -11.08
CA ASP D 200 15.69 28.33 -10.26
C ASP D 200 16.60 27.12 -10.38
N LEU D 201 16.09 26.05 -11.00
CA LEU D 201 16.78 24.75 -11.05
C LEU D 201 17.25 24.29 -12.44
N LEU D 202 16.59 24.75 -13.50
CA LEU D 202 16.90 24.31 -14.85
C LEU D 202 17.03 25.50 -15.78
N PRO D 203 17.91 25.41 -16.78
CA PRO D 203 18.00 26.46 -17.80
C PRO D 203 16.68 26.54 -18.55
N ARG D 204 16.30 27.72 -19.02
CA ARG D 204 15.03 27.92 -19.71
C ARG D 204 14.89 27.03 -20.94
N GLU D 205 16.01 26.82 -21.64
CA GLU D 205 16.02 25.99 -22.84
C GLU D 205 15.59 24.56 -22.52
N LYS D 206 15.98 24.08 -21.36
CA LYS D 206 15.64 22.73 -20.93
CA LYS D 206 15.62 22.72 -20.97
C LYS D 206 14.16 22.64 -20.55
N ILE D 207 13.68 23.64 -19.81
CA ILE D 207 12.28 23.71 -19.43
C ILE D 207 11.42 23.74 -20.70
N ASP D 208 11.84 24.53 -21.68
CA ASP D 208 11.08 24.61 -22.93
C ASP D 208 10.98 23.25 -23.66
N GLU D 209 12.08 22.50 -23.66
CA GLU D 209 12.08 21.17 -24.29
C GLU D 209 11.12 20.23 -23.55
N ILE D 210 11.15 20.33 -22.24
CA ILE D 210 10.26 19.51 -21.41
C ILE D 210 8.78 19.86 -21.60
N VAL D 211 8.49 21.15 -21.76
CA VAL D 211 7.13 21.57 -22.04
C VAL D 211 6.68 21.01 -23.39
N LYS D 212 7.56 21.07 -24.38
CA LYS D 212 7.22 20.59 -25.72
C LYS D 212 7.00 19.06 -25.69
N ARG D 213 7.84 18.36 -24.93
CA ARG D 213 7.69 16.92 -24.81
C ARG D 213 6.36 16.57 -24.15
N THR D 214 5.92 17.37 -23.17
CA THR D 214 4.64 17.16 -22.53
C THR D 214 3.47 17.40 -23.49
N ARG D 215 3.56 18.47 -24.29
CA ARG D 215 2.53 18.78 -25.26
C ARG D 215 2.31 17.59 -26.18
N PHE D 216 3.39 16.92 -26.55
CA PHE D 216 3.28 15.87 -27.52
C PHE D 216 3.61 14.50 -26.93
N GLY D 217 3.38 14.40 -25.63
CA GLY D 217 3.65 13.18 -24.88
C GLY D 217 2.83 11.98 -25.33
N GLY D 218 1.58 12.22 -25.74
CA GLY D 218 0.75 11.14 -26.24
C GLY D 218 1.31 10.59 -27.55
N GLY D 219 1.71 11.49 -28.44
CA GLY D 219 2.31 11.10 -29.70
C GLY D 219 3.62 10.35 -29.55
N GLU D 220 4.37 10.68 -28.50
CA GLU D 220 5.63 9.98 -28.21
C GLU D 220 5.38 8.48 -27.96
N ILE D 221 4.31 8.18 -27.22
CA ILE D 221 3.94 6.79 -26.94
C ILE D 221 3.42 6.07 -28.20
N VAL D 222 2.59 6.75 -28.97
CA VAL D 222 2.11 6.19 -30.24
C VAL D 222 3.29 5.82 -31.14
N ASN D 223 4.31 6.66 -31.16
CA ASN D 223 5.48 6.42 -32.02
C ASN D 223 6.19 5.13 -31.62
N LEU D 224 6.16 4.81 -30.33
CA LEU D 224 6.81 3.61 -29.80
C LEU D 224 5.94 2.34 -29.95
N TYR D 225 4.66 2.47 -29.64
CA TYR D 225 3.72 1.35 -29.75
C TYR D 225 3.38 0.99 -31.20
N LYS D 226 3.45 2.01 -32.07
CA LYS D 226 3.16 1.86 -33.50
C LYS D 226 1.67 1.67 -33.80
N THR D 227 1.04 0.72 -33.13
CA THR D 227 -0.33 0.35 -33.45
C THR D 227 -1.33 0.64 -32.34
N GLY D 228 -0.92 1.39 -31.32
CA GLY D 228 -1.83 1.74 -30.24
C GLY D 228 -1.38 3.01 -29.54
N SER D 229 -2.12 3.40 -28.50
CA SER D 229 -1.76 4.59 -27.74
C SER D 229 -1.56 4.27 -26.26
N ALA D 230 -1.18 5.28 -25.49
CA ALA D 230 -0.83 5.12 -24.08
C ALA D 230 -2.00 4.62 -23.26
N PHE D 231 -1.73 3.82 -22.24
CA PHE D 231 -2.81 3.35 -21.39
C PHE D 231 -2.41 3.21 -19.91
N TYR D 232 -1.15 2.92 -19.61
CA TYR D 232 -0.75 2.81 -18.20
C TYR D 232 -0.82 4.15 -17.46
N ALA D 233 -0.15 5.19 -17.99
CA ALA D 233 -0.21 6.49 -17.32
C ALA D 233 -1.64 7.09 -17.37
N PRO D 234 -2.34 6.97 -18.53
CA PRO D 234 -3.74 7.44 -18.49
C PRO D 234 -4.56 6.71 -17.43
N GLY D 235 -4.38 5.40 -17.31
CA GLY D 235 -5.14 4.60 -16.37
C GLY D 235 -5.05 5.11 -14.95
N ILE D 236 -3.83 5.32 -14.45
CA ILE D 236 -3.71 5.86 -13.09
C ILE D 236 -4.17 7.34 -13.00
N SER D 237 -3.94 8.11 -14.06
CA SER D 237 -4.36 9.54 -14.06
C SER D 237 -5.88 9.65 -13.94
N ILE D 238 -6.59 8.70 -14.55
CA ILE D 238 -8.04 8.64 -14.46
C ILE D 238 -8.45 8.16 -13.07
N ALA D 239 -7.79 7.13 -12.58
CA ALA D 239 -8.15 6.55 -11.30
C ALA D 239 -8.02 7.55 -10.13
N VAL D 240 -7.01 8.41 -10.15
CA VAL D 240 -6.90 9.38 -9.07
C VAL D 240 -8.08 10.36 -9.06
N MET D 241 -8.63 10.65 -10.24
CA MET D 241 -9.82 11.51 -10.32
C MET D 241 -11.05 10.76 -9.78
N VAL D 242 -11.25 9.54 -10.25
CA VAL D 242 -12.36 8.71 -9.80
C VAL D 242 -12.37 8.52 -8.28
N GLU D 243 -11.22 8.16 -7.72
CA GLU D 243 -11.18 7.88 -6.30
C GLU D 243 -11.37 9.15 -5.47
N SER D 244 -10.98 10.32 -6.01
CA SER D 244 -11.28 11.57 -5.30
C SER D 244 -12.79 11.80 -5.15
N ILE D 245 -13.56 11.40 -6.16
CA ILE D 245 -15.01 11.46 -6.06
C ILE D 245 -15.53 10.41 -5.10
N VAL D 246 -15.17 9.15 -5.34
CA VAL D 246 -15.70 8.05 -4.54
C VAL D 246 -15.38 8.20 -3.05
N ASN D 247 -14.13 8.54 -2.76
CA ASN D 247 -13.70 8.68 -1.38
C ASN D 247 -13.66 10.13 -0.88
N ASP D 248 -14.25 11.04 -1.66
CA ASP D 248 -14.40 12.44 -1.25
C ASP D 248 -13.06 13.05 -0.77
N ARG D 249 -12.00 12.84 -1.55
CA ARG D 249 -10.65 13.25 -1.16
C ARG D 249 -10.38 14.76 -1.25
N LYS D 250 -11.11 15.44 -2.12
CA LYS D 250 -10.90 16.87 -2.40
C LYS D 250 -9.52 17.12 -3.01
N ARG D 251 -9.09 16.22 -3.90
CA ARG D 251 -7.91 16.48 -4.71
C ARG D 251 -8.11 17.76 -5.52
N VAL D 252 -7.02 18.48 -5.74
CA VAL D 252 -7.06 19.63 -6.62
C VAL D 252 -6.23 19.33 -7.84
N ILE D 253 -6.91 19.12 -8.96
CA ILE D 253 -6.27 18.63 -10.18
C ILE D 253 -6.93 19.31 -11.36
N PRO D 254 -6.14 19.74 -12.36
CA PRO D 254 -6.80 20.34 -13.53
C PRO D 254 -7.55 19.27 -14.32
N CYS D 255 -8.82 19.56 -14.61
CA CYS D 255 -9.68 18.66 -15.38
C CYS D 255 -10.59 19.52 -16.24
N ALA D 256 -11.16 18.93 -17.27
CA ALA D 256 -12.15 19.65 -18.05
C ALA D 256 -13.40 19.79 -17.21
N ALA D 257 -13.86 21.02 -17.03
CA ALA D 257 -15.05 21.30 -16.22
C ALA D 257 -15.90 22.37 -16.86
N TYR D 258 -17.16 22.38 -16.49
CA TYR D 258 -18.15 23.28 -17.07
C TYR D 258 -17.94 24.65 -16.45
N ILE D 259 -17.79 25.65 -17.32
CA ILE D 259 -17.41 27.00 -16.90
C ILE D 259 -18.62 27.91 -17.07
N THR D 260 -19.07 28.52 -15.98
CA THR D 260 -20.24 29.40 -16.06
C THR D 260 -20.12 30.50 -15.01
N GLY D 261 -21.07 31.42 -14.99
CA GLY D 261 -21.12 32.46 -13.97
C GLY D 261 -19.85 33.29 -13.89
N GLU D 262 -19.40 33.55 -12.67
CA GLU D 262 -18.23 34.40 -12.44
C GLU D 262 -16.96 33.78 -13.05
N HIS D 263 -16.93 32.46 -13.18
CA HIS D 263 -15.75 31.80 -13.73
C HIS D 263 -15.52 32.15 -15.20
N SER D 264 -16.60 32.48 -15.90
CA SER D 264 -16.51 32.84 -17.30
C SER D 264 -15.74 34.14 -17.49
N LYS D 265 -15.75 34.98 -16.46
CA LYS D 265 -15.03 36.25 -16.51
C LYS D 265 -13.53 36.04 -16.46
N THR D 266 -13.11 34.97 -15.78
CA THR D 266 -11.69 34.63 -15.72
C THR D 266 -11.27 33.84 -16.94
N TYR D 267 -12.08 32.85 -17.30
CA TYR D 267 -11.65 31.88 -18.31
C TYR D 267 -12.16 32.15 -19.73
N LEU D 268 -12.97 33.19 -19.88
CA LEU D 268 -13.37 33.70 -21.20
C LEU D 268 -14.15 32.71 -22.05
N VAL D 269 -14.76 31.71 -21.41
CA VAL D 269 -15.69 30.83 -22.10
C VAL D 269 -16.92 30.72 -21.22
N ASN D 270 -18.06 30.46 -21.85
CA ASN D 270 -19.28 30.34 -21.09
C ASN D 270 -20.06 29.13 -21.53
N ASN D 271 -20.48 28.32 -20.56
CA ASN D 271 -21.32 27.16 -20.82
C ASN D 271 -20.64 26.14 -21.73
N LEU D 272 -19.33 25.98 -21.53
CA LEU D 272 -18.52 24.98 -22.23
C LEU D 272 -17.64 24.28 -21.20
N PHE D 273 -17.10 23.11 -21.56
CA PHE D 273 -16.08 22.45 -20.72
C PHE D 273 -14.67 22.83 -21.20
N ILE D 274 -13.77 23.05 -20.27
CA ILE D 274 -12.38 23.36 -20.61
C ILE D 274 -11.50 23.07 -19.38
N GLY D 275 -10.23 22.74 -19.58
CA GLY D 275 -9.40 22.29 -18.47
C GLY D 275 -8.96 23.39 -17.53
N VAL D 276 -9.40 23.30 -16.26
CA VAL D 276 -9.10 24.32 -15.24
C VAL D 276 -8.85 23.60 -13.90
N PRO D 277 -8.17 24.27 -12.94
CA PRO D 277 -7.95 23.59 -11.65
C PRO D 277 -9.27 23.46 -10.88
N ILE D 278 -9.59 22.24 -10.46
CA ILE D 278 -10.82 22.01 -9.73
C ILE D 278 -10.56 21.19 -8.46
N LYS D 279 -11.39 21.41 -7.45
CA LYS D 279 -11.43 20.52 -6.28
C LYS D 279 -12.45 19.43 -6.57
N ILE D 280 -12.04 18.17 -6.43
CA ILE D 280 -12.87 17.03 -6.83
C ILE D 280 -13.38 16.33 -5.59
N GLY D 281 -14.71 16.25 -5.43
CA GLY D 281 -15.26 15.65 -4.24
C GLY D 281 -16.45 14.76 -4.54
N LYS D 282 -17.16 14.35 -3.50
CA LYS D 282 -18.30 13.44 -3.68
C LYS D 282 -19.40 14.04 -4.55
N ASN D 283 -19.41 15.36 -4.70
CA ASN D 283 -20.44 16.01 -5.52
C ASN D 283 -19.97 16.31 -6.95
N GLY D 284 -18.74 15.90 -7.26
CA GLY D 284 -18.16 16.21 -8.56
C GLY D 284 -17.24 17.40 -8.39
N VAL D 285 -17.46 18.44 -9.22
CA VAL D 285 -16.66 19.66 -9.10
C VAL D 285 -17.13 20.46 -7.91
N GLU D 286 -16.29 20.61 -6.90
CA GLU D 286 -16.71 21.32 -5.70
C GLU D 286 -16.19 22.75 -5.63
N LYS D 287 -15.21 23.05 -6.48
CA LYS D 287 -14.71 24.40 -6.61
C LYS D 287 -13.93 24.50 -7.91
N ILE D 288 -14.09 25.61 -8.60
CA ILE D 288 -13.19 25.98 -9.68
C ILE D 288 -12.31 27.11 -9.17
N TYR D 289 -11.00 26.92 -9.23
CA TYR D 289 -10.10 27.99 -8.85
C TYR D 289 -9.89 28.96 -10.00
N ASP D 290 -10.08 30.24 -9.73
CA ASP D 290 -9.88 31.28 -10.74
C ASP D 290 -8.46 31.82 -10.68
N LEU D 291 -7.67 31.56 -11.70
CA LEU D 291 -6.27 31.99 -11.73
C LEU D 291 -6.12 33.41 -12.25
N LYS D 292 -5.03 34.05 -11.87
CA LYS D 292 -4.67 35.35 -12.44
C LYS D 292 -3.57 35.14 -13.48
N PHE D 293 -3.92 35.32 -14.75
CA PHE D 293 -2.98 35.10 -15.85
C PHE D 293 -2.03 36.27 -16.00
N ASN D 294 -0.75 36.00 -16.24
CA ASN D 294 0.13 37.06 -16.73
C ASN D 294 -0.11 37.19 -18.23
N GLU D 295 0.49 38.18 -18.88
CA GLU D 295 0.22 38.46 -20.29
CA GLU D 295 0.16 38.44 -20.28
C GLU D 295 0.47 37.23 -21.17
N ASP D 296 1.58 36.55 -20.92
CA ASP D 296 1.94 35.39 -21.75
C ASP D 296 0.96 34.22 -21.58
N GLU D 297 0.60 33.94 -20.33
CA GLU D 297 -0.39 32.90 -20.04
C GLU D 297 -1.72 33.22 -20.69
N LEU D 298 -2.14 34.48 -20.59
CA LEU D 298 -3.41 34.92 -21.15
C LEU D 298 -3.45 34.77 -22.67
N GLU D 299 -2.34 35.08 -23.32
CA GLU D 299 -2.25 34.96 -24.77
C GLU D 299 -2.32 33.48 -25.18
N ALA D 300 -1.66 32.61 -24.44
CA ALA D 300 -1.73 31.17 -24.71
C ALA D 300 -3.14 30.64 -24.45
N TRP D 301 -3.76 31.13 -23.38
CA TRP D 301 -5.11 30.69 -23.04
C TRP D 301 -6.15 31.06 -24.12
N LYS D 302 -6.01 32.25 -24.71
CA LYS D 302 -6.96 32.67 -25.74
C LYS D 302 -6.95 31.70 -26.93
N LYS D 303 -5.76 31.25 -27.31
CA LYS D 303 -5.63 30.24 -28.36
C LYS D 303 -6.34 28.93 -28.00
N SER D 304 -6.11 28.43 -26.79
CA SER D 304 -6.73 27.18 -26.36
CA SER D 304 -6.73 27.18 -26.37
C SER D 304 -8.25 27.32 -26.33
N VAL D 305 -8.72 28.49 -25.94
CA VAL D 305 -10.14 28.77 -25.85
C VAL D 305 -10.80 28.74 -27.23
N GLU D 306 -10.07 29.24 -28.23
CA GLU D 306 -10.64 29.35 -29.57
C GLU D 306 -10.87 27.96 -30.16
N SER D 307 -9.93 27.06 -29.88
CA SER D 307 -10.04 25.68 -30.30
C SER D 307 -11.22 24.97 -29.64
N VAL D 308 -11.40 25.21 -28.34
CA VAL D 308 -12.53 24.61 -27.63
C VAL D 308 -13.88 25.18 -28.07
N LYS D 309 -13.93 26.49 -28.31
CA LYS D 309 -15.17 27.10 -28.79
C LYS D 309 -15.56 26.55 -30.14
N LYS D 310 -14.58 26.38 -31.03
CA LYS D 310 -14.85 25.86 -32.37
C LYS D 310 -15.42 24.44 -32.29
N ASN D 311 -14.75 23.58 -31.53
CA ASN D 311 -15.18 22.17 -31.44
C ASN D 311 -16.49 21.99 -30.70
N SER D 312 -16.74 22.84 -29.70
CA SER D 312 -18.01 22.79 -28.98
C SER D 312 -19.17 23.22 -29.89
N ALA D 313 -18.90 24.14 -30.82
CA ALA D 313 -19.93 24.56 -31.78
C ALA D 313 -20.25 23.42 -32.73
N ILE D 314 -19.24 22.66 -33.11
CA ILE D 314 -19.43 21.47 -33.93
C ILE D 314 -20.28 20.43 -33.21
N ALA D 315 -20.04 20.25 -31.92
CA ALA D 315 -20.85 19.37 -31.10
C ALA D 315 -22.29 19.86 -31.03
N ASP D 316 -22.47 21.17 -30.84
CA ASP D 316 -23.81 21.77 -30.85
C ASP D 316 -24.54 21.49 -32.16
N ASP D 317 -23.85 21.69 -33.27
CA ASP D 317 -24.43 21.49 -34.59
C ASP D 317 -24.85 20.03 -34.74
N TYR D 318 -24.00 19.12 -34.26
CA TYR D 318 -24.32 17.70 -34.32
C TYR D 318 -25.60 17.37 -33.56
N PHE D 319 -25.73 17.89 -32.35
CA PHE D 319 -26.93 17.61 -31.55
C PHE D 319 -28.18 18.22 -32.17
N ALA D 320 -28.05 19.45 -32.65
CA ALA D 320 -29.15 20.12 -33.34
C ALA D 320 -29.63 19.32 -34.55
N LYS D 321 -28.71 18.68 -35.26
CA LYS D 321 -29.04 17.94 -36.48
C LYS D 321 -29.61 16.54 -36.24
N ASN D 322 -29.52 16.05 -35.00
CA ASN D 322 -29.95 14.69 -34.70
C ASN D 322 -30.91 14.59 -33.52
N GLN D 323 -31.69 15.64 -33.28
CA GLN D 323 -32.56 15.67 -32.10
C GLN D 323 -33.88 14.92 -32.30
C1 PEG E . 6.60 10.27 25.45
O1 PEG E . 7.39 11.40 25.39
C2 PEG E . 5.64 9.98 24.34
O2 PEG E . 4.30 10.28 24.44
C3 PEG E . 3.51 9.65 25.37
C4 PEG E . 2.20 10.25 25.74
O4 PEG E . 1.08 9.45 25.79
C1 PEG F . -1.41 1.61 3.10
O1 PEG F . -1.99 1.65 1.85
C2 PEG F . -0.58 0.45 3.50
O2 PEG F . 0.76 0.44 3.20
C3 PEG F . 1.46 -0.74 3.31
C4 PEG F . 2.76 -0.89 2.60
O4 PEG F . 2.84 -1.70 1.48
C1 CIT G . -14.72 22.56 21.46
O1 CIT G . -14.69 23.80 21.23
O2 CIT G . -15.82 21.98 21.64
C2 CIT G . -13.45 21.78 21.51
C3 CIT G . -13.38 20.46 20.83
O7 CIT G . -13.41 20.63 19.46
C4 CIT G . -12.11 19.78 21.19
C5 CIT G . -11.91 18.41 20.66
O3 CIT G . -12.44 17.46 21.28
O4 CIT G . -11.24 18.20 19.61
C6 CIT G . -14.53 19.59 21.23
O5 CIT G . -14.66 19.22 22.43
O6 CIT G . -15.37 19.23 20.37
C1 PEG H . 5.19 0.29 27.12
O1 PEG H . 6.04 0.65 28.13
C2 PEG H . 3.95 -0.45 27.43
O2 PEG H . 2.71 0.15 27.40
C3 PEG H . 1.61 -0.61 27.08
C4 PEG H . 0.23 -0.12 27.36
O4 PEG H . -0.57 -0.80 28.26
C1 PEG I . 2.30 4.89 25.86
O1 PEG I . 2.75 3.60 25.71
C2 PEG I . 2.19 5.77 24.66
O2 PEG I . 1.40 5.37 23.61
C3 PEG I . 1.81 4.35 22.77
C4 PEG I . 3.26 4.17 22.42
O4 PEG I . 4.14 3.74 23.38
C1 PEG J . 12.15 -26.99 13.49
O1 PEG J . 13.28 -26.67 14.19
C2 PEG J . 12.23 -27.28 12.03
O2 PEG J . 12.74 -28.48 11.60
C3 PEG J . 12.03 -29.65 11.74
C4 PEG J . 11.96 -30.33 13.06
O4 PEG J . 12.98 -31.17 13.47
C1 PEG K . -6.79 38.00 -0.88
O1 PEG K . -5.95 39.05 -0.58
C2 PEG K . -6.62 36.73 -0.12
O2 PEG K . -7.29 35.61 -0.54
C3 PEG K . -8.64 35.49 -0.27
C4 PEG K . -9.47 34.64 -1.15
O4 PEG K . -10.82 34.61 -0.95
O1 PG6 L . -0.65 -37.92 4.03
C2 PG6 L . -0.05 -38.62 5.07
C3 PG6 L . 0.46 -37.89 6.27
O2 PG6 L . -0.44 -37.14 6.99
C4 PG6 L . -0.06 -36.47 8.13
C5 PG6 L . -0.57 -35.09 8.42
O3 PG6 L . -1.92 -34.85 8.50
C6 PG6 L . -2.58 -34.34 7.41
C7 PG6 L . -3.22 -35.23 6.41
O4 PG6 L . -2.50 -35.73 5.34
C1 PEG M . -2.06 -12.46 -25.71
O1 PEG M . -1.11 -12.70 -26.67
C2 PEG M . -2.16 -11.11 -25.09
O2 PEG M . -3.33 -10.66 -24.55
C3 PEG M . -4.31 -10.15 -25.37
C4 PEG M . -5.55 -9.59 -24.78
O4 PEG M . -6.63 -9.32 -25.59
C1 PEG N . 0.96 -0.18 -3.46
O1 PEG N . 2.10 -0.31 -2.71
C2 PEG N . -0.13 -1.18 -3.33
O2 PEG N . -1.45 -0.77 -3.29
C3 PEG N . -2.21 -1.10 -2.20
C4 PEG N . -3.67 -0.79 -2.19
O4 PEG N . -4.24 -0.23 -1.07
C1 PEG O . -3.59 -4.04 -22.47
O1 PEG O . -4.54 -4.73 -23.19
C2 PEG O . -2.19 -4.58 -22.36
O2 PEG O . -1.47 -4.94 -23.47
C3 PEG O . -0.96 -4.00 -24.34
C4 PEG O . -1.76 -3.58 -25.52
O4 PEG O . -3.13 -3.61 -25.43
C1 PEG P . -4.67 0.80 -27.81
O1 PEG P . -5.24 1.90 -28.39
C2 PEG P . -3.32 0.91 -27.19
O2 PEG P . -2.56 -0.19 -26.92
C3 PEG P . -1.69 -0.68 -27.87
C4 PEG P . -0.33 -1.15 -27.45
O4 PEG P . 0.30 -2.12 -28.19
C1 PEG Q . 19.77 27.09 -13.17
O1 PEG Q . 20.84 26.29 -12.88
C2 PEG Q . 19.90 28.15 -14.21
O2 PEG Q . 18.97 29.14 -14.28
C3 PEG Q . 19.36 30.41 -14.62
C4 PEG Q . 18.79 31.05 -15.84
O4 PEG Q . 17.45 30.93 -16.09
#